data_3S9Y
#
_entry.id   3S9Y
#
_cell.length_a   85.592
_cell.length_b   82.905
_cell.length_c   91.730
_cell.angle_alpha   90.00
_cell.angle_beta   90.93
_cell.angle_gamma   90.00
#
_symmetry.space_group_name_H-M   'P 1 21 1'
#
loop_
_entity.id
_entity.type
_entity.pdbx_description
1 polymer "Orotidine 5'-phosphate decarboxylase"
2 non-polymer "6-amino-5-fluorouridine 5'-(dihydrogen phosphate)"
3 non-polymer 'SULFATE ION'
4 non-polymer 'TRIETHYLENE GLYCOL'
5 non-polymer DI(HYDROXYETHYL)ETHER
6 non-polymer 'HEXAETHYLENE GLYCOL'
7 water water
#
_entity_poly.entity_id   1
_entity_poly.type   'polypeptide(L)'
_entity_poly.pdbx_seq_one_letter_code
;MGSSHHHHHHSSGLVPRGSMGFKVKLEKRRNAINTCLCIGLDPDEKDIENFMKNEKENNYNNIKKNLKEKYINNVSIKKD
ILLKAPDNIIREEKSEEFFYFFNHFCFYIINETNKYALTFKMNFAFYIPYGSVGIDVLKNVFDYLYELNIPTILDMKIND
IGNTVKNYRKFIFEYLKSDSCTVNIYMGTNMLKDICYDEEKNKYYSAFVLVKTTNPDSAIFQKNLSLDNKQAYVIMAQEA
LNMSSYLNLEQNNEFIGFVVGANSYDEMNYIRTYFPNCYILSPGIGAQNGDLHKTLTNGYHKSYEKILINIGRAITKNPY
PQKAAQMYYDQINAILKQNMES
;
_entity_poly.pdbx_strand_id   A,B,C,D
#
loop_
_chem_comp.id
_chem_comp.type
_chem_comp.name
_chem_comp.formula
FNU DNA linking '6-amino-5-fluorouridine 5'-(dihydrogen phosphate)' 'C9 H13 F N3 O9 P'
P6G non-polymer 'HEXAETHYLENE GLYCOL' 'C12 H26 O7'
PEG non-polymer DI(HYDROXYETHYL)ETHER 'C4 H10 O3'
PGE non-polymer 'TRIETHYLENE GLYCOL' 'C6 H14 O4'
SO4 non-polymer 'SULFATE ION' 'O4 S -2'
#
# COMPACT_ATOMS: atom_id res chain seq x y z
N SER A 12 -38.86 -2.95 -3.61
CA SER A 12 -39.56 -3.48 -2.39
C SER A 12 -38.61 -3.66 -1.21
N GLY A 13 -39.06 -3.25 -0.03
CA GLY A 13 -38.26 -3.38 1.19
C GLY A 13 -38.68 -4.56 2.04
N LEU A 14 -39.62 -5.36 1.53
CA LEU A 14 -40.24 -6.42 2.32
C LEU A 14 -39.56 -7.74 2.05
N VAL A 15 -39.87 -8.71 2.91
CA VAL A 15 -39.29 -10.05 2.74
C VAL A 15 -39.64 -10.60 1.36
N PRO A 16 -38.64 -11.16 0.67
CA PRO A 16 -38.93 -11.68 -0.66
C PRO A 16 -39.95 -12.80 -0.65
N ARG A 17 -40.76 -12.84 -1.71
CA ARG A 17 -41.80 -13.85 -1.83
C ARG A 17 -41.49 -14.89 -2.91
N GLY A 18 -40.58 -14.53 -3.83
CA GLY A 18 -40.20 -15.43 -4.94
C GLY A 18 -39.09 -16.36 -4.49
N SER A 19 -38.71 -17.31 -5.36
CA SER A 19 -37.64 -18.25 -5.05
C SER A 19 -36.37 -17.48 -4.71
N MET A 20 -35.70 -17.95 -3.66
CA MET A 20 -34.45 -17.39 -3.20
C MET A 20 -33.50 -18.56 -3.32
N GLY A 21 -32.70 -18.55 -4.38
CA GLY A 21 -31.55 -19.43 -4.47
C GLY A 21 -31.74 -20.46 -5.55
N PHE A 22 -30.63 -20.79 -6.21
CA PHE A 22 -30.64 -21.75 -7.31
C PHE A 22 -31.17 -23.10 -6.83
N LYS A 23 -30.85 -23.52 -5.60
CA LYS A 23 -31.38 -24.81 -5.12
C LYS A 23 -32.91 -24.83 -5.20
N VAL A 24 -33.51 -23.73 -4.77
CA VAL A 24 -34.96 -23.64 -4.68
C VAL A 24 -35.54 -23.55 -6.09
N LYS A 25 -34.92 -22.73 -6.93
N LYS A 25 -34.94 -22.73 -6.95
CA LYS A 25 -35.37 -22.57 -8.30
CA LYS A 25 -35.41 -22.63 -8.34
C LYS A 25 -35.36 -23.90 -9.08
C LYS A 25 -35.41 -23.98 -9.05
N LEU A 26 -34.29 -24.68 -8.94
CA LEU A 26 -34.19 -26.01 -9.53
C LEU A 26 -35.24 -26.97 -9.01
N GLU A 27 -35.45 -26.98 -7.70
CA GLU A 27 -36.39 -27.96 -7.12
C GLU A 27 -37.82 -27.66 -7.60
N LYS A 28 -38.19 -26.39 -7.58
CA LYS A 28 -39.56 -25.97 -8.01
C LYS A 28 -39.81 -26.31 -9.49
N ARG A 29 -38.81 -26.06 -10.34
CA ARG A 29 -38.99 -26.42 -11.73
C ARG A 29 -39.02 -27.94 -11.91
N ARG A 30 -38.15 -28.65 -11.21
CA ARG A 30 -38.18 -30.10 -11.32
C ARG A 30 -39.55 -30.69 -10.91
N ASN A 31 -40.12 -30.15 -9.83
CA ASN A 31 -41.45 -30.56 -9.38
C ASN A 31 -42.52 -30.37 -10.46
N ALA A 32 -42.38 -29.29 -11.22
CA ALA A 32 -43.42 -28.95 -12.21
C ALA A 32 -43.26 -29.70 -13.51
N ILE A 33 -42.03 -29.91 -13.96
CA ILE A 33 -41.82 -30.54 -15.26
C ILE A 33 -41.23 -31.95 -15.26
N ASN A 34 -40.82 -32.44 -14.10
CA ASN A 34 -40.43 -33.85 -13.88
C ASN A 34 -39.36 -34.35 -14.83
N THR A 35 -38.28 -33.58 -14.93
CA THR A 35 -37.13 -34.04 -15.67
C THR A 35 -35.83 -33.46 -15.12
N CYS A 36 -34.72 -33.99 -15.62
CA CYS A 36 -33.41 -33.38 -15.34
C CYS A 36 -32.66 -33.08 -16.64
N LEU A 37 -33.40 -32.98 -17.75
CA LEU A 37 -32.75 -32.56 -19.01
C LEU A 37 -32.23 -31.12 -18.95
N CYS A 38 -30.97 -30.93 -19.31
CA CYS A 38 -30.36 -29.61 -19.43
C CYS A 38 -30.10 -29.38 -20.93
N ILE A 39 -30.74 -28.39 -21.53
CA ILE A 39 -30.57 -28.18 -22.98
C ILE A 39 -29.40 -27.24 -23.18
N GLY A 40 -28.41 -27.70 -23.92
CA GLY A 40 -27.26 -26.83 -24.24
C GLY A 40 -27.54 -25.99 -25.47
N LEU A 41 -27.24 -24.69 -25.36
CA LEU A 41 -27.42 -23.78 -26.48
C LEU A 41 -26.07 -23.19 -26.87
N ASP A 42 -25.44 -23.89 -27.82
CA ASP A 42 -24.09 -23.64 -28.31
C ASP A 42 -24.12 -23.45 -29.82
N PRO A 43 -24.62 -22.29 -30.27
CA PRO A 43 -24.83 -22.19 -31.72
C PRO A 43 -23.54 -21.85 -32.43
N ASP A 44 -23.25 -22.62 -33.45
CA ASP A 44 -22.03 -22.39 -34.21
C ASP A 44 -22.37 -21.62 -35.50
N GLU A 45 -21.31 -21.26 -36.23
CA GLU A 45 -21.48 -20.46 -37.46
C GLU A 45 -22.39 -21.14 -38.48
N LYS A 46 -22.24 -22.45 -38.65
CA LYS A 46 -23.07 -23.27 -39.54
C LYS A 46 -24.54 -23.27 -39.11
N ASP A 47 -24.80 -23.37 -37.82
CA ASP A 47 -26.17 -23.34 -37.33
C ASP A 47 -26.86 -22.03 -37.72
N ILE A 48 -26.15 -20.92 -37.52
CA ILE A 48 -26.69 -19.62 -37.79
C ILE A 48 -26.93 -19.47 -39.32
N GLU A 49 -25.94 -19.89 -40.11
N GLU A 49 -25.96 -19.92 -40.12
CA GLU A 49 -26.00 -19.85 -41.57
CA GLU A 49 -26.05 -19.85 -41.58
C GLU A 49 -27.25 -20.60 -42.02
C GLU A 49 -27.19 -20.72 -42.10
N ASN A 50 -27.34 -21.85 -41.59
N ASN A 50 -27.33 -21.91 -41.54
CA ASN A 50 -28.44 -22.75 -41.92
CA ASN A 50 -28.42 -22.80 -41.92
C ASN A 50 -29.80 -22.15 -41.58
C ASN A 50 -29.81 -22.25 -41.54
N PHE A 51 -29.90 -21.59 -40.39
CA PHE A 51 -31.17 -20.99 -39.94
C PHE A 51 -31.55 -19.89 -40.94
N MET A 52 -30.58 -19.04 -41.26
CA MET A 52 -30.85 -17.93 -42.15
C MET A 52 -31.34 -18.47 -43.50
N LYS A 53 -30.65 -19.47 -44.04
CA LYS A 53 -31.02 -20.12 -45.31
C LYS A 53 -32.38 -20.83 -45.26
N ASN A 54 -32.60 -21.65 -44.23
CA ASN A 54 -33.86 -22.37 -44.06
C ASN A 54 -35.04 -21.41 -43.94
N GLU A 55 -34.85 -20.31 -43.20
CA GLU A 55 -35.91 -19.34 -43.00
C GLU A 55 -36.25 -18.62 -44.30
N LYS A 56 -35.21 -18.26 -45.05
CA LYS A 56 -35.43 -17.72 -46.39
C LYS A 56 -36.31 -18.69 -47.19
N GLU A 57 -36.03 -19.99 -47.09
CA GLU A 57 -36.71 -20.99 -47.90
C GLU A 57 -38.12 -21.39 -47.43
N ASN A 58 -38.43 -21.16 -46.16
CA ASN A 58 -39.75 -21.48 -45.62
C ASN A 58 -40.60 -20.24 -45.31
N ASN A 59 -40.23 -19.11 -45.92
CA ASN A 59 -40.90 -17.83 -45.72
C ASN A 59 -40.95 -17.39 -44.24
N TYR A 60 -39.84 -17.63 -43.55
CA TYR A 60 -39.62 -17.16 -42.19
C TYR A 60 -40.65 -17.68 -41.18
N ASN A 61 -41.07 -18.92 -41.39
N ASN A 61 -41.09 -18.92 -41.32
CA ASN A 61 -42.01 -19.62 -40.54
CA ASN A 61 -42.15 -19.42 -40.44
C ASN A 61 -41.67 -19.41 -39.07
C ASN A 61 -41.71 -19.50 -38.97
N ASN A 62 -40.43 -19.78 -38.72
CA ASN A 62 -39.98 -19.81 -37.32
C ASN A 62 -39.73 -18.45 -36.72
N ILE A 63 -39.19 -17.52 -37.51
CA ILE A 63 -39.05 -16.15 -37.02
C ILE A 63 -40.43 -15.50 -36.79
N LYS A 64 -41.38 -15.79 -37.67
CA LYS A 64 -42.73 -15.25 -37.45
C LYS A 64 -43.33 -15.80 -36.16
N LYS A 65 -43.10 -17.08 -35.89
CA LYS A 65 -43.48 -17.67 -34.59
C LYS A 65 -42.77 -16.98 -33.44
N ASN A 66 -41.46 -16.73 -33.58
CA ASN A 66 -40.72 -16.02 -32.53
C ASN A 66 -41.37 -14.69 -32.18
N LEU A 67 -41.79 -13.96 -33.22
CA LEU A 67 -42.34 -12.63 -33.08
C LEU A 67 -43.69 -12.58 -32.35
N LYS A 68 -44.34 -13.73 -32.24
CA LYS A 68 -45.63 -13.77 -31.51
C LYS A 68 -45.50 -14.14 -30.04
N GLU A 69 -44.31 -14.55 -29.60
CA GLU A 69 -44.09 -14.89 -28.20
C GLU A 69 -43.96 -13.62 -27.39
N LYS A 70 -44.59 -13.56 -26.21
CA LYS A 70 -44.63 -12.30 -25.47
C LYS A 70 -43.28 -11.80 -24.94
N TYR A 71 -42.40 -12.69 -24.53
N TYR A 71 -42.43 -12.76 -24.61
CA TYR A 71 -41.22 -12.21 -23.80
CA TYR A 71 -41.16 -12.52 -23.92
C TYR A 71 -40.14 -11.63 -24.71
C TYR A 71 -40.17 -11.72 -24.77
N ILE A 72 -40.29 -11.81 -26.02
N ILE A 72 -40.31 -11.85 -26.09
CA ILE A 72 -39.38 -11.15 -26.94
CA ILE A 72 -39.43 -11.16 -27.00
C ILE A 72 -39.44 -9.64 -26.72
C ILE A 72 -39.48 -9.65 -26.78
N ASN A 73 -40.59 -9.16 -26.23
CA ASN A 73 -40.78 -7.75 -25.88
C ASN A 73 -39.99 -7.25 -24.67
N ASN A 74 -39.35 -8.15 -23.95
CA ASN A 74 -38.61 -7.78 -22.75
C ASN A 74 -37.09 -7.96 -22.88
N VAL A 75 -36.56 -8.28 -24.06
CA VAL A 75 -35.10 -8.37 -24.17
C VAL A 75 -34.51 -6.95 -24.14
N SER A 76 -33.25 -6.84 -23.73
N SER A 76 -33.24 -6.79 -23.76
CA SER A 76 -32.58 -5.57 -23.45
CA SER A 76 -32.72 -5.45 -23.46
C SER A 76 -32.02 -4.88 -24.69
C SER A 76 -31.92 -4.79 -24.58
N ILE A 77 -31.40 -5.67 -25.57
N ILE A 77 -31.46 -5.57 -25.56
CA ILE A 77 -30.54 -5.07 -26.59
CA ILE A 77 -30.56 -4.99 -26.55
C ILE A 77 -31.14 -5.05 -27.99
C ILE A 77 -31.09 -5.04 -27.98
N LYS A 78 -31.27 -3.86 -28.57
CA LYS A 78 -31.74 -3.74 -29.95
C LYS A 78 -33.07 -4.47 -30.18
N LYS A 79 -33.97 -4.38 -29.19
CA LYS A 79 -35.26 -5.02 -29.30
C LYS A 79 -36.02 -4.57 -30.54
N ASP A 80 -35.92 -3.27 -30.82
N ASP A 80 -35.98 -3.28 -30.86
CA ASP A 80 -36.56 -2.66 -31.99
CA ASP A 80 -36.76 -2.81 -32.01
C ASP A 80 -36.21 -3.43 -33.26
C ASP A 80 -36.18 -3.28 -33.37
N ILE A 81 -34.92 -3.73 -33.39
CA ILE A 81 -34.40 -4.45 -34.54
C ILE A 81 -34.94 -5.89 -34.56
N LEU A 82 -34.94 -6.55 -33.40
CA LEU A 82 -35.41 -7.92 -33.31
C LEU A 82 -36.89 -8.10 -33.62
N LEU A 83 -37.64 -7.03 -33.37
CA LEU A 83 -39.08 -7.05 -33.65
C LEU A 83 -39.42 -6.73 -35.10
N LYS A 84 -38.43 -6.34 -35.90
CA LYS A 84 -38.70 -6.08 -37.32
C LYS A 84 -39.01 -7.36 -38.08
N ALA A 85 -39.81 -7.23 -39.14
CA ALA A 85 -40.04 -8.35 -40.04
C ALA A 85 -38.72 -8.68 -40.77
N PRO A 86 -38.43 -9.98 -40.94
CA PRO A 86 -37.17 -10.40 -41.51
C PRO A 86 -36.83 -9.77 -42.88
N ASP A 87 -37.80 -9.65 -43.79
CA ASP A 87 -37.51 -9.06 -45.11
C ASP A 87 -37.11 -7.60 -44.99
N ASN A 88 -37.66 -6.90 -44.01
CA ASN A 88 -37.27 -5.53 -43.74
C ASN A 88 -35.87 -5.37 -43.16
N ILE A 89 -35.47 -6.35 -42.35
CA ILE A 89 -34.08 -6.41 -41.92
C ILE A 89 -33.15 -6.50 -43.11
N ILE A 90 -33.43 -7.41 -44.04
CA ILE A 90 -32.52 -7.64 -45.15
C ILE A 90 -32.37 -6.40 -46.03
N ARG A 91 -33.47 -5.73 -46.29
CA ARG A 91 -33.41 -4.52 -47.12
C ARG A 91 -33.14 -3.19 -46.39
N GLU A 92 -33.57 -3.05 -45.14
CA GLU A 92 -33.45 -1.77 -44.43
C GLU A 92 -32.38 -1.74 -43.33
N GLU A 93 -32.02 -2.92 -42.84
CA GLU A 93 -31.03 -2.99 -41.75
C GLU A 93 -29.99 -4.08 -42.03
N LYS A 94 -29.38 -4.01 -43.20
CA LYS A 94 -28.44 -5.04 -43.61
C LYS A 94 -27.27 -5.24 -42.64
N SER A 95 -26.81 -4.19 -41.99
N SER A 95 -26.79 -4.18 -42.02
CA SER A 95 -25.68 -4.32 -41.06
CA SER A 95 -25.68 -4.30 -41.08
C SER A 95 -26.08 -4.95 -39.73
C SER A 95 -26.09 -5.17 -39.89
N GLU A 96 -27.39 -5.17 -39.56
CA GLU A 96 -27.87 -5.95 -38.40
C GLU A 96 -28.27 -7.37 -38.71
N GLU A 97 -28.08 -7.82 -39.94
CA GLU A 97 -28.52 -9.13 -40.38
C GLU A 97 -28.01 -10.29 -39.49
N PHE A 98 -26.69 -10.30 -39.24
CA PHE A 98 -26.12 -11.39 -38.47
C PHE A 98 -26.64 -11.40 -37.03
N PHE A 99 -26.60 -10.26 -36.36
CA PHE A 99 -27.22 -10.08 -35.04
C PHE A 99 -28.65 -10.63 -35.05
N TYR A 100 -29.44 -10.18 -36.01
CA TYR A 100 -30.86 -10.60 -36.07
C TYR A 100 -31.02 -12.12 -36.20
N PHE A 101 -30.37 -12.72 -37.18
CA PHE A 101 -30.53 -14.16 -37.37
C PHE A 101 -29.91 -15.03 -36.27
N PHE A 102 -28.78 -14.58 -35.71
CA PHE A 102 -28.16 -15.26 -34.55
C PHE A 102 -29.14 -15.23 -33.37
N ASN A 103 -29.67 -14.05 -33.04
N ASN A 103 -29.65 -14.04 -33.02
CA ASN A 103 -30.55 -13.95 -31.89
CA ASN A 103 -30.60 -13.92 -31.92
C ASN A 103 -31.87 -14.70 -32.14
C ASN A 103 -31.81 -14.82 -32.19
N HIS A 104 -32.38 -14.68 -33.38
CA HIS A 104 -33.58 -15.45 -33.69
C HIS A 104 -33.38 -16.98 -33.70
N PHE A 105 -32.21 -17.47 -34.08
CA PHE A 105 -31.97 -18.90 -33.99
C PHE A 105 -32.08 -19.32 -32.50
N CYS A 106 -31.47 -18.52 -31.61
CA CYS A 106 -31.50 -18.86 -30.17
C CYS A 106 -32.93 -18.83 -29.65
N PHE A 107 -33.70 -17.78 -29.97
CA PHE A 107 -35.08 -17.73 -29.50
C PHE A 107 -35.87 -18.92 -30.04
N TYR A 108 -35.64 -19.29 -31.29
CA TYR A 108 -36.31 -20.43 -31.92
C TYR A 108 -36.05 -21.71 -31.13
N ILE A 109 -34.78 -22.00 -30.86
CA ILE A 109 -34.44 -23.19 -30.10
C ILE A 109 -35.13 -23.15 -28.73
N ILE A 110 -35.02 -22.02 -28.02
CA ILE A 110 -35.66 -21.87 -26.72
C ILE A 110 -37.17 -22.08 -26.81
N ASN A 111 -37.82 -21.43 -27.77
CA ASN A 111 -39.28 -21.64 -27.89
C ASN A 111 -39.68 -23.09 -28.15
N GLU A 112 -38.93 -23.74 -29.02
CA GLU A 112 -39.28 -25.09 -29.43
C GLU A 112 -39.05 -26.12 -28.33
N THR A 113 -38.11 -25.84 -27.42
CA THR A 113 -37.67 -26.89 -26.52
C THR A 113 -37.85 -26.63 -25.02
N ASN A 114 -38.20 -25.40 -24.63
CA ASN A 114 -38.10 -25.03 -23.22
C ASN A 114 -39.02 -25.86 -22.31
N LYS A 115 -40.12 -26.34 -22.87
CA LYS A 115 -41.08 -27.04 -21.99
C LYS A 115 -40.53 -28.38 -21.52
N TYR A 116 -39.45 -28.85 -22.15
CA TYR A 116 -38.80 -30.10 -21.75
C TYR A 116 -37.53 -29.90 -20.91
N ALA A 117 -37.15 -28.66 -20.68
CA ALA A 117 -35.84 -28.32 -20.10
C ALA A 117 -35.91 -27.94 -18.64
N LEU A 118 -35.19 -28.67 -17.79
CA LEU A 118 -35.06 -28.20 -16.42
C LEU A 118 -34.19 -26.93 -16.38
N THR A 119 -33.19 -26.87 -17.26
N THR A 119 -33.14 -26.93 -17.19
CA THR A 119 -32.30 -25.72 -17.28
CA THR A 119 -32.22 -25.79 -17.28
C THR A 119 -31.67 -25.62 -18.66
C THR A 119 -31.75 -25.60 -18.71
N PHE A 120 -31.14 -24.45 -19.00
CA PHE A 120 -30.40 -24.26 -20.27
C PHE A 120 -28.97 -23.91 -19.88
N LYS A 121 -28.02 -24.46 -20.63
CA LYS A 121 -26.60 -24.15 -20.42
C LYS A 121 -26.09 -23.50 -21.71
N MET A 122 -25.57 -22.28 -21.59
CA MET A 122 -24.99 -21.57 -22.73
C MET A 122 -23.47 -21.54 -22.58
N ASN A 123 -22.75 -22.07 -23.56
CA ASN A 123 -21.29 -22.05 -23.47
C ASN A 123 -20.80 -20.75 -24.12
N PHE A 124 -20.15 -19.93 -23.29
CA PHE A 124 -19.67 -18.59 -23.68
C PHE A 124 -18.86 -18.61 -24.98
N ALA A 125 -18.09 -19.68 -25.17
CA ALA A 125 -17.20 -19.77 -26.33
C ALA A 125 -17.90 -19.50 -27.66
N PHE A 126 -19.16 -19.91 -27.76
CA PHE A 126 -19.91 -19.82 -29.02
C PHE A 126 -20.41 -18.40 -29.24
N TYR A 127 -20.37 -17.58 -28.20
CA TYR A 127 -20.90 -16.22 -28.31
C TYR A 127 -19.87 -15.13 -28.50
N ILE A 128 -18.59 -15.48 -28.38
CA ILE A 128 -17.53 -14.51 -28.50
C ILE A 128 -16.79 -14.38 -29.86
N PRO A 129 -16.84 -15.39 -30.76
CA PRO A 129 -15.81 -15.34 -31.82
C PRO A 129 -16.05 -14.30 -32.92
N TYR A 130 -17.18 -13.61 -32.86
CA TYR A 130 -17.50 -12.53 -33.79
C TYR A 130 -17.30 -11.16 -33.18
N GLY A 131 -16.70 -11.08 -31.99
CA GLY A 131 -16.58 -9.81 -31.28
C GLY A 131 -17.84 -9.46 -30.51
N SER A 132 -18.14 -8.18 -30.38
CA SER A 132 -19.22 -7.74 -29.48
C SER A 132 -20.60 -8.27 -29.83
N VAL A 133 -20.87 -8.45 -31.11
CA VAL A 133 -22.24 -8.75 -31.58
C VAL A 133 -22.82 -9.99 -30.86
N GLY A 134 -22.02 -11.04 -30.73
CA GLY A 134 -22.47 -12.26 -30.05
C GLY A 134 -22.71 -12.09 -28.56
N ILE A 135 -22.06 -11.12 -27.94
CA ILE A 135 -22.24 -10.89 -26.50
C ILE A 135 -23.59 -10.19 -26.28
N ASP A 136 -23.94 -9.33 -27.23
CA ASP A 136 -25.29 -8.79 -27.26
C ASP A 136 -26.33 -9.89 -27.37
N VAL A 137 -26.09 -10.85 -28.25
CA VAL A 137 -27.01 -11.99 -28.38
C VAL A 137 -27.09 -12.78 -27.07
N LEU A 138 -25.93 -13.04 -26.48
CA LEU A 138 -25.85 -13.77 -25.21
C LEU A 138 -26.66 -13.11 -24.10
N LYS A 139 -26.55 -11.79 -24.00
CA LYS A 139 -27.32 -11.04 -23.02
C LYS A 139 -28.83 -11.15 -23.29
N ASN A 140 -29.23 -10.99 -24.55
CA ASN A 140 -30.68 -11.15 -24.85
C ASN A 140 -31.20 -12.56 -24.55
N VAL A 141 -30.34 -13.55 -24.77
CA VAL A 141 -30.67 -14.93 -24.44
C VAL A 141 -30.91 -15.12 -22.94
N PHE A 142 -30.02 -14.57 -22.12
CA PHE A 142 -30.20 -14.63 -20.67
C PHE A 142 -31.42 -13.82 -20.23
N ASP A 143 -31.66 -12.69 -20.89
CA ASP A 143 -32.86 -11.87 -20.57
C ASP A 143 -34.13 -12.69 -20.87
N TYR A 144 -34.09 -13.38 -21.99
CA TYR A 144 -35.23 -14.16 -22.49
C TYR A 144 -35.54 -15.34 -21.55
N LEU A 145 -34.48 -16.06 -21.17
CA LEU A 145 -34.65 -17.18 -20.24
C LEU A 145 -35.11 -16.73 -18.86
N TYR A 146 -34.60 -15.58 -18.40
CA TYR A 146 -35.01 -14.95 -17.14
C TYR A 146 -36.52 -14.69 -17.15
N GLU A 147 -37.01 -14.11 -18.25
CA GLU A 147 -38.45 -13.85 -18.40
C GLU A 147 -39.26 -15.12 -18.34
N LEU A 148 -38.73 -16.20 -18.93
CA LEU A 148 -39.40 -17.49 -18.95
C LEU A 148 -39.22 -18.19 -17.60
N ASN A 149 -38.43 -17.57 -16.73
CA ASN A 149 -38.04 -18.12 -15.43
C ASN A 149 -37.47 -19.55 -15.53
N ILE A 150 -36.64 -19.77 -16.55
CA ILE A 150 -35.96 -21.05 -16.68
C ILE A 150 -34.56 -20.93 -16.08
N PRO A 151 -34.21 -21.84 -15.16
CA PRO A 151 -32.87 -21.84 -14.54
C PRO A 151 -31.77 -21.79 -15.61
N THR A 152 -30.69 -21.06 -15.34
CA THR A 152 -29.61 -20.89 -16.33
C THR A 152 -28.24 -21.30 -15.82
N ILE A 153 -27.40 -21.75 -16.76
CA ILE A 153 -25.99 -21.98 -16.47
C ILE A 153 -25.17 -21.28 -17.55
N LEU A 154 -24.22 -20.41 -17.17
CA LEU A 154 -23.25 -19.89 -18.12
C LEU A 154 -22.00 -20.77 -18.04
N ASP A 155 -21.68 -21.46 -19.12
CA ASP A 155 -20.55 -22.37 -19.09
C ASP A 155 -19.36 -21.64 -19.67
N MET A 156 -18.40 -21.29 -18.82
CA MET A 156 -17.29 -20.44 -19.23
C MET A 156 -15.99 -20.98 -18.62
N LYS A 157 -16.11 -21.89 -17.65
CA LYS A 157 -14.96 -22.55 -17.01
C LYS A 157 -13.93 -21.51 -16.57
N ILE A 158 -14.45 -20.50 -15.87
CA ILE A 158 -13.64 -19.39 -15.46
C ILE A 158 -12.58 -19.78 -14.44
N ASN A 159 -11.49 -19.04 -14.47
CA ASN A 159 -10.42 -19.26 -13.49
C ASN A 159 -9.45 -18.10 -13.52
N ASP A 160 -9.11 -17.58 -12.35
CA ASP A 160 -8.06 -16.58 -12.24
C ASP A 160 -7.78 -16.30 -10.77
N ILE A 161 -6.94 -15.31 -10.50
CA ILE A 161 -6.74 -14.86 -9.13
C ILE A 161 -7.98 -14.08 -8.69
N GLY A 162 -8.09 -13.87 -7.38
CA GLY A 162 -9.29 -13.25 -6.79
C GLY A 162 -9.63 -11.91 -7.39
N ASN A 163 -8.65 -11.01 -7.48
CA ASN A 163 -8.93 -9.68 -8.02
C ASN A 163 -9.47 -9.70 -9.43
N THR A 164 -8.95 -10.63 -10.23
CA THR A 164 -9.42 -10.75 -11.60
C THR A 164 -10.79 -11.40 -11.72
N VAL A 165 -11.00 -12.51 -10.99
N VAL A 165 -10.98 -12.48 -10.96
CA VAL A 165 -12.25 -13.29 -11.13
CA VAL A 165 -12.18 -13.30 -11.10
C VAL A 165 -13.51 -12.53 -10.70
C VAL A 165 -13.47 -12.58 -10.66
N LYS A 166 -13.35 -11.56 -9.82
CA LYS A 166 -14.50 -10.70 -9.47
C LYS A 166 -15.17 -10.13 -10.71
N ASN A 167 -14.40 -9.90 -11.78
CA ASN A 167 -14.98 -9.37 -13.01
C ASN A 167 -15.92 -10.38 -13.64
N TYR A 168 -15.56 -11.66 -13.57
CA TYR A 168 -16.44 -12.69 -14.07
C TYR A 168 -17.69 -12.85 -13.19
N ARG A 169 -17.53 -12.70 -11.89
CA ARG A 169 -18.70 -12.75 -11.02
C ARG A 169 -19.71 -11.65 -11.44
N LYS A 170 -19.20 -10.47 -11.69
CA LYS A 170 -20.02 -9.34 -12.14
C LYS A 170 -20.70 -9.64 -13.46
N PHE A 171 -19.91 -10.06 -14.45
CA PHE A 171 -20.50 -10.37 -15.76
C PHE A 171 -21.58 -11.43 -15.67
N ILE A 172 -21.28 -12.50 -14.94
CA ILE A 172 -22.15 -13.68 -14.97
C ILE A 172 -23.38 -13.44 -14.10
N PHE A 173 -23.16 -12.93 -12.90
CA PHE A 173 -24.23 -12.91 -11.91
C PHE A 173 -24.95 -11.56 -11.77
N GLU A 174 -24.27 -10.49 -12.15
CA GLU A 174 -24.96 -9.20 -12.15
C GLU A 174 -25.44 -8.77 -13.53
N TYR A 175 -24.59 -8.91 -14.54
CA TYR A 175 -24.93 -8.45 -15.89
C TYR A 175 -25.89 -9.42 -16.61
N LEU A 176 -25.47 -10.66 -16.78
CA LEU A 176 -26.35 -11.67 -17.38
C LEU A 176 -27.45 -12.13 -16.44
N LYS A 177 -27.21 -12.00 -15.14
CA LYS A 177 -28.15 -12.54 -14.13
C LYS A 177 -28.35 -14.05 -14.22
N SER A 178 -27.24 -14.71 -14.52
CA SER A 178 -27.25 -16.17 -14.55
C SER A 178 -27.49 -16.73 -13.16
N ASP A 179 -28.08 -17.92 -13.08
CA ASP A 179 -28.20 -18.63 -11.80
C ASP A 179 -26.92 -19.33 -11.37
N SER A 180 -26.07 -19.66 -12.37
CA SER A 180 -24.90 -20.46 -12.06
C SER A 180 -23.86 -20.33 -13.18
N CYS A 181 -22.66 -20.83 -12.89
CA CYS A 181 -21.61 -20.91 -13.90
C CYS A 181 -20.70 -22.10 -13.67
N THR A 182 -19.86 -22.39 -14.66
CA THR A 182 -18.86 -23.44 -14.48
C THR A 182 -17.52 -22.74 -14.19
N VAL A 183 -16.68 -23.43 -13.41
CA VAL A 183 -15.44 -22.89 -12.87
C VAL A 183 -14.37 -23.99 -12.89
N ASN A 184 -13.13 -23.62 -13.23
CA ASN A 184 -12.01 -24.56 -13.15
C ASN A 184 -11.16 -24.12 -11.95
N ILE A 185 -11.12 -24.94 -10.89
CA ILE A 185 -10.42 -24.52 -9.67
C ILE A 185 -8.97 -25.03 -9.58
N TYR A 186 -8.39 -25.43 -10.71
CA TYR A 186 -7.00 -25.87 -10.65
C TYR A 186 -6.03 -24.83 -10.06
N MET A 187 -6.29 -23.54 -10.29
CA MET A 187 -5.44 -22.51 -9.68
C MET A 187 -5.53 -22.49 -8.17
N GLY A 188 -6.65 -22.94 -7.63
CA GLY A 188 -6.81 -22.89 -6.18
C GLY A 188 -8.28 -22.77 -5.88
N THR A 189 -8.70 -23.29 -4.74
N THR A 189 -8.67 -23.24 -4.72
CA THR A 189 -10.08 -23.21 -4.35
CA THR A 189 -10.05 -23.26 -4.34
C THR A 189 -10.50 -21.79 -3.97
C THR A 189 -10.53 -21.88 -3.82
N ASN A 190 -9.60 -21.04 -3.37
CA ASN A 190 -9.98 -19.73 -2.82
C ASN A 190 -10.62 -18.78 -3.86
N MET A 191 -10.39 -19.04 -5.14
CA MET A 191 -11.03 -18.23 -6.16
C MET A 191 -12.56 -18.26 -5.98
N LEU A 192 -13.08 -19.35 -5.41
CA LEU A 192 -14.54 -19.46 -5.24
C LEU A 192 -15.12 -18.41 -4.26
N LYS A 193 -14.28 -17.87 -3.38
CA LYS A 193 -14.74 -16.81 -2.47
C LYS A 193 -15.11 -15.54 -3.22
N ASP A 194 -14.52 -15.34 -4.41
CA ASP A 194 -14.79 -14.19 -5.25
C ASP A 194 -15.68 -14.48 -6.46
N ILE A 195 -16.27 -15.67 -6.48
CA ILE A 195 -17.20 -16.07 -7.53
C ILE A 195 -18.59 -16.42 -6.93
N CYS A 196 -18.55 -17.24 -5.89
CA CYS A 196 -19.80 -17.72 -5.31
C CYS A 196 -20.29 -16.87 -4.15
N TYR A 197 -19.58 -15.78 -3.88
CA TYR A 197 -19.93 -14.93 -2.73
C TYR A 197 -19.52 -13.52 -3.04
N ASP A 198 -20.33 -12.56 -2.60
CA ASP A 198 -19.98 -11.16 -2.77
C ASP A 198 -20.13 -10.57 -1.36
N GLU A 199 -19.00 -10.40 -0.68
CA GLU A 199 -18.97 -9.94 0.72
C GLU A 199 -19.60 -8.56 0.90
N GLU A 200 -19.34 -7.68 -0.06
N GLU A 200 -19.31 -7.63 0.00
CA GLU A 200 -19.83 -6.28 -0.08
CA GLU A 200 -19.90 -6.31 0.05
C GLU A 200 -21.34 -6.13 -0.30
C GLU A 200 -21.44 -6.40 0.07
N LYS A 201 -21.99 -7.16 -0.87
CA LYS A 201 -23.44 -7.18 -1.05
C LYS A 201 -24.15 -8.28 -0.26
N ASN A 202 -23.40 -9.10 0.47
CA ASN A 202 -23.96 -10.31 1.11
C ASN A 202 -24.81 -11.15 0.15
N LYS A 203 -24.29 -11.38 -1.06
CA LYS A 203 -24.94 -12.26 -2.04
C LYS A 203 -24.14 -13.55 -2.25
N TYR A 204 -24.86 -14.59 -2.62
CA TYR A 204 -24.34 -15.97 -2.75
C TYR A 204 -24.80 -16.46 -4.11
N TYR A 205 -23.92 -17.19 -4.80
CA TYR A 205 -24.23 -17.63 -6.17
C TYR A 205 -23.76 -19.08 -6.34
N SER A 206 -24.32 -19.81 -7.30
CA SER A 206 -23.97 -21.23 -7.43
C SER A 206 -23.00 -21.47 -8.58
N ALA A 207 -22.20 -22.52 -8.48
CA ALA A 207 -21.26 -22.89 -9.53
C ALA A 207 -21.14 -24.38 -9.62
N PHE A 208 -20.66 -24.85 -10.76
CA PHE A 208 -20.25 -26.25 -10.91
C PHE A 208 -18.76 -26.22 -11.23
N VAL A 209 -17.96 -26.96 -10.47
CA VAL A 209 -16.51 -27.03 -10.72
C VAL A 209 -16.18 -28.25 -11.59
N LEU A 210 -15.19 -28.12 -12.46
CA LEU A 210 -14.77 -29.30 -13.27
C LEU A 210 -14.21 -30.39 -12.38
N VAL A 211 -14.74 -31.59 -12.52
CA VAL A 211 -14.23 -32.73 -11.77
C VAL A 211 -13.67 -33.80 -12.72
N LYS A 212 -14.50 -34.33 -13.63
CA LYS A 212 -14.04 -35.32 -14.60
C LYS A 212 -14.66 -34.90 -15.94
N THR A 213 -13.82 -34.68 -16.95
CA THR A 213 -14.30 -34.11 -18.20
C THR A 213 -14.34 -35.15 -19.36
N THR A 214 -14.98 -34.81 -20.46
CA THR A 214 -15.30 -35.80 -21.50
C THR A 214 -14.23 -35.96 -22.57
N ASN A 215 -13.25 -35.07 -22.58
CA ASN A 215 -12.23 -35.15 -23.61
C ASN A 215 -11.43 -36.44 -23.44
N PRO A 216 -10.97 -37.01 -24.56
CA PRO A 216 -10.44 -38.37 -24.50
C PRO A 216 -9.19 -38.55 -23.66
N ASP A 217 -8.42 -37.46 -23.44
CA ASP A 217 -7.22 -37.52 -22.62
C ASP A 217 -7.43 -36.99 -21.22
N SER A 218 -8.68 -36.93 -20.77
CA SER A 218 -8.98 -36.36 -19.45
C SER A 218 -8.29 -37.08 -18.28
N ALA A 219 -7.88 -38.34 -18.44
CA ALA A 219 -7.21 -39.00 -17.34
C ALA A 219 -5.83 -38.45 -16.98
N ILE A 220 -5.19 -37.75 -17.89
N ILE A 220 -5.19 -37.77 -17.91
CA ILE A 220 -3.77 -37.42 -17.70
CA ILE A 220 -3.79 -37.32 -17.76
C ILE A 220 -3.49 -36.56 -16.46
C ILE A 220 -3.57 -36.65 -16.41
N PHE A 221 -4.43 -35.70 -16.07
CA PHE A 221 -4.28 -35.00 -14.81
C PHE A 221 -5.33 -35.43 -13.80
N GLN A 222 -6.58 -35.58 -14.23
CA GLN A 222 -7.68 -35.81 -13.31
C GLN A 222 -7.65 -37.17 -12.61
N LYS A 223 -7.03 -38.15 -13.27
CA LYS A 223 -6.92 -39.50 -12.72
C LYS A 223 -5.51 -39.87 -12.26
N ASN A 224 -4.51 -39.54 -13.08
CA ASN A 224 -3.14 -39.97 -12.81
C ASN A 224 -2.48 -39.22 -11.67
N LEU A 225 -2.79 -37.93 -11.55
CA LEU A 225 -2.32 -37.21 -10.37
C LEU A 225 -3.05 -37.66 -9.11
N SER A 226 -2.33 -37.75 -7.99
CA SER A 226 -2.99 -38.16 -6.75
C SER A 226 -2.41 -37.52 -5.51
N LEU A 227 -3.15 -37.67 -4.41
CA LEU A 227 -2.70 -37.31 -3.06
C LEU A 227 -3.38 -38.24 -2.03
N ASP A 228 -2.64 -38.78 -1.06
CA ASP A 228 -3.25 -39.53 0.07
C ASP A 228 -4.25 -40.61 -0.35
N ASN A 229 -3.81 -41.42 -1.31
CA ASN A 229 -4.63 -42.50 -1.85
C ASN A 229 -5.93 -42.08 -2.55
N LYS A 230 -5.98 -40.83 -3.03
CA LYS A 230 -7.15 -40.31 -3.75
C LYS A 230 -6.73 -39.69 -5.10
N GLN A 231 -7.49 -39.98 -6.17
CA GLN A 231 -7.19 -39.41 -7.48
C GLN A 231 -7.52 -37.92 -7.45
N ALA A 232 -6.88 -37.17 -8.34
CA ALA A 232 -7.01 -35.70 -8.32
C ALA A 232 -8.49 -35.29 -8.36
N TYR A 233 -9.29 -36.00 -9.15
CA TYR A 233 -10.69 -35.59 -9.24
C TYR A 233 -11.42 -35.67 -7.91
N VAL A 234 -11.05 -36.65 -7.09
CA VAL A 234 -11.61 -36.78 -5.75
C VAL A 234 -11.13 -35.65 -4.83
N ILE A 235 -9.82 -35.37 -4.92
CA ILE A 235 -9.22 -34.27 -4.15
C ILE A 235 -9.95 -32.95 -4.48
N MET A 236 -10.14 -32.70 -5.78
CA MET A 236 -10.74 -31.45 -6.25
C MET A 236 -12.22 -31.34 -5.84
N ALA A 237 -12.95 -32.45 -5.96
CA ALA A 237 -14.35 -32.49 -5.50
C ALA A 237 -14.45 -32.18 -4.00
N GLN A 238 -13.58 -32.80 -3.22
CA GLN A 238 -13.61 -32.59 -1.77
C GLN A 238 -13.31 -31.13 -1.42
N GLU A 239 -12.31 -30.54 -2.08
CA GLU A 239 -11.93 -29.16 -1.81
C GLU A 239 -13.07 -28.21 -2.15
N ALA A 240 -13.77 -28.52 -3.25
CA ALA A 240 -14.90 -27.71 -3.66
C ALA A 240 -16.01 -27.73 -2.60
N LEU A 241 -16.33 -28.93 -2.11
N LEU A 241 -16.36 -28.91 -2.11
CA LEU A 241 -17.37 -29.14 -1.09
CA LEU A 241 -17.40 -29.02 -1.09
C LEU A 241 -17.01 -28.46 0.23
C LEU A 241 -16.99 -28.34 0.19
N ASN A 242 -15.73 -28.49 0.57
CA ASN A 242 -15.23 -27.84 1.78
C ASN A 242 -15.39 -26.32 1.67
N MET A 243 -15.12 -25.78 0.48
CA MET A 243 -15.31 -24.35 0.25
C MET A 243 -16.80 -23.97 0.30
N SER A 244 -17.67 -24.81 -0.26
CA SER A 244 -19.09 -24.55 -0.21
C SER A 244 -19.54 -24.40 1.26
N SER A 245 -19.07 -25.31 2.12
N SER A 245 -19.07 -25.32 2.11
CA SER A 245 -19.41 -25.26 3.54
CA SER A 245 -19.39 -25.28 3.54
C SER A 245 -18.86 -24.00 4.19
C SER A 245 -18.86 -24.02 4.19
N TYR A 246 -17.60 -23.67 3.89
CA TYR A 246 -16.96 -22.46 4.44
C TYR A 246 -17.71 -21.18 4.07
N LEU A 247 -18.19 -21.10 2.82
CA LEU A 247 -18.96 -19.96 2.32
C LEU A 247 -20.44 -19.94 2.74
N ASN A 248 -20.86 -20.99 3.43
CA ASN A 248 -22.25 -21.17 3.84
C ASN A 248 -23.23 -21.11 2.66
N LEU A 249 -22.86 -21.68 1.52
CA LEU A 249 -23.75 -21.57 0.37
C LEU A 249 -25.11 -22.23 0.58
N GLU A 250 -25.10 -23.45 1.12
CA GLU A 250 -26.35 -24.21 1.12
C GLU A 250 -27.37 -23.63 2.10
N GLN A 251 -26.91 -23.01 3.18
CA GLN A 251 -27.83 -22.30 4.09
C GLN A 251 -28.47 -21.10 3.38
N ASN A 252 -27.84 -20.63 2.30
CA ASN A 252 -28.33 -19.52 1.50
C ASN A 252 -28.89 -20.00 0.17
N ASN A 253 -29.25 -21.27 0.11
CA ASN A 253 -29.96 -21.89 -1.01
C ASN A 253 -29.15 -21.89 -2.29
N GLU A 254 -27.83 -21.95 -2.14
CA GLU A 254 -26.93 -22.04 -3.30
C GLU A 254 -26.05 -23.27 -3.07
N PHE A 255 -25.22 -23.62 -4.05
CA PHE A 255 -24.35 -24.78 -3.92
C PHE A 255 -23.16 -24.63 -4.86
N ILE A 256 -22.12 -25.40 -4.55
CA ILE A 256 -21.06 -25.73 -5.49
C ILE A 256 -21.25 -27.19 -5.85
N GLY A 257 -21.41 -27.45 -7.16
CA GLY A 257 -21.58 -28.82 -7.66
C GLY A 257 -20.42 -29.22 -8.54
N PHE A 258 -20.57 -30.33 -9.26
CA PHE A 258 -19.46 -30.93 -9.99
C PHE A 258 -19.84 -31.16 -11.44
N VAL A 259 -18.91 -30.85 -12.35
CA VAL A 259 -19.07 -31.34 -13.73
C VAL A 259 -18.43 -32.73 -13.79
N VAL A 260 -19.22 -33.74 -14.12
CA VAL A 260 -18.74 -35.13 -14.29
C VAL A 260 -19.27 -35.62 -15.63
N GLY A 261 -18.34 -35.91 -16.52
CA GLY A 261 -18.68 -36.27 -17.92
C GLY A 261 -19.55 -37.53 -17.98
N ALA A 262 -20.41 -37.56 -18.99
CA ALA A 262 -21.40 -38.62 -19.21
C ALA A 262 -20.79 -39.90 -19.76
N ASN A 263 -19.47 -39.88 -19.97
CA ASN A 263 -18.73 -41.06 -20.37
C ASN A 263 -17.76 -41.53 -19.32
N SER A 264 -17.92 -41.02 -18.11
CA SER A 264 -17.07 -41.32 -16.97
C SER A 264 -17.82 -42.06 -15.89
N TYR A 265 -18.18 -43.31 -16.19
CA TYR A 265 -19.13 -44.07 -15.37
C TYR A 265 -18.63 -44.38 -13.96
N ASP A 266 -17.39 -44.87 -13.84
CA ASP A 266 -16.82 -45.17 -12.53
C ASP A 266 -16.73 -43.92 -11.65
N GLU A 267 -16.33 -42.81 -12.26
CA GLU A 267 -16.21 -41.59 -11.48
C GLU A 267 -17.56 -41.03 -11.06
N MET A 268 -18.55 -41.14 -11.93
CA MET A 268 -19.92 -40.74 -11.61
C MET A 268 -20.41 -41.57 -10.41
N ASN A 269 -20.18 -42.87 -10.49
CA ASN A 269 -20.58 -43.71 -9.38
C ASN A 269 -19.88 -43.32 -8.08
N TYR A 270 -18.57 -43.08 -8.16
CA TYR A 270 -17.78 -42.71 -6.99
C TYR A 270 -18.33 -41.42 -6.40
N ILE A 271 -18.52 -40.42 -7.26
CA ILE A 271 -18.97 -39.11 -6.80
C ILE A 271 -20.34 -39.19 -6.15
N ARG A 272 -21.31 -39.82 -6.82
CA ARG A 272 -22.63 -39.96 -6.22
C ARG A 272 -22.59 -40.81 -4.93
N THR A 273 -21.70 -41.80 -4.88
CA THR A 273 -21.61 -42.63 -3.67
C THR A 273 -21.02 -41.89 -2.47
N TYR A 274 -19.91 -41.20 -2.73
CA TYR A 274 -19.19 -40.56 -1.61
C TYR A 274 -19.58 -39.11 -1.29
N PHE A 275 -20.33 -38.49 -2.21
CA PHE A 275 -20.90 -37.15 -2.01
C PHE A 275 -22.38 -37.27 -2.33
N PRO A 276 -23.11 -37.94 -1.42
CA PRO A 276 -24.45 -38.42 -1.77
C PRO A 276 -25.42 -37.36 -2.23
N ASN A 277 -25.33 -36.15 -1.68
CA ASN A 277 -26.32 -35.14 -1.97
C ASN A 277 -25.83 -34.02 -2.87
N CYS A 278 -24.71 -34.27 -3.56
CA CYS A 278 -24.08 -33.23 -4.39
C CYS A 278 -24.84 -33.04 -5.69
N TYR A 279 -24.67 -31.85 -6.27
CA TYR A 279 -25.25 -31.48 -7.56
C TYR A 279 -24.24 -31.81 -8.65
N ILE A 280 -24.68 -32.59 -9.63
CA ILE A 280 -23.81 -33.00 -10.75
C ILE A 280 -24.37 -32.45 -12.03
N LEU A 281 -23.48 -31.95 -12.89
CA LEU A 281 -23.84 -31.55 -14.24
C LEU A 281 -23.06 -32.45 -15.20
N SER A 282 -23.76 -33.11 -16.13
CA SER A 282 -23.09 -34.15 -16.92
C SER A 282 -23.32 -33.94 -18.42
N PRO A 283 -22.33 -33.37 -19.10
CA PRO A 283 -22.34 -33.26 -20.55
C PRO A 283 -21.69 -34.50 -21.19
N GLY A 284 -21.95 -34.70 -22.49
CA GLY A 284 -21.31 -35.77 -23.24
C GLY A 284 -22.21 -36.77 -23.93
N ILE A 285 -23.51 -36.63 -23.76
CA ILE A 285 -24.46 -37.51 -24.45
C ILE A 285 -24.95 -36.81 -25.71
N GLY A 286 -25.07 -37.59 -26.78
CA GLY A 286 -25.59 -37.09 -28.04
C GLY A 286 -24.46 -37.07 -29.04
N ALA A 287 -23.90 -35.88 -29.23
CA ALA A 287 -22.78 -35.68 -30.14
C ALA A 287 -21.51 -36.43 -29.71
N GLN A 288 -21.24 -36.49 -28.42
CA GLN A 288 -20.06 -37.20 -27.90
C GLN A 288 -20.44 -38.63 -27.53
N ASN A 289 -19.55 -39.36 -26.86
CA ASN A 289 -19.78 -40.81 -26.68
C ASN A 289 -20.48 -41.29 -25.40
N GLY A 290 -21.16 -40.39 -24.70
CA GLY A 290 -21.75 -40.73 -23.41
C GLY A 290 -22.92 -41.69 -23.53
N ASP A 291 -23.13 -42.49 -22.50
CA ASP A 291 -24.28 -43.38 -22.52
C ASP A 291 -25.31 -42.92 -21.49
N LEU A 292 -26.51 -42.58 -21.97
CA LEU A 292 -27.55 -42.01 -21.11
C LEU A 292 -27.96 -42.94 -19.98
N HIS A 293 -28.27 -44.21 -20.28
CA HIS A 293 -28.72 -45.10 -19.22
C HIS A 293 -27.67 -45.25 -18.12
N LYS A 294 -26.42 -45.48 -18.51
CA LYS A 294 -25.35 -45.73 -17.54
C LYS A 294 -25.06 -44.46 -16.75
N THR A 295 -25.09 -43.32 -17.42
CA THR A 295 -24.81 -42.05 -16.75
C THR A 295 -25.87 -41.72 -15.71
N LEU A 296 -27.13 -41.76 -16.15
CA LEU A 296 -28.20 -41.38 -15.27
C LEU A 296 -28.32 -42.38 -14.13
N THR A 297 -28.11 -43.67 -14.38
CA THR A 297 -28.16 -44.67 -13.32
C THR A 297 -27.07 -44.42 -12.28
N ASN A 298 -25.83 -44.20 -12.71
N ASN A 298 -25.85 -44.18 -12.76
CA ASN A 298 -24.76 -43.99 -11.72
CA ASN A 298 -24.69 -43.99 -11.88
C ASN A 298 -24.91 -42.68 -10.95
C ASN A 298 -24.73 -42.67 -11.09
N GLY A 299 -25.45 -41.68 -11.62
CA GLY A 299 -25.55 -40.36 -10.99
C GLY A 299 -26.89 -40.10 -10.34
N TYR A 300 -27.77 -41.10 -10.41
CA TYR A 300 -29.14 -40.95 -9.93
C TYR A 300 -29.27 -40.36 -8.51
N HIS A 301 -30.19 -39.42 -8.38
CA HIS A 301 -30.64 -38.95 -7.07
C HIS A 301 -32.15 -38.75 -7.15
N LYS A 302 -32.87 -39.08 -6.07
CA LYS A 302 -34.33 -38.86 -6.11
C LYS A 302 -34.72 -37.38 -6.38
N SER A 303 -33.90 -36.45 -5.88
CA SER A 303 -33.99 -35.05 -6.26
C SER A 303 -33.19 -34.97 -7.54
N TYR A 304 -33.89 -35.29 -8.65
N TYR A 304 -33.79 -35.35 -8.66
CA TYR A 304 -33.37 -35.41 -10.03
CA TYR A 304 -32.96 -35.52 -9.85
C TYR A 304 -32.50 -34.24 -10.45
C TYR A 304 -32.48 -34.21 -10.52
N GLU A 305 -32.84 -33.04 -9.97
CA GLU A 305 -32.13 -31.82 -10.35
C GLU A 305 -30.64 -31.85 -9.96
N LYS A 306 -30.27 -32.82 -9.12
CA LYS A 306 -28.88 -33.05 -8.72
C LYS A 306 -28.12 -33.89 -9.75
N ILE A 307 -28.78 -34.30 -10.83
CA ILE A 307 -28.09 -34.98 -11.92
C ILE A 307 -28.54 -34.42 -13.27
N LEU A 308 -28.03 -33.25 -13.63
CA LEU A 308 -28.39 -32.59 -14.85
C LEU A 308 -27.72 -33.26 -16.04
N ILE A 309 -28.52 -33.59 -17.05
CA ILE A 309 -28.03 -34.32 -18.21
C ILE A 309 -28.05 -33.30 -19.34
N ASN A 310 -26.87 -32.80 -19.69
CA ASN A 310 -26.79 -31.79 -20.74
C ASN A 310 -26.80 -32.38 -22.14
N ILE A 311 -27.67 -31.87 -23.01
CA ILE A 311 -27.68 -32.27 -24.42
C ILE A 311 -27.70 -31.00 -25.27
N GLY A 312 -26.63 -30.78 -26.04
CA GLY A 312 -26.51 -29.61 -26.88
C GLY A 312 -26.77 -29.96 -28.35
N ARG A 313 -25.71 -30.37 -29.04
CA ARG A 313 -25.77 -30.57 -30.47
C ARG A 313 -26.83 -31.56 -30.94
N ALA A 314 -27.08 -32.58 -30.14
CA ALA A 314 -28.06 -33.59 -30.56
C ALA A 314 -29.47 -32.99 -30.61
N ILE A 315 -29.65 -31.84 -29.94
CA ILE A 315 -30.88 -31.09 -30.07
C ILE A 315 -30.74 -29.94 -31.06
N THR A 316 -29.70 -29.13 -30.92
CA THR A 316 -29.60 -27.90 -31.73
C THR A 316 -29.29 -28.16 -33.21
N LYS A 317 -28.64 -29.28 -33.51
CA LYS A 317 -28.36 -29.69 -34.88
C LYS A 317 -29.41 -30.65 -35.45
N ASN A 318 -30.42 -30.98 -34.67
CA ASN A 318 -31.56 -31.76 -35.19
C ASN A 318 -32.50 -30.85 -36.01
N PRO A 319 -32.98 -31.33 -37.18
CA PRO A 319 -33.90 -30.48 -37.92
C PRO A 319 -35.29 -30.40 -37.26
N TYR A 320 -35.53 -31.24 -36.25
CA TYR A 320 -36.79 -31.24 -35.51
C TYR A 320 -36.46 -31.05 -34.02
N PRO A 321 -36.01 -29.85 -33.61
CA PRO A 321 -35.46 -29.75 -32.23
C PRO A 321 -36.46 -30.06 -31.13
N GLN A 322 -37.72 -29.63 -31.29
CA GLN A 322 -38.73 -29.95 -30.27
C GLN A 322 -38.83 -31.46 -30.10
N LYS A 323 -38.86 -32.20 -31.20
CA LYS A 323 -39.04 -33.65 -31.10
C LYS A 323 -37.81 -34.33 -30.54
N ALA A 324 -36.64 -33.77 -30.86
CA ALA A 324 -35.37 -34.27 -30.33
C ALA A 324 -35.38 -34.07 -28.82
N ALA A 325 -35.81 -32.87 -28.40
CA ALA A 325 -35.86 -32.59 -26.96
C ALA A 325 -36.88 -33.52 -26.30
N GLN A 326 -38.03 -33.69 -26.93
CA GLN A 326 -39.02 -34.60 -26.37
C GLN A 326 -38.51 -36.03 -26.19
N MET A 327 -37.72 -36.50 -27.15
N MET A 327 -37.72 -36.48 -27.17
CA MET A 327 -37.20 -37.86 -27.08
CA MET A 327 -37.18 -37.82 -27.16
C MET A 327 -36.21 -38.06 -25.94
C MET A 327 -36.25 -38.02 -25.95
N TYR A 328 -35.35 -37.07 -25.73
CA TYR A 328 -34.43 -37.14 -24.60
C TYR A 328 -35.20 -37.05 -23.28
N TYR A 329 -36.17 -36.14 -23.23
CA TYR A 329 -37.05 -36.00 -22.06
C TYR A 329 -37.72 -37.32 -21.72
N ASP A 330 -38.29 -37.98 -22.75
CA ASP A 330 -38.94 -39.28 -22.59
C ASP A 330 -38.01 -40.42 -22.11
N GLN A 331 -36.83 -40.49 -22.72
N GLN A 331 -36.81 -40.49 -22.70
CA GLN A 331 -35.82 -41.48 -22.33
CA GLN A 331 -35.89 -41.53 -22.28
C GLN A 331 -35.39 -41.26 -20.88
C GLN A 331 -35.33 -41.28 -20.88
N ILE A 332 -35.09 -40.02 -20.54
CA ILE A 332 -34.70 -39.68 -19.17
C ILE A 332 -35.80 -40.07 -18.19
N ASN A 333 -37.04 -39.72 -18.52
CA ASN A 333 -38.12 -40.05 -17.60
C ASN A 333 -38.31 -41.57 -17.40
N ALA A 334 -38.14 -42.36 -18.47
CA ALA A 334 -38.18 -43.83 -18.36
C ALA A 334 -37.08 -44.36 -17.45
N ILE A 335 -35.87 -43.86 -17.62
CA ILE A 335 -34.75 -44.26 -16.76
C ILE A 335 -34.94 -43.79 -15.32
N LEU A 336 -35.42 -42.57 -15.10
CA LEU A 336 -35.70 -42.12 -13.73
C LEU A 336 -36.72 -43.05 -13.07
N LYS A 337 -37.69 -43.51 -13.86
N LYS A 337 -37.69 -43.53 -13.86
CA LYS A 337 -38.70 -44.47 -13.39
CA LYS A 337 -38.71 -44.46 -13.38
C LYS A 337 -38.09 -45.78 -12.95
C LYS A 337 -38.13 -45.81 -12.98
N GLN A 338 -37.19 -46.34 -13.77
CA GLN A 338 -36.50 -47.59 -13.42
C GLN A 338 -35.70 -47.47 -12.13
N ASN A 339 -35.12 -46.29 -11.90
CA ASN A 339 -34.26 -46.05 -10.74
C ASN A 339 -35.00 -45.72 -9.46
N MET A 340 -36.20 -45.21 -9.60
CA MET A 340 -37.09 -44.96 -8.48
C MET A 340 -37.64 -46.30 -7.98
N GLU A 341 -37.57 -47.30 -8.85
CA GLU A 341 -38.42 -48.50 -8.83
C GLU A 341 -39.86 -48.11 -9.20
N SER A 342 -40.15 -48.18 -10.50
CA SER A 342 -41.41 -47.75 -11.11
C SER A 342 -42.48 -47.18 -10.17
N SER B 19 3.41 -12.55 -40.97
CA SER B 19 3.93 -13.85 -41.52
C SER B 19 5.09 -14.45 -40.72
N MET B 20 5.90 -13.61 -40.07
CA MET B 20 6.98 -14.16 -39.26
C MET B 20 6.37 -14.78 -38.02
N GLY B 21 6.94 -15.89 -37.56
CA GLY B 21 6.40 -16.52 -36.36
C GLY B 21 6.67 -15.68 -35.12
N PHE B 22 5.96 -16.00 -34.04
CA PHE B 22 6.08 -15.25 -32.78
C PHE B 22 7.50 -15.31 -32.18
N LYS B 23 8.18 -16.45 -32.31
CA LYS B 23 9.55 -16.55 -31.77
C LYS B 23 10.39 -15.44 -32.40
N VAL B 24 10.23 -15.27 -33.71
CA VAL B 24 11.06 -14.35 -34.49
C VAL B 24 10.64 -12.92 -34.19
N LYS B 25 9.34 -12.66 -34.13
CA LYS B 25 8.85 -11.33 -33.78
C LYS B 25 9.31 -10.89 -32.39
N LEU B 26 9.20 -11.78 -31.41
CA LEU B 26 9.65 -11.47 -30.06
C LEU B 26 11.13 -11.18 -29.99
N GLU B 27 11.94 -12.04 -30.62
CA GLU B 27 13.39 -11.85 -30.62
C GLU B 27 13.73 -10.49 -31.22
N LYS B 28 13.03 -10.12 -32.30
CA LYS B 28 13.39 -8.87 -33.01
C LYS B 28 13.05 -7.65 -32.15
N ARG B 29 11.90 -7.73 -31.49
CA ARG B 29 11.50 -6.68 -30.56
C ARG B 29 12.47 -6.59 -29.37
N ARG B 30 12.91 -7.75 -28.86
CA ARG B 30 13.85 -7.75 -27.74
C ARG B 30 15.15 -7.06 -28.15
N ASN B 31 15.62 -7.33 -29.36
CA ASN B 31 16.83 -6.63 -29.84
C ASN B 31 16.66 -5.14 -30.03
N ALA B 32 15.45 -4.70 -30.32
CA ALA B 32 15.18 -3.28 -30.50
C ALA B 32 15.04 -2.52 -29.20
N ILE B 33 14.40 -3.11 -28.19
CA ILE B 33 14.17 -2.32 -26.98
C ILE B 33 14.92 -2.83 -25.74
N ASN B 34 15.51 -4.02 -25.85
CA ASN B 34 16.42 -4.57 -24.83
C ASN B 34 15.83 -4.72 -23.43
N THR B 35 14.66 -5.34 -23.37
CA THR B 35 14.03 -5.60 -22.08
C THR B 35 13.16 -6.82 -22.17
N CYS B 36 12.69 -7.30 -21.02
CA CYS B 36 11.68 -8.35 -21.02
C CYS B 36 10.43 -7.90 -20.23
N LEU B 37 10.26 -6.59 -20.06
CA LEU B 37 9.04 -6.07 -19.42
C LEU B 37 7.79 -6.38 -20.26
N CYS B 38 6.77 -6.97 -19.62
CA CYS B 38 5.49 -7.20 -20.25
C CYS B 38 4.51 -6.29 -19.51
N ILE B 39 3.93 -5.32 -20.21
CA ILE B 39 2.96 -4.42 -19.56
C ILE B 39 1.56 -5.04 -19.56
N GLY B 40 0.96 -5.18 -18.37
CA GLY B 40 -0.40 -5.75 -18.29
C GLY B 40 -1.41 -4.60 -18.37
N LEU B 41 -2.43 -4.77 -19.20
CA LEU B 41 -3.45 -3.74 -19.38
C LEU B 41 -4.80 -4.34 -18.98
N ASP B 42 -5.08 -4.16 -17.69
CA ASP B 42 -6.25 -4.72 -17.00
C ASP B 42 -7.04 -3.56 -16.37
N PRO B 43 -7.79 -2.81 -17.19
CA PRO B 43 -8.41 -1.61 -16.62
C PRO B 43 -9.69 -1.99 -15.89
N ASP B 44 -9.84 -1.56 -14.63
CA ASP B 44 -11.04 -1.90 -13.88
C ASP B 44 -11.98 -0.70 -13.88
N GLU B 45 -13.15 -0.88 -13.29
CA GLU B 45 -14.19 0.15 -13.39
C GLU B 45 -13.70 1.44 -12.76
N LYS B 46 -12.99 1.34 -11.65
CA LYS B 46 -12.44 2.50 -10.96
C LYS B 46 -11.41 3.22 -11.82
N ASP B 47 -10.59 2.48 -12.57
CA ASP B 47 -9.57 3.11 -13.41
C ASP B 47 -10.27 3.98 -14.45
N ILE B 48 -11.37 3.46 -15.00
CA ILE B 48 -12.05 4.16 -16.10
C ILE B 48 -12.71 5.41 -15.52
N GLU B 49 -13.36 5.24 -14.38
CA GLU B 49 -14.00 6.38 -13.67
C GLU B 49 -12.98 7.44 -13.28
N ASN B 50 -11.86 6.99 -12.71
CA ASN B 50 -10.75 7.88 -12.41
C ASN B 50 -10.19 8.62 -13.62
N PHE B 51 -10.05 7.94 -14.75
CA PHE B 51 -9.58 8.58 -15.98
C PHE B 51 -10.54 9.70 -16.42
N MET B 52 -11.84 9.42 -16.41
N MET B 52 -11.83 9.41 -16.44
CA MET B 52 -12.86 10.42 -16.78
CA MET B 52 -12.84 10.41 -16.75
C MET B 52 -12.86 11.63 -15.85
C MET B 52 -12.66 11.62 -15.86
N LYS B 53 -12.71 11.37 -14.56
CA LYS B 53 -12.58 12.41 -13.54
C LYS B 53 -11.29 13.24 -13.69
N ASN B 54 -10.14 12.57 -13.84
CA ASN B 54 -8.85 13.27 -13.97
C ASN B 54 -8.78 14.08 -15.26
N GLU B 55 -9.36 13.54 -16.33
CA GLU B 55 -9.33 14.21 -17.63
C GLU B 55 -10.26 15.42 -17.66
N LYS B 56 -11.36 15.35 -16.92
N LYS B 56 -11.38 15.35 -16.94
CA LYS B 56 -12.26 16.49 -16.74
CA LYS B 56 -12.22 16.54 -16.77
C LYS B 56 -11.56 17.63 -16.00
C LYS B 56 -11.40 17.63 -16.12
N GLU B 57 -10.71 17.28 -15.04
CA GLU B 57 -9.91 18.22 -14.27
C GLU B 57 -8.72 18.84 -15.02
N ASN B 58 -8.00 18.05 -15.82
CA ASN B 58 -6.82 18.55 -16.52
C ASN B 58 -7.13 19.05 -17.95
N ASN B 59 -8.42 19.23 -18.24
CA ASN B 59 -8.89 19.70 -19.54
C ASN B 59 -8.49 18.74 -20.66
N TYR B 60 -8.59 17.45 -20.34
CA TYR B 60 -8.44 16.38 -21.33
C TYR B 60 -7.06 16.31 -21.94
N ASN B 61 -6.04 16.60 -21.12
CA ASN B 61 -4.64 16.59 -21.53
C ASN B 61 -4.25 15.27 -22.23
N ASN B 62 -4.66 14.16 -21.66
CA ASN B 62 -4.20 12.88 -22.20
C ASN B 62 -5.02 12.43 -23.41
N ILE B 63 -6.31 12.67 -23.37
CA ILE B 63 -7.12 12.36 -24.53
C ILE B 63 -6.72 13.21 -25.74
N LYS B 64 -6.43 14.48 -25.49
CA LYS B 64 -5.87 15.31 -26.57
C LYS B 64 -4.57 14.75 -27.17
N LYS B 65 -3.67 14.23 -26.34
CA LYS B 65 -2.49 13.54 -26.88
C LYS B 65 -2.84 12.30 -27.69
N ASN B 66 -3.80 11.51 -27.18
CA ASN B 66 -4.23 10.31 -27.91
C ASN B 66 -4.70 10.65 -29.34
N LEU B 67 -5.43 11.75 -29.46
CA LEU B 67 -6.01 12.16 -30.73
C LEU B 67 -4.97 12.55 -31.78
N LYS B 68 -3.78 12.89 -31.32
CA LYS B 68 -2.66 13.26 -32.21
C LYS B 68 -1.90 12.05 -32.74
N GLU B 69 -2.04 10.90 -32.09
CA GLU B 69 -1.36 9.69 -32.57
C GLU B 69 -1.84 9.16 -33.91
N LYS B 70 -0.90 8.80 -34.79
CA LYS B 70 -1.22 8.26 -36.12
C LYS B 70 -2.31 7.16 -36.09
N TYR B 71 -2.05 6.11 -35.34
CA TYR B 71 -2.80 4.87 -35.56
C TYR B 71 -4.22 4.85 -34.96
N ILE B 72 -4.60 5.89 -34.23
CA ILE B 72 -6.00 6.02 -33.82
C ILE B 72 -6.90 6.06 -35.08
N ASN B 73 -6.34 6.51 -36.19
CA ASN B 73 -7.03 6.58 -37.48
C ASN B 73 -7.25 5.22 -38.14
N ASN B 74 -6.68 4.17 -37.54
CA ASN B 74 -6.75 2.85 -38.13
C ASN B 74 -7.63 1.84 -37.35
N VAL B 75 -8.08 2.18 -36.14
CA VAL B 75 -8.96 1.25 -35.44
C VAL B 75 -10.31 1.14 -36.17
N SER B 76 -10.93 -0.02 -36.03
CA SER B 76 -12.02 -0.41 -36.92
C SER B 76 -13.41 -0.24 -36.31
N ILE B 77 -13.49 0.00 -35.00
N ILE B 77 -13.50 -0.02 -35.00
CA ILE B 77 -14.78 0.07 -34.32
CA ILE B 77 -14.80 0.05 -34.34
C ILE B 77 -15.07 1.43 -33.73
C ILE B 77 -15.06 1.43 -33.74
N LYS B 78 -16.12 2.07 -34.25
CA LYS B 78 -16.57 3.37 -33.77
C LYS B 78 -15.44 4.41 -33.78
N LYS B 79 -14.62 4.37 -34.82
CA LYS B 79 -13.53 5.32 -34.95
C LYS B 79 -14.03 6.76 -34.87
N ASP B 80 -15.17 7.05 -35.51
CA ASP B 80 -15.72 8.42 -35.52
C ASP B 80 -16.07 8.94 -34.15
N ILE B 81 -16.59 8.06 -33.28
N ILE B 81 -16.58 8.07 -33.28
CA ILE B 81 -16.86 8.40 -31.88
CA ILE B 81 -16.85 8.40 -31.88
C ILE B 81 -15.54 8.68 -31.14
C ILE B 81 -15.55 8.67 -31.12
N LEU B 82 -14.56 7.82 -31.32
CA LEU B 82 -13.26 7.98 -30.63
C LEU B 82 -12.54 9.28 -31.02
N LEU B 83 -12.75 9.71 -32.27
CA LEU B 83 -12.10 10.92 -32.80
C LEU B 83 -12.77 12.21 -32.36
N LYS B 84 -13.93 12.13 -31.73
CA LYS B 84 -14.62 13.31 -31.25
C LYS B 84 -13.90 13.93 -30.06
N ALA B 85 -14.08 15.23 -29.88
CA ALA B 85 -13.57 15.91 -28.69
C ALA B 85 -14.31 15.43 -27.44
N PRO B 86 -13.55 15.19 -26.35
CA PRO B 86 -14.13 14.73 -25.09
C PRO B 86 -15.34 15.55 -24.65
N ASP B 87 -15.27 16.86 -24.83
CA ASP B 87 -16.38 17.77 -24.45
C ASP B 87 -17.67 17.51 -25.22
N ASN B 88 -17.55 17.17 -26.51
N ASN B 88 -17.55 17.18 -26.52
CA ASN B 88 -18.69 16.79 -27.34
CA ASN B 88 -18.71 16.79 -27.30
C ASN B 88 -19.37 15.47 -26.94
C ASN B 88 -19.38 15.52 -26.75
N ILE B 89 -18.58 14.47 -26.56
CA ILE B 89 -19.10 13.17 -26.12
C ILE B 89 -20.01 13.22 -24.89
N ILE B 90 -19.55 13.87 -23.82
CA ILE B 90 -20.26 13.86 -22.53
C ILE B 90 -21.71 14.38 -22.61
N ARG B 91 -21.91 15.38 -23.47
CA ARG B 91 -23.21 16.04 -23.56
C ARG B 91 -24.07 15.54 -24.71
N GLU B 92 -23.46 15.24 -25.85
CA GLU B 92 -24.23 14.85 -27.05
C GLU B 92 -24.12 13.38 -27.46
N GLU B 93 -23.36 12.59 -26.70
CA GLU B 93 -23.20 11.16 -26.98
C GLU B 93 -23.12 10.37 -25.67
N LYS B 94 -24.04 10.67 -24.75
CA LYS B 94 -23.97 10.11 -23.41
C LYS B 94 -23.87 8.59 -23.42
N SER B 95 -24.54 7.96 -24.39
CA SER B 95 -24.57 6.50 -24.44
C SER B 95 -23.23 5.92 -24.91
N GLU B 96 -22.39 6.76 -25.51
CA GLU B 96 -21.06 6.35 -25.95
C GLU B 96 -19.96 6.77 -24.98
N GLU B 97 -20.34 7.44 -23.90
CA GLU B 97 -19.38 8.02 -22.97
C GLU B 97 -18.45 6.97 -22.36
N PHE B 98 -19.02 5.87 -21.89
CA PHE B 98 -18.24 4.81 -21.25
C PHE B 98 -17.30 4.14 -22.25
N PHE B 99 -17.84 3.79 -23.43
CA PHE B 99 -17.01 3.29 -24.54
C PHE B 99 -15.81 4.21 -24.78
N TYR B 100 -16.10 5.51 -24.90
CA TYR B 100 -15.07 6.49 -25.27
C TYR B 100 -13.96 6.59 -24.23
N PHE B 101 -14.33 6.78 -22.97
CA PHE B 101 -13.34 6.93 -21.92
C PHE B 101 -12.58 5.63 -21.61
N PHE B 102 -13.29 4.50 -21.73
CA PHE B 102 -12.64 3.19 -21.55
C PHE B 102 -11.58 3.04 -22.63
N ASN B 103 -11.96 3.18 -23.91
CA ASN B 103 -10.99 3.04 -24.98
C ASN B 103 -9.85 4.05 -24.85
N HIS B 104 -10.17 5.29 -24.47
CA HIS B 104 -9.13 6.30 -24.41
C HIS B 104 -8.18 6.05 -23.25
N PHE B 105 -8.68 5.49 -22.16
CA PHE B 105 -7.79 5.07 -21.10
C PHE B 105 -6.79 4.05 -21.63
N CYS B 106 -7.28 3.02 -22.31
CA CYS B 106 -6.38 2.03 -22.90
C CYS B 106 -5.34 2.64 -23.85
N PHE B 107 -5.78 3.49 -24.77
CA PHE B 107 -4.84 4.13 -25.68
C PHE B 107 -3.83 4.99 -24.92
N TYR B 108 -4.25 5.64 -23.84
CA TYR B 108 -3.36 6.49 -23.03
C TYR B 108 -2.25 5.66 -22.40
N ILE B 109 -2.63 4.57 -21.75
CA ILE B 109 -1.63 3.67 -21.18
C ILE B 109 -0.66 3.16 -22.24
N ILE B 110 -1.18 2.68 -23.37
CA ILE B 110 -0.32 2.17 -24.42
C ILE B 110 0.62 3.28 -24.95
N ASN B 111 0.06 4.45 -25.19
CA ASN B 111 0.89 5.57 -25.69
C ASN B 111 2.02 5.94 -24.73
N GLU B 112 1.70 5.99 -23.44
CA GLU B 112 2.66 6.39 -22.41
C GLU B 112 3.76 5.37 -22.14
N THR B 113 3.46 4.10 -22.38
CA THR B 113 4.34 3.06 -21.87
C THR B 113 4.96 2.15 -22.93
N ASN B 114 4.46 2.19 -24.17
CA ASN B 114 4.90 1.18 -25.14
C ASN B 114 6.40 1.17 -25.46
N LYS B 115 7.08 2.32 -25.34
CA LYS B 115 8.51 2.36 -25.64
C LYS B 115 9.35 1.47 -24.70
N TYR B 116 8.75 1.08 -23.58
CA TYR B 116 9.42 0.25 -22.59
C TYR B 116 8.96 -1.20 -22.64
N ALA B 117 8.03 -1.55 -23.53
CA ALA B 117 7.36 -2.84 -23.41
C ALA B 117 7.86 -3.89 -24.41
N LEU B 118 8.30 -5.04 -23.95
CA LEU B 118 8.53 -6.13 -24.91
C LEU B 118 7.19 -6.69 -25.43
N THR B 119 6.19 -6.74 -24.54
N THR B 119 6.18 -6.75 -24.56
CA THR B 119 4.91 -7.37 -24.80
CA THR B 119 4.88 -7.22 -24.95
C THR B 119 3.84 -6.61 -24.02
C THR B 119 3.85 -6.54 -24.08
N PHE B 120 2.58 -6.63 -24.48
CA PHE B 120 1.45 -6.22 -23.66
C PHE B 120 0.58 -7.43 -23.43
N LYS B 121 0.07 -7.58 -22.20
CA LYS B 121 -0.87 -8.68 -21.92
C LYS B 121 -2.20 -8.11 -21.45
N MET B 122 -3.28 -8.48 -22.12
CA MET B 122 -4.60 -7.93 -21.79
C MET B 122 -5.39 -9.07 -21.16
N ASN B 123 -5.89 -8.89 -19.95
CA ASN B 123 -6.67 -9.97 -19.35
C ASN B 123 -8.15 -9.75 -19.71
N PHE B 124 -8.68 -10.72 -20.45
CA PHE B 124 -10.04 -10.69 -20.98
C PHE B 124 -11.11 -10.36 -19.92
N ALA B 125 -10.85 -10.75 -18.67
CA ALA B 125 -11.86 -10.60 -17.61
C ALA B 125 -12.28 -9.14 -17.44
N PHE B 126 -11.33 -8.23 -17.68
CA PHE B 126 -11.57 -6.80 -17.51
C PHE B 126 -12.39 -6.20 -18.63
N TYR B 127 -12.49 -6.93 -19.75
CA TYR B 127 -13.16 -6.38 -20.93
C TYR B 127 -14.58 -6.85 -21.13
N ILE B 128 -14.99 -7.85 -20.35
CA ILE B 128 -16.31 -8.47 -20.52
C ILE B 128 -17.43 -8.01 -19.58
N PRO B 129 -17.11 -7.36 -18.42
CA PRO B 129 -18.21 -7.35 -17.43
C PRO B 129 -19.32 -6.32 -17.68
N TYR B 130 -19.13 -5.46 -18.70
CA TYR B 130 -20.14 -4.47 -19.14
C TYR B 130 -20.91 -4.98 -20.34
N GLY B 131 -20.69 -6.25 -20.70
CA GLY B 131 -21.27 -6.80 -21.92
C GLY B 131 -20.47 -6.44 -23.16
N SER B 132 -21.17 -6.18 -24.27
CA SER B 132 -20.49 -6.05 -25.57
C SER B 132 -19.50 -4.88 -25.70
N VAL B 133 -19.80 -3.78 -25.01
CA VAL B 133 -19.03 -2.55 -25.18
C VAL B 133 -17.51 -2.79 -24.95
N GLY B 134 -17.20 -3.52 -23.89
CA GLY B 134 -15.79 -3.77 -23.59
C GLY B 134 -15.07 -4.67 -24.58
N ILE B 135 -15.81 -5.48 -25.32
CA ILE B 135 -15.23 -6.34 -26.35
C ILE B 135 -14.89 -5.48 -27.58
N ASP B 136 -15.71 -4.44 -27.83
CA ASP B 136 -15.30 -3.49 -28.87
C ASP B 136 -14.00 -2.78 -28.48
N VAL B 137 -13.91 -2.35 -27.23
CA VAL B 137 -12.70 -1.72 -26.71
C VAL B 137 -11.52 -2.69 -26.87
N LEU B 138 -11.70 -3.93 -26.44
CA LEU B 138 -10.65 -4.95 -26.59
C LEU B 138 -10.16 -5.15 -28.01
N LYS B 139 -11.08 -5.21 -28.96
CA LYS B 139 -10.70 -5.30 -30.37
C LYS B 139 -9.90 -4.08 -30.80
N ASN B 140 -10.39 -2.88 -30.47
CA ASN B 140 -9.65 -1.68 -30.79
C ASN B 140 -8.25 -1.65 -30.18
N VAL B 141 -8.11 -2.17 -28.95
CA VAL B 141 -6.81 -2.28 -28.33
C VAL B 141 -5.90 -3.24 -29.09
N PHE B 142 -6.42 -4.40 -29.46
CA PHE B 142 -5.60 -5.32 -30.22
C PHE B 142 -5.25 -4.78 -31.60
N ASP B 143 -6.16 -4.05 -32.25
CA ASP B 143 -5.84 -3.47 -33.57
C ASP B 143 -4.73 -2.42 -33.45
N TYR B 144 -4.82 -1.64 -32.36
CA TYR B 144 -3.89 -0.54 -32.11
C TYR B 144 -2.49 -1.08 -31.84
N LEU B 145 -2.40 -2.10 -30.97
CA LEU B 145 -1.12 -2.78 -30.78
C LEU B 145 -0.57 -3.41 -32.06
N TYR B 146 -1.44 -3.97 -32.90
CA TYR B 146 -1.02 -4.59 -34.14
C TYR B 146 -0.38 -3.53 -35.07
N GLU B 147 -0.99 -2.36 -35.12
CA GLU B 147 -0.47 -1.24 -35.93
C GLU B 147 0.87 -0.77 -35.40
N LEU B 148 1.02 -0.78 -34.07
CA LEU B 148 2.30 -0.41 -33.46
C LEU B 148 3.33 -1.52 -33.54
N ASN B 149 2.92 -2.71 -33.98
CA ASN B 149 3.78 -3.88 -34.11
C ASN B 149 4.34 -4.31 -32.76
N ILE B 150 3.48 -4.37 -31.75
CA ILE B 150 3.95 -4.70 -30.40
C ILE B 150 3.39 -6.08 -30.09
N PRO B 151 4.24 -7.00 -29.60
CA PRO B 151 3.77 -8.36 -29.33
C PRO B 151 2.63 -8.35 -28.32
N THR B 152 1.67 -9.24 -28.55
CA THR B 152 0.45 -9.26 -27.72
C THR B 152 0.23 -10.62 -27.07
N ILE B 153 -0.35 -10.60 -25.87
CA ILE B 153 -0.84 -11.83 -25.23
C ILE B 153 -2.28 -11.55 -24.79
N LEU B 154 -3.20 -12.43 -25.17
CA LEU B 154 -4.58 -12.34 -24.62
C LEU B 154 -4.64 -13.36 -23.47
N ASP B 155 -4.83 -12.83 -22.26
CA ASP B 155 -4.83 -13.70 -21.06
C ASP B 155 -6.29 -14.01 -20.75
N MET B 156 -6.69 -15.23 -21.11
N MET B 156 -6.73 -15.21 -21.08
CA MET B 156 -8.07 -15.69 -20.99
CA MET B 156 -8.08 -15.61 -20.71
C MET B 156 -8.16 -17.05 -20.28
C MET B 156 -8.13 -16.99 -20.04
N LYS B 157 -7.01 -17.69 -20.07
CA LYS B 157 -6.95 -19.00 -19.40
C LYS B 157 -7.98 -20.00 -19.92
N ILE B 158 -8.07 -20.05 -21.25
CA ILE B 158 -9.08 -20.85 -21.91
C ILE B 158 -8.90 -22.34 -21.67
N ASN B 159 -10.04 -23.02 -21.63
CA ASN B 159 -10.07 -24.47 -21.50
C ASN B 159 -11.43 -25.00 -21.92
N ASP B 160 -11.43 -26.03 -22.79
CA ASP B 160 -12.66 -26.75 -23.06
C ASP B 160 -12.35 -27.97 -23.92
N ILE B 161 -13.40 -28.69 -24.33
CA ILE B 161 -13.23 -29.71 -25.33
C ILE B 161 -12.84 -29.14 -26.68
N GLY B 162 -12.29 -30.00 -27.54
CA GLY B 162 -11.77 -29.54 -28.83
C GLY B 162 -12.78 -28.78 -29.68
N ASN B 163 -14.01 -29.30 -29.83
CA ASN B 163 -15.00 -28.59 -30.66
C ASN B 163 -15.33 -27.18 -30.14
N THR B 164 -15.41 -27.03 -28.83
CA THR B 164 -15.71 -25.73 -28.26
C THR B 164 -14.49 -24.78 -28.33
N VAL B 165 -13.30 -25.28 -28.03
CA VAL B 165 -12.14 -24.40 -27.91
C VAL B 165 -11.74 -23.74 -29.24
N LYS B 166 -12.16 -24.34 -30.35
CA LYS B 166 -11.87 -23.79 -31.66
C LYS B 166 -12.47 -22.40 -31.80
N ASN B 167 -13.55 -22.13 -31.06
CA ASN B 167 -14.12 -20.79 -31.02
C ASN B 167 -13.15 -19.75 -30.46
N TYR B 168 -12.44 -20.15 -29.40
CA TYR B 168 -11.43 -19.27 -28.81
C TYR B 168 -10.24 -19.12 -29.74
N ARG B 169 -9.83 -20.19 -30.43
CA ARG B 169 -8.77 -20.04 -31.43
C ARG B 169 -9.16 -18.96 -32.45
N LYS B 170 -10.40 -19.02 -32.92
CA LYS B 170 -10.88 -18.00 -33.87
C LYS B 170 -10.89 -16.60 -33.27
N PHE B 171 -11.53 -16.47 -32.10
CA PHE B 171 -11.59 -15.16 -31.47
C PHE B 171 -10.20 -14.57 -31.22
N ILE B 172 -9.31 -15.37 -30.66
CA ILE B 172 -8.00 -14.86 -30.23
C ILE B 172 -7.05 -14.63 -31.41
N PHE B 173 -6.97 -15.63 -32.29
CA PHE B 173 -5.90 -15.61 -33.28
C PHE B 173 -6.37 -15.07 -34.61
N GLU B 174 -7.67 -15.08 -34.86
CA GLU B 174 -8.17 -14.56 -36.16
C GLU B 174 -8.82 -13.19 -36.02
N TYR B 175 -9.70 -13.06 -35.03
CA TYR B 175 -10.42 -11.80 -34.83
C TYR B 175 -9.52 -10.75 -34.20
N LEU B 176 -8.94 -11.06 -33.03
CA LEU B 176 -8.05 -10.12 -32.35
C LEU B 176 -6.66 -10.04 -33.00
N LYS B 177 -6.29 -11.07 -33.75
CA LYS B 177 -4.94 -11.22 -34.32
C LYS B 177 -3.85 -11.19 -33.23
N SER B 178 -4.18 -11.75 -32.06
CA SER B 178 -3.19 -11.89 -31.00
C SER B 178 -2.01 -12.74 -31.42
N ASP B 179 -0.85 -12.47 -30.84
CA ASP B 179 0.29 -13.36 -31.06
C ASP B 179 0.24 -14.61 -30.19
N SER B 180 -0.41 -14.48 -29.02
CA SER B 180 -0.36 -15.60 -28.06
C SER B 180 -1.55 -15.52 -27.10
N CYS B 181 -1.76 -16.60 -26.36
CA CYS B 181 -2.81 -16.56 -25.34
C CYS B 181 -2.39 -17.42 -24.16
N THR B 182 -3.16 -17.30 -23.08
CA THR B 182 -2.93 -18.24 -21.96
C THR B 182 -3.98 -19.33 -21.98
N VAL B 183 -3.61 -20.50 -21.46
CA VAL B 183 -4.45 -21.71 -21.51
C VAL B 183 -4.32 -22.47 -20.18
N ASN B 184 -5.44 -23.01 -19.68
CA ASN B 184 -5.40 -23.90 -18.52
C ASN B 184 -5.60 -25.33 -19.02
N ILE B 185 -4.58 -26.18 -18.96
CA ILE B 185 -4.68 -27.52 -19.55
C ILE B 185 -5.09 -28.61 -18.55
N TYR B 186 -5.72 -28.22 -17.44
CA TYR B 186 -6.13 -29.25 -16.47
C TYR B 186 -7.04 -30.32 -17.08
N MET B 187 -7.95 -29.93 -17.99
CA MET B 187 -8.82 -30.91 -18.68
C MET B 187 -7.97 -31.90 -19.49
N GLY B 188 -6.83 -31.45 -19.97
CA GLY B 188 -5.98 -32.26 -20.84
C GLY B 188 -5.14 -31.42 -21.77
N THR B 189 -4.23 -32.08 -22.46
N THR B 189 -4.17 -32.04 -22.41
CA THR B 189 -3.34 -31.34 -23.31
CA THR B 189 -3.32 -31.31 -23.36
C THR B 189 -3.81 -31.39 -24.76
C THR B 189 -3.86 -31.34 -24.78
N ASN B 190 -4.75 -32.29 -25.06
CA ASN B 190 -5.26 -32.42 -26.43
C ASN B 190 -5.95 -31.15 -26.93
N MET B 191 -6.56 -30.41 -26.01
CA MET B 191 -7.12 -29.11 -26.39
C MET B 191 -6.13 -28.23 -27.16
N LEU B 192 -4.82 -28.36 -26.88
CA LEU B 192 -3.86 -27.48 -27.52
C LEU B 192 -3.79 -27.72 -29.03
N LYS B 193 -4.14 -28.93 -29.49
CA LYS B 193 -4.18 -29.17 -30.95
C LYS B 193 -5.15 -28.26 -31.66
N ASP B 194 -6.21 -27.83 -30.96
CA ASP B 194 -7.22 -26.96 -31.51
C ASP B 194 -7.08 -25.50 -31.02
N ILE B 195 -5.95 -25.16 -30.39
CA ILE B 195 -5.63 -23.79 -29.98
C ILE B 195 -4.39 -23.29 -30.72
N CYS B 196 -3.33 -24.09 -30.67
CA CYS B 196 -2.04 -23.68 -31.22
C CYS B 196 -1.86 -24.08 -32.69
N TYR B 197 -2.82 -24.77 -33.27
CA TYR B 197 -2.65 -25.26 -34.65
C TYR B 197 -4.02 -25.25 -35.34
N ASP B 198 -4.03 -24.81 -36.60
CA ASP B 198 -5.22 -24.86 -37.44
C ASP B 198 -4.83 -25.64 -38.69
N GLU B 199 -5.26 -26.90 -38.76
CA GLU B 199 -4.79 -27.81 -39.81
C GLU B 199 -5.25 -27.34 -41.19
N GLU B 200 -6.50 -26.90 -41.29
CA GLU B 200 -7.03 -26.44 -42.59
C GLU B 200 -6.33 -25.19 -43.12
N LYS B 201 -6.01 -24.25 -42.24
CA LYS B 201 -5.35 -23.02 -42.62
C LYS B 201 -3.82 -23.16 -42.58
N ASN B 202 -3.35 -24.31 -42.08
CA ASN B 202 -1.92 -24.55 -41.85
C ASN B 202 -1.29 -23.38 -41.10
N LYS B 203 -1.88 -23.04 -39.96
CA LYS B 203 -1.40 -21.93 -39.13
C LYS B 203 -1.02 -22.46 -37.76
N TYR B 204 0.01 -21.84 -37.19
CA TYR B 204 0.52 -22.23 -35.88
C TYR B 204 0.51 -20.99 -34.98
N TYR B 205 0.15 -21.18 -33.71
CA TYR B 205 0.01 -20.04 -32.80
C TYR B 205 0.69 -20.36 -31.49
N SER B 206 1.03 -19.34 -30.70
CA SER B 206 1.76 -19.63 -29.46
C SER B 206 0.87 -19.50 -28.21
N ALA B 207 1.23 -20.20 -27.15
CA ALA B 207 0.44 -20.10 -25.91
C ALA B 207 1.32 -20.26 -24.68
N PHE B 208 0.83 -19.79 -23.55
CA PHE B 208 1.47 -20.08 -22.27
C PHE B 208 0.44 -20.83 -21.43
N VAL B 209 0.84 -22.00 -20.93
CA VAL B 209 -0.04 -22.79 -20.06
C VAL B 209 0.21 -22.51 -18.59
N LEU B 210 -0.86 -22.59 -17.77
CA LEU B 210 -0.68 -22.34 -16.35
C LEU B 210 0.16 -23.46 -15.72
N VAL B 211 1.20 -23.08 -14.99
CA VAL B 211 2.11 -24.06 -14.35
C VAL B 211 2.09 -23.81 -12.85
N LYS B 212 2.51 -22.62 -12.41
CA LYS B 212 2.46 -22.32 -10.97
C LYS B 212 1.95 -20.91 -10.85
N THR B 213 0.83 -20.75 -10.15
CA THR B 213 0.15 -19.47 -10.09
C THR B 213 0.36 -18.71 -8.79
N THR B 214 -0.01 -17.44 -8.80
CA THR B 214 0.32 -16.53 -7.69
C THR B 214 -0.70 -16.55 -6.57
N ASN B 215 -1.83 -17.20 -6.78
CA ASN B 215 -2.83 -17.11 -5.71
C ASN B 215 -2.35 -17.84 -4.47
N PRO B 216 -2.78 -17.35 -3.30
CA PRO B 216 -2.15 -17.79 -2.04
C PRO B 216 -2.26 -19.28 -1.80
N ASP B 217 -3.33 -19.90 -2.29
CA ASP B 217 -3.52 -21.35 -2.13
C ASP B 217 -3.17 -22.20 -3.36
N SER B 218 -2.30 -21.68 -4.23
CA SER B 218 -1.96 -22.34 -5.48
C SER B 218 -1.33 -23.73 -5.25
N ALA B 219 -0.74 -23.93 -4.06
CA ALA B 219 -0.13 -25.23 -3.78
C ALA B 219 -1.11 -26.39 -3.64
N ILE B 220 -2.39 -26.08 -3.45
N ILE B 220 -2.39 -26.09 -3.42
CA ILE B 220 -3.35 -27.11 -3.06
CA ILE B 220 -3.35 -27.14 -3.08
C ILE B 220 -3.57 -28.20 -4.12
C ILE B 220 -3.41 -28.25 -4.13
N PHE B 221 -3.39 -27.83 -5.39
CA PHE B 221 -3.41 -28.82 -6.48
C PHE B 221 -2.07 -28.83 -7.20
N GLN B 222 -1.41 -27.68 -7.32
CA GLN B 222 -0.20 -27.64 -8.16
C GLN B 222 1.02 -28.29 -7.51
N LYS B 223 1.02 -28.32 -6.19
CA LYS B 223 2.15 -28.90 -5.44
C LYS B 223 1.76 -30.15 -4.68
N ASN B 224 0.55 -30.17 -4.10
CA ASN B 224 0.14 -31.36 -3.32
C ASN B 224 -0.13 -32.59 -4.18
N LEU B 225 -0.65 -32.40 -5.40
CA LEU B 225 -0.94 -33.53 -6.27
C LEU B 225 0.37 -33.96 -6.88
N SER B 226 0.56 -35.25 -7.10
CA SER B 226 1.82 -35.69 -7.69
C SER B 226 1.64 -36.97 -8.50
N LEU B 227 2.69 -37.30 -9.25
CA LEU B 227 2.73 -38.51 -10.07
C LEU B 227 4.20 -38.81 -10.30
N ASP B 228 4.57 -40.08 -10.17
CA ASP B 228 5.95 -40.50 -10.44
C ASP B 228 7.00 -39.64 -9.72
N ASN B 229 6.72 -39.31 -8.46
CA ASN B 229 7.66 -38.54 -7.64
C ASN B 229 7.87 -37.09 -8.13
N LYS B 230 6.90 -36.57 -8.88
CA LYS B 230 6.98 -35.21 -9.42
C LYS B 230 5.69 -34.51 -9.09
N GLN B 231 5.78 -33.25 -8.64
N GLN B 231 5.79 -33.25 -8.64
CA GLN B 231 4.58 -32.50 -8.31
CA GLN B 231 4.62 -32.44 -8.31
C GLN B 231 3.84 -32.12 -9.58
C GLN B 231 3.84 -32.11 -9.58
N ALA B 232 2.55 -31.87 -9.42
CA ALA B 232 1.65 -31.62 -10.55
C ALA B 232 2.16 -30.52 -11.48
N TYR B 233 2.72 -29.45 -10.97
CA TYR B 233 3.16 -28.37 -11.85
C TYR B 233 4.25 -28.84 -12.81
N VAL B 234 5.08 -29.77 -12.35
CA VAL B 234 6.16 -30.33 -13.16
C VAL B 234 5.56 -31.25 -14.24
N ILE B 235 4.63 -32.11 -13.83
CA ILE B 235 3.90 -33.01 -14.74
C ILE B 235 3.21 -32.20 -15.84
N MET B 236 2.59 -31.08 -15.45
CA MET B 236 1.83 -30.27 -16.38
C MET B 236 2.76 -29.54 -17.36
N ALA B 237 3.88 -29.00 -16.87
CA ALA B 237 4.90 -28.40 -17.75
C ALA B 237 5.43 -29.45 -18.75
N GLN B 238 5.72 -30.67 -18.27
CA GLN B 238 6.21 -31.73 -19.19
C GLN B 238 5.22 -32.06 -20.29
N GLU B 239 3.96 -32.25 -19.89
CA GLU B 239 2.92 -32.62 -20.84
C GLU B 239 2.71 -31.50 -21.85
N ALA B 240 2.78 -30.24 -21.43
CA ALA B 240 2.64 -29.13 -22.36
C ALA B 240 3.78 -29.13 -23.38
N LEU B 241 5.00 -29.38 -22.93
CA LEU B 241 6.12 -29.50 -23.89
C LEU B 241 6.02 -30.71 -24.81
N ASN B 242 5.56 -31.85 -24.29
CA ASN B 242 5.30 -33.04 -25.11
C ASN B 242 4.34 -32.71 -26.26
N MET B 243 3.28 -31.95 -25.96
CA MET B 243 2.33 -31.56 -26.99
C MET B 243 2.92 -30.54 -27.97
N SER B 244 3.71 -29.59 -27.47
CA SER B 244 4.42 -28.66 -28.36
C SER B 244 5.31 -29.41 -29.35
N SER B 245 6.00 -30.43 -28.85
CA SER B 245 6.85 -31.30 -29.68
C SER B 245 6.02 -32.09 -30.69
N TYR B 246 4.93 -32.68 -30.24
CA TYR B 246 3.96 -33.37 -31.13
C TYR B 246 3.53 -32.46 -32.28
N LEU B 247 3.15 -31.22 -31.95
CA LEU B 247 2.69 -30.27 -32.94
C LEU B 247 3.78 -29.68 -33.82
N ASN B 248 5.04 -29.94 -33.47
CA ASN B 248 6.19 -29.40 -34.20
C ASN B 248 6.19 -27.86 -34.18
N LEU B 249 5.85 -27.27 -33.04
CA LEU B 249 5.68 -25.82 -33.00
C LEU B 249 6.98 -25.08 -33.21
N GLU B 250 8.06 -25.54 -32.57
CA GLU B 250 9.38 -24.90 -32.64
C GLU B 250 9.81 -24.69 -34.11
N GLN B 251 9.65 -25.74 -34.92
CA GLN B 251 10.04 -25.69 -36.34
C GLN B 251 9.22 -24.65 -37.09
N ASN B 252 8.00 -24.41 -36.60
CA ASN B 252 7.13 -23.39 -37.16
C ASN B 252 7.21 -22.02 -36.45
N ASN B 253 8.24 -21.83 -35.63
CA ASN B 253 8.55 -20.52 -35.07
C ASN B 253 7.53 -20.06 -34.04
N GLU B 254 6.89 -21.03 -33.40
CA GLU B 254 5.91 -20.75 -32.35
C GLU B 254 6.29 -21.56 -31.14
N PHE B 255 5.58 -21.39 -30.02
CA PHE B 255 5.95 -22.10 -28.81
C PHE B 255 4.77 -22.31 -27.91
N ILE B 256 4.93 -23.27 -27.02
CA ILE B 256 4.09 -23.40 -25.84
C ILE B 256 5.02 -23.11 -24.67
N GLY B 257 4.65 -22.11 -23.88
CA GLY B 257 5.42 -21.71 -22.70
C GLY B 257 4.63 -21.89 -21.42
N PHE B 258 5.16 -21.36 -20.32
CA PHE B 258 4.61 -21.63 -19.00
C PHE B 258 4.34 -20.34 -18.26
N VAL B 259 3.18 -20.25 -17.59
CA VAL B 259 2.98 -19.19 -16.59
C VAL B 259 3.52 -19.65 -15.24
N VAL B 260 4.52 -18.94 -14.68
CA VAL B 260 5.10 -19.23 -13.37
C VAL B 260 5.12 -17.93 -12.57
N GLY B 261 4.45 -17.96 -11.42
CA GLY B 261 4.22 -16.78 -10.58
C GLY B 261 5.52 -16.14 -10.12
N ALA B 262 5.49 -14.80 -10.02
CA ALA B 262 6.66 -14.03 -9.57
C ALA B 262 6.81 -13.99 -8.05
N ASN B 263 6.04 -14.83 -7.37
CA ASN B 263 6.23 -15.06 -5.93
C ASN B 263 6.61 -16.51 -5.65
N SER B 264 6.93 -17.25 -6.70
CA SER B 264 7.09 -18.70 -6.64
C SER B 264 8.53 -19.04 -6.97
N TYR B 265 9.44 -18.61 -6.10
CA TYR B 265 10.86 -18.55 -6.46
C TYR B 265 11.45 -19.94 -6.63
N ASP B 266 11.08 -20.87 -5.74
CA ASP B 266 11.61 -22.21 -5.85
C ASP B 266 11.13 -22.90 -7.13
N GLU B 267 9.85 -22.69 -7.45
CA GLU B 267 9.30 -23.30 -8.63
C GLU B 267 9.88 -22.65 -9.89
N MET B 268 10.07 -21.32 -9.87
CA MET B 268 10.73 -20.66 -10.99
C MET B 268 12.13 -21.26 -11.22
N ASN B 269 12.87 -21.45 -10.12
CA ASN B 269 14.21 -22.03 -10.25
C ASN B 269 14.11 -23.47 -10.82
N TYR B 270 13.17 -24.27 -10.29
CA TYR B 270 13.00 -25.64 -10.76
C TYR B 270 12.64 -25.69 -12.25
N ILE B 271 11.67 -24.90 -12.67
CA ILE B 271 11.30 -24.83 -14.08
C ILE B 271 12.45 -24.42 -14.99
N ARG B 272 13.18 -23.35 -14.66
CA ARG B 272 14.27 -22.92 -15.54
C ARG B 272 15.41 -23.97 -15.54
N THR B 273 15.59 -24.65 -14.42
CA THR B 273 16.64 -25.68 -14.28
C THR B 273 16.32 -26.92 -15.16
N TYR B 274 15.08 -27.41 -15.07
CA TYR B 274 14.68 -28.62 -15.77
C TYR B 274 14.16 -28.40 -17.19
N PHE B 275 13.78 -27.16 -17.51
CA PHE B 275 13.34 -26.74 -18.85
C PHE B 275 14.15 -25.50 -19.24
N PRO B 276 15.46 -25.70 -19.46
CA PRO B 276 16.34 -24.54 -19.69
C PRO B 276 16.05 -23.75 -20.95
N ASN B 277 15.26 -24.31 -21.87
CA ASN B 277 14.98 -23.70 -23.17
C ASN B 277 13.60 -23.04 -23.28
N CYS B 278 12.81 -23.16 -22.21
CA CYS B 278 11.39 -22.80 -22.27
C CYS B 278 11.11 -21.30 -22.17
N TYR B 279 9.95 -20.90 -22.66
CA TYR B 279 9.45 -19.51 -22.54
C TYR B 279 8.58 -19.46 -21.29
N ILE B 280 8.83 -18.46 -20.45
CA ILE B 280 8.12 -18.30 -19.18
C ILE B 280 7.49 -16.91 -19.18
N LEU B 281 6.27 -16.85 -18.64
CA LEU B 281 5.53 -15.61 -18.45
C LEU B 281 5.28 -15.52 -16.94
N SER B 282 5.70 -14.40 -16.32
CA SER B 282 5.67 -14.35 -14.86
C SER B 282 4.94 -13.12 -14.34
N PRO B 283 3.66 -13.28 -13.93
CA PRO B 283 2.90 -12.21 -13.27
C PRO B 283 3.12 -12.23 -11.75
N GLY B 284 2.88 -11.10 -11.09
CA GLY B 284 2.95 -11.07 -9.66
C GLY B 284 3.82 -10.00 -9.05
N ILE B 285 4.59 -9.30 -9.89
CA ILE B 285 5.38 -8.19 -9.39
C ILE B 285 4.51 -6.95 -9.29
N GLY B 286 4.68 -6.18 -8.22
CA GLY B 286 3.98 -4.89 -8.08
C GLY B 286 2.83 -5.05 -7.11
N ALA B 287 1.62 -5.06 -7.65
CA ALA B 287 0.44 -5.20 -6.83
C ALA B 287 0.43 -6.43 -5.93
N GLN B 288 1.01 -7.52 -6.42
CA GLN B 288 1.02 -8.77 -5.63
C GLN B 288 2.30 -8.98 -4.87
N ASN B 289 3.19 -7.99 -4.95
N ASN B 289 3.19 -8.00 -4.89
CA ASN B 289 4.42 -7.86 -4.16
CA ASN B 289 4.37 -8.00 -4.00
C ASN B 289 5.51 -8.91 -4.35
C ASN B 289 5.35 -9.15 -4.24
N GLY B 290 5.50 -9.57 -5.50
CA GLY B 290 6.54 -10.56 -5.84
C GLY B 290 7.91 -9.89 -5.83
N ASP B 291 8.95 -10.69 -5.63
CA ASP B 291 10.30 -10.15 -5.66
C ASP B 291 10.92 -10.22 -7.05
N LEU B 292 11.14 -9.04 -7.63
CA LEU B 292 11.63 -8.94 -9.00
C LEU B 292 13.03 -9.55 -9.14
N HIS B 293 13.92 -9.24 -8.19
CA HIS B 293 15.28 -9.76 -8.29
C HIS B 293 15.32 -11.30 -8.28
N LYS B 294 14.59 -11.91 -7.35
CA LYS B 294 14.61 -13.36 -7.26
C LYS B 294 13.92 -13.98 -8.45
N THR B 295 12.82 -13.36 -8.87
CA THR B 295 12.07 -13.90 -9.99
C THR B 295 12.86 -13.88 -11.28
N LEU B 296 13.42 -12.72 -11.61
CA LEU B 296 14.15 -12.61 -12.87
C LEU B 296 15.47 -13.39 -12.82
N THR B 297 16.11 -13.45 -11.66
CA THR B 297 17.33 -14.25 -11.53
C THR B 297 17.05 -15.75 -11.69
N ASN B 298 16.04 -16.25 -10.99
CA ASN B 298 15.67 -17.67 -11.07
C ASN B 298 15.17 -18.09 -12.44
N GLY B 299 14.48 -17.18 -13.11
CA GLY B 299 13.88 -17.49 -14.40
C GLY B 299 14.77 -17.09 -15.56
N TYR B 300 15.96 -16.56 -15.29
CA TYR B 300 16.79 -15.92 -16.31
C TYR B 300 17.10 -16.81 -17.52
N HIS B 301 17.13 -16.22 -18.71
CA HIS B 301 17.67 -16.86 -19.90
C HIS B 301 18.37 -15.76 -20.69
N LYS B 302 19.53 -16.06 -21.27
CA LYS B 302 20.21 -15.03 -22.03
C LYS B 302 19.36 -14.48 -23.17
N SER B 303 18.48 -15.31 -23.74
CA SER B 303 17.47 -14.83 -24.68
C SER B 303 16.31 -14.42 -23.80
N TYR B 304 16.35 -13.21 -23.27
CA TYR B 304 15.45 -12.89 -22.15
C TYR B 304 14.00 -12.62 -22.51
N GLU B 305 13.66 -12.66 -23.80
CA GLU B 305 12.24 -12.78 -24.17
C GLU B 305 11.60 -14.06 -23.58
N LYS B 306 12.44 -15.01 -23.17
CA LYS B 306 12.00 -16.27 -22.56
C LYS B 306 11.69 -16.12 -21.07
N ILE B 307 11.78 -14.90 -20.54
CA ILE B 307 11.35 -14.69 -19.16
C ILE B 307 10.62 -13.34 -19.08
N LEU B 308 9.37 -13.37 -19.51
CA LEU B 308 8.58 -12.13 -19.54
C LEU B 308 8.14 -11.78 -18.13
N ILE B 309 8.37 -10.52 -17.75
CA ILE B 309 8.00 -10.06 -16.41
C ILE B 309 6.76 -9.18 -16.56
N ASN B 310 5.61 -9.66 -16.14
CA ASN B 310 4.36 -8.91 -16.33
C ASN B 310 4.12 -7.98 -15.15
N ILE B 311 3.77 -6.74 -15.46
CA ILE B 311 3.43 -5.78 -14.43
C ILE B 311 2.21 -5.00 -14.93
N GLY B 312 1.12 -5.14 -14.17
CA GLY B 312 -0.17 -4.56 -14.52
C GLY B 312 -0.46 -3.35 -13.64
N ARG B 313 -1.12 -3.59 -12.52
CA ARG B 313 -1.61 -2.51 -11.68
C ARG B 313 -0.52 -1.54 -11.22
N ALA B 314 0.71 -2.03 -11.03
CA ALA B 314 1.75 -1.13 -10.55
C ALA B 314 2.10 -0.08 -11.60
N ILE B 315 1.73 -0.33 -12.85
CA ILE B 315 1.85 0.69 -13.89
C ILE B 315 0.52 1.42 -14.11
N THR B 316 -0.55 0.65 -14.36
CA THR B 316 -1.83 1.24 -14.76
C THR B 316 -2.54 2.06 -13.68
N LYS B 317 -2.24 1.79 -12.42
CA LYS B 317 -2.85 2.56 -11.33
C LYS B 317 -1.86 3.58 -10.77
N ASN B 318 -0.67 3.67 -11.35
CA ASN B 318 0.29 4.68 -10.92
C ASN B 318 -0.15 6.01 -11.49
N PRO B 319 -0.02 7.10 -10.70
CA PRO B 319 -0.38 8.42 -11.25
C PRO B 319 0.42 8.82 -12.50
N TYR B 320 1.62 8.26 -12.66
CA TYR B 320 2.46 8.52 -13.82
C TYR B 320 2.90 7.23 -14.51
N PRO B 321 1.99 6.62 -15.30
CA PRO B 321 2.32 5.30 -15.85
C PRO B 321 3.59 5.24 -16.67
N GLN B 322 3.96 6.31 -17.38
CA GLN B 322 5.21 6.31 -18.12
C GLN B 322 6.40 6.15 -17.16
N LYS B 323 6.34 6.86 -16.05
CA LYS B 323 7.43 6.78 -15.08
C LYS B 323 7.44 5.45 -14.37
N ALA B 324 6.26 4.88 -14.13
CA ALA B 324 6.18 3.57 -13.50
C ALA B 324 6.79 2.52 -14.42
N ALA B 325 6.47 2.61 -15.71
CA ALA B 325 7.03 1.67 -16.68
C ALA B 325 8.54 1.86 -16.78
N GLN B 326 8.98 3.12 -16.80
CA GLN B 326 10.41 3.39 -16.86
C GLN B 326 11.13 2.79 -15.65
N MET B 327 10.54 2.95 -14.46
CA MET B 327 11.13 2.43 -13.23
C MET B 327 11.37 0.93 -13.38
N TYR B 328 10.34 0.20 -13.84
CA TYR B 328 10.49 -1.25 -13.94
C TYR B 328 11.42 -1.67 -15.08
N TYR B 329 11.42 -0.93 -16.18
CA TYR B 329 12.33 -1.15 -17.31
C TYR B 329 13.77 -1.03 -16.81
N ASP B 330 14.03 0.00 -16.02
CA ASP B 330 15.36 0.23 -15.47
C ASP B 330 15.79 -0.85 -14.48
N GLN B 331 14.86 -1.28 -13.62
CA GLN B 331 15.15 -2.29 -12.59
C GLN B 331 15.45 -3.60 -13.30
N ILE B 332 14.61 -3.92 -14.27
CA ILE B 332 14.81 -5.17 -15.01
C ILE B 332 16.16 -5.15 -15.73
N ASN B 333 16.46 -4.05 -16.40
CA ASN B 333 17.67 -4.01 -17.20
C ASN B 333 18.94 -4.12 -16.35
N ALA B 334 18.89 -3.55 -15.15
CA ALA B 334 19.99 -3.66 -14.19
C ALA B 334 20.23 -5.13 -13.78
N ILE B 335 19.14 -5.87 -13.58
CA ILE B 335 19.24 -7.29 -13.25
C ILE B 335 19.73 -8.12 -14.45
N LEU B 336 19.28 -7.76 -15.64
CA LEU B 336 19.76 -8.48 -16.83
C LEU B 336 21.25 -8.23 -17.00
N LYS B 337 21.67 -7.00 -16.73
CA LYS B 337 23.09 -6.67 -16.85
C LYS B 337 23.91 -7.51 -15.85
N GLN B 338 23.44 -7.61 -14.61
N GLN B 338 23.42 -7.65 -14.62
CA GLN B 338 24.13 -8.42 -13.60
CA GLN B 338 24.14 -8.41 -13.59
C GLN B 338 24.26 -9.88 -14.05
C GLN B 338 24.18 -9.92 -13.89
N ASN B 339 23.19 -10.40 -14.63
CA ASN B 339 23.16 -11.80 -15.06
C ASN B 339 24.00 -12.04 -16.31
N MET B 340 24.22 -10.99 -17.08
CA MET B 340 25.10 -11.03 -18.25
C MET B 340 26.55 -10.87 -17.79
N GLU B 341 26.70 -10.48 -16.52
CA GLU B 341 27.98 -10.46 -15.78
C GLU B 341 29.08 -9.63 -16.43
N MET C 20 11.85 40.77 6.66
CA MET C 20 10.47 40.64 6.09
C MET C 20 9.44 40.27 7.15
N GLY C 21 9.76 39.25 7.94
CA GLY C 21 8.76 38.59 8.78
C GLY C 21 8.19 37.39 8.05
N PHE C 22 7.97 36.30 8.78
CA PHE C 22 7.50 35.07 8.17
C PHE C 22 6.16 35.28 7.47
N LYS C 23 5.27 36.09 8.06
CA LYS C 23 3.96 36.32 7.45
C LYS C 23 4.10 36.83 6.03
N VAL C 24 5.00 37.81 5.89
CA VAL C 24 5.24 38.46 4.61
C VAL C 24 5.95 37.52 3.64
N LYS C 25 6.96 36.82 4.14
N LYS C 25 6.98 36.84 4.12
CA LYS C 25 7.72 35.89 3.33
CA LYS C 25 7.72 35.86 3.31
C LYS C 25 6.84 34.78 2.73
C LYS C 25 6.74 34.86 2.68
N LEU C 26 5.88 34.28 3.52
CA LEU C 26 4.94 33.27 3.06
C LEU C 26 3.96 33.85 2.03
N GLU C 27 3.45 35.05 2.32
CA GLU C 27 2.47 35.66 1.44
C GLU C 27 3.07 35.91 0.06
N LYS C 28 4.32 36.36 0.02
CA LYS C 28 4.99 36.67 -1.23
C LYS C 28 5.28 35.41 -2.05
N ARG C 29 5.80 34.38 -1.41
CA ARG C 29 6.09 33.17 -2.13
C ARG C 29 4.79 32.49 -2.56
N ARG C 30 3.75 32.56 -1.72
CA ARG C 30 2.46 31.98 -2.08
C ARG C 30 1.93 32.65 -3.37
N ASN C 31 2.00 33.98 -3.42
CA ASN C 31 1.58 34.71 -4.61
C ASN C 31 2.35 34.33 -5.85
N ALA C 32 3.66 34.08 -5.68
CA ALA C 32 4.57 33.73 -6.77
C ALA C 32 4.30 32.35 -7.34
N ILE C 33 4.15 31.36 -6.45
CA ILE C 33 4.14 29.97 -6.92
C ILE C 33 2.81 29.29 -6.77
N ASN C 34 1.89 29.94 -6.07
CA ASN C 34 0.49 29.55 -6.02
C ASN C 34 0.27 28.15 -5.48
N THR C 35 0.88 27.86 -4.33
CA THR C 35 0.61 26.58 -3.70
C THR C 35 0.78 26.77 -2.21
N CYS C 36 0.31 25.77 -1.47
CA CYS C 36 0.57 25.67 -0.03
C CYS C 36 1.28 24.35 0.35
N LEU C 37 1.89 23.69 -0.63
CA LEU C 37 2.73 22.53 -0.34
C LEU C 37 3.93 22.83 0.54
N CYS C 38 4.03 22.07 1.63
CA CYS C 38 5.18 22.08 2.52
C CYS C 38 5.91 20.75 2.33
N ILE C 39 7.11 20.80 1.77
CA ILE C 39 7.87 19.57 1.58
C ILE C 39 8.67 19.24 2.82
N GLY C 40 8.43 18.04 3.35
CA GLY C 40 9.14 17.54 4.55
C GLY C 40 10.41 16.84 4.12
N LEU C 41 11.51 17.16 4.81
CA LEU C 41 12.82 16.59 4.50
C LEU C 41 13.36 15.86 5.73
N ASP C 42 12.97 14.60 5.82
CA ASP C 42 13.20 13.74 6.97
C ASP C 42 13.96 12.51 6.47
N PRO C 43 15.25 12.68 6.14
CA PRO C 43 16.00 11.53 5.57
C PRO C 43 16.37 10.51 6.64
N ASP C 44 15.94 9.27 6.46
CA ASP C 44 16.33 8.23 7.42
C ASP C 44 17.59 7.51 6.93
N GLU C 45 18.09 6.62 7.76
CA GLU C 45 19.31 5.89 7.43
C GLU C 45 19.17 5.09 6.11
N LYS C 46 18.00 4.52 5.88
CA LYS C 46 17.75 3.77 4.63
C LYS C 46 17.81 4.68 3.40
N ASP C 47 17.23 5.87 3.52
CA ASP C 47 17.27 6.84 2.42
C ASP C 47 18.68 7.18 2.00
N ILE C 48 19.56 7.39 2.99
CA ILE C 48 20.92 7.83 2.74
C ILE C 48 21.69 6.67 2.11
N GLU C 49 21.51 5.47 2.65
CA GLU C 49 22.12 4.24 2.10
C GLU C 49 21.66 3.98 0.66
N ASN C 50 20.36 4.09 0.42
N ASN C 50 20.36 4.12 0.43
CA ASN C 50 19.80 3.94 -0.91
CA ASN C 50 19.76 3.94 -0.90
C ASN C 50 20.44 4.92 -1.89
C ASN C 50 20.25 4.96 -1.94
N PHE C 51 20.51 6.19 -1.49
CA PHE C 51 21.04 7.24 -2.35
C PHE C 51 22.49 6.93 -2.72
N MET C 52 23.27 6.45 -1.75
CA MET C 52 24.68 6.19 -1.97
C MET C 52 24.80 5.02 -2.94
N LYS C 53 23.97 4.00 -2.72
CA LYS C 53 23.95 2.82 -3.58
C LYS C 53 23.55 3.17 -5.01
N ASN C 54 22.45 3.92 -5.15
CA ASN C 54 21.97 4.35 -6.46
C ASN C 54 22.95 5.25 -7.22
N GLU C 55 23.61 6.15 -6.52
CA GLU C 55 24.61 7.05 -7.14
C GLU C 55 25.86 6.26 -7.55
N LYS C 56 26.22 5.26 -6.77
CA LYS C 56 27.35 4.41 -7.13
C LYS C 56 27.03 3.63 -8.40
N GLU C 57 25.76 3.27 -8.56
CA GLU C 57 25.31 2.49 -9.72
C GLU C 57 24.96 3.33 -10.96
N ASN C 58 24.64 4.61 -10.79
CA ASN C 58 24.22 5.47 -11.90
C ASN C 58 25.30 6.49 -12.26
N ASN C 59 26.55 6.16 -11.93
CA ASN C 59 27.68 7.05 -12.10
C ASN C 59 27.49 8.44 -11.48
N TYR C 60 26.89 8.46 -10.29
CA TYR C 60 26.70 9.68 -9.49
C TYR C 60 26.02 10.83 -10.22
N ASN C 61 24.96 10.55 -10.99
CA ASN C 61 24.44 11.63 -11.81
C ASN C 61 23.69 12.71 -11.05
N ASN C 62 23.08 12.35 -9.92
CA ASN C 62 22.44 13.37 -9.09
C ASN C 62 23.40 14.26 -8.32
N ILE C 63 24.45 13.68 -7.75
CA ILE C 63 25.54 14.45 -7.14
C ILE C 63 26.19 15.37 -8.19
N LYS C 64 26.38 14.85 -9.40
CA LYS C 64 27.02 15.69 -10.41
C LYS C 64 26.15 16.89 -10.74
N LYS C 65 24.84 16.68 -10.74
CA LYS C 65 23.87 17.76 -10.91
C LYS C 65 23.93 18.72 -9.73
N ASN C 66 23.96 18.19 -8.51
CA ASN C 66 24.15 19.05 -7.33
C ASN C 66 25.35 20.01 -7.45
N LEU C 67 26.49 19.48 -7.89
CA LEU C 67 27.74 20.24 -7.96
C LEU C 67 27.73 21.41 -8.95
N LYS C 68 26.77 21.39 -9.87
CA LYS C 68 26.57 22.49 -10.82
C LYS C 68 25.66 23.62 -10.31
N GLU C 69 24.98 23.40 -9.20
CA GLU C 69 24.16 24.46 -8.61
C GLU C 69 25.05 25.48 -7.91
N LYS C 70 24.79 26.77 -8.10
CA LYS C 70 25.73 27.78 -7.60
C LYS C 70 25.75 27.90 -6.07
N TYR C 71 24.61 27.66 -5.43
CA TYR C 71 24.52 27.87 -3.98
C TYR C 71 25.22 26.79 -3.16
N ILE C 72 25.64 25.71 -3.80
CA ILE C 72 26.47 24.74 -3.11
C ILE C 72 27.76 25.43 -2.59
N ASN C 73 28.16 26.50 -3.26
CA ASN C 73 29.31 27.32 -2.84
C ASN C 73 29.00 28.30 -1.70
N ASN C 74 27.79 28.23 -1.15
CA ASN C 74 27.35 29.17 -0.12
C ASN C 74 27.13 28.55 1.27
N VAL C 75 27.11 27.22 1.35
CA VAL C 75 26.90 26.54 2.64
C VAL C 75 28.12 26.65 3.57
N SER C 76 27.86 26.57 4.88
CA SER C 76 28.87 26.95 5.87
C SER C 76 29.94 25.92 6.17
N ILE C 77 29.55 24.64 6.20
N ILE C 77 29.56 24.64 6.21
CA ILE C 77 30.35 23.60 6.81
CA ILE C 77 30.38 23.61 6.81
C ILE C 77 30.95 22.61 5.80
C ILE C 77 30.95 22.62 5.81
N LYS C 78 32.27 22.48 5.84
CA LYS C 78 33.00 21.50 5.02
C LYS C 78 32.62 21.57 3.54
N LYS C 79 32.54 22.79 3.02
CA LYS C 79 32.17 22.99 1.62
C LYS C 79 33.25 22.42 0.68
N ASP C 80 34.52 22.46 1.11
CA ASP C 80 35.62 21.84 0.36
C ASP C 80 35.34 20.37 0.09
N ILE C 81 34.88 19.67 1.14
CA ILE C 81 34.52 18.26 1.07
C ILE C 81 33.29 18.03 0.16
N LEU C 82 32.23 18.81 0.38
CA LEU C 82 31.01 18.69 -0.43
C LEU C 82 31.24 18.94 -1.92
N LEU C 83 32.24 19.76 -2.23
CA LEU C 83 32.53 20.16 -3.60
C LEU C 83 33.41 19.15 -4.32
N LYS C 84 33.95 18.18 -3.59
CA LYS C 84 34.82 17.17 -4.20
C LYS C 84 34.02 16.26 -5.11
N ALA C 85 34.69 15.72 -6.14
CA ALA C 85 34.08 14.77 -7.06
C ALA C 85 33.75 13.51 -6.26
N PRO C 86 32.57 12.89 -6.51
CA PRO C 86 32.16 11.70 -5.77
C PRO C 86 33.14 10.52 -5.83
N ASP C 87 33.79 10.33 -6.97
CA ASP C 87 34.80 9.27 -7.12
C ASP C 87 35.94 9.47 -6.11
N ASN C 88 36.35 10.73 -5.96
CA ASN C 88 37.42 11.16 -5.06
C ASN C 88 37.05 10.89 -3.58
N ILE C 89 35.82 11.22 -3.20
CA ILE C 89 35.34 10.97 -1.83
C ILE C 89 35.49 9.51 -1.42
N ILE C 90 34.99 8.61 -2.27
CA ILE C 90 34.99 7.18 -2.01
C ILE C 90 36.39 6.57 -1.91
N ARG C 91 37.34 7.20 -2.60
CA ARG C 91 38.74 6.79 -2.58
C ARG C 91 39.51 7.50 -1.47
N GLU C 92 39.54 8.83 -1.53
CA GLU C 92 40.42 9.63 -0.68
C GLU C 92 39.86 10.06 0.68
N GLU C 93 38.54 10.06 0.83
CA GLU C 93 37.93 10.62 2.05
C GLU C 93 36.91 9.66 2.66
N LYS C 94 37.34 8.48 3.08
CA LYS C 94 36.42 7.48 3.64
C LYS C 94 35.65 7.97 4.87
N SER C 95 36.31 8.70 5.76
CA SER C 95 35.65 9.17 6.98
C SER C 95 34.60 10.26 6.72
N GLU C 96 34.73 10.94 5.59
CA GLU C 96 33.78 11.98 5.22
C GLU C 96 32.65 11.46 4.33
N GLU C 97 32.63 10.15 4.07
CA GLU C 97 31.71 9.58 3.09
C GLU C 97 30.24 9.77 3.48
N PHE C 98 29.94 9.47 4.73
CA PHE C 98 28.56 9.51 5.25
C PHE C 98 28.03 10.94 5.21
N PHE C 99 28.81 11.88 5.75
CA PHE C 99 28.55 13.31 5.61
C PHE C 99 28.26 13.72 4.17
N TYR C 100 29.14 13.29 3.27
CA TYR C 100 29.00 13.65 1.85
C TYR C 100 27.70 13.20 1.21
N PHE C 101 27.37 11.91 1.34
CA PHE C 101 26.15 11.39 0.78
C PHE C 101 24.88 11.86 1.49
N PHE C 102 24.98 12.05 2.79
CA PHE C 102 23.82 12.55 3.55
C PHE C 102 23.48 13.96 3.04
N ASN C 103 24.49 14.83 3.00
CA ASN C 103 24.25 16.20 2.62
C ASN C 103 23.86 16.27 1.13
N HIS C 104 24.46 15.42 0.31
CA HIS C 104 24.07 15.39 -1.10
C HIS C 104 22.69 14.81 -1.34
N PHE C 105 22.28 13.80 -0.56
CA PHE C 105 20.87 13.41 -0.62
C PHE C 105 19.94 14.60 -0.38
N CYS C 106 20.22 15.39 0.65
CA CYS C 106 19.36 16.53 0.98
C CYS C 106 19.34 17.59 -0.12
N PHE C 107 20.52 17.95 -0.64
CA PHE C 107 20.60 18.91 -1.73
C PHE C 107 19.83 18.37 -2.95
N TYR C 108 19.94 17.07 -3.22
CA TYR C 108 19.23 16.47 -4.37
C TYR C 108 17.72 16.63 -4.23
N ILE C 109 17.16 16.26 -3.07
CA ILE C 109 15.74 16.47 -2.86
C ILE C 109 15.35 17.94 -3.07
N ILE C 110 16.13 18.84 -2.48
CA ILE C 110 15.76 20.25 -2.55
C ILE C 110 15.79 20.74 -4.01
N ASN C 111 16.87 20.40 -4.70
CA ASN C 111 17.04 20.80 -6.10
C ASN C 111 15.89 20.26 -6.97
N GLU C 112 15.50 19.02 -6.74
CA GLU C 112 14.45 18.38 -7.54
C GLU C 112 13.05 18.91 -7.27
N THR C 113 12.78 19.38 -6.05
CA THR C 113 11.41 19.65 -5.66
C THR C 113 11.09 21.11 -5.28
N ASN C 114 12.11 21.95 -5.06
CA ASN C 114 11.89 23.29 -4.49
C ASN C 114 10.92 24.19 -5.26
N LYS C 115 10.84 23.99 -6.58
CA LYS C 115 9.95 24.80 -7.39
C LYS C 115 8.47 24.60 -7.11
N TYR C 116 8.11 23.50 -6.43
CA TYR C 116 6.74 23.21 -6.05
C TYR C 116 6.46 23.55 -4.59
N ALA C 117 7.48 23.97 -3.83
CA ALA C 117 7.33 24.04 -2.37
C ALA C 117 7.09 25.46 -1.88
N LEU C 118 5.99 25.69 -1.15
CA LEU C 118 5.86 26.95 -0.43
C LEU C 118 6.86 27.04 0.74
N THR C 119 7.09 25.91 1.38
CA THR C 119 8.03 25.85 2.51
C THR C 119 8.67 24.45 2.53
N PHE C 120 9.78 24.34 3.25
CA PHE C 120 10.38 23.05 3.61
C PHE C 120 10.35 22.89 5.12
N LYS C 121 9.96 21.70 5.61
CA LYS C 121 9.97 21.42 7.05
C LYS C 121 11.03 20.33 7.31
N MET C 122 12.00 20.60 8.19
CA MET C 122 13.06 19.62 8.46
C MET C 122 12.84 19.08 9.87
N ASN C 123 12.60 17.79 10.03
CA ASN C 123 12.42 17.31 11.40
C ASN C 123 13.77 16.94 12.02
N PHE C 124 14.10 17.64 13.11
CA PHE C 124 15.40 17.54 13.77
C PHE C 124 15.79 16.10 14.13
N ALA C 125 14.80 15.27 14.41
CA ALA C 125 15.04 13.92 14.90
C ALA C 125 15.89 13.12 13.89
N PHE C 126 15.71 13.44 12.61
CA PHE C 126 16.40 12.70 11.54
C PHE C 126 17.86 13.11 11.41
N TYR C 127 18.19 14.25 12.01
CA TYR C 127 19.52 14.82 11.84
C TYR C 127 20.46 14.59 13.01
N ILE C 128 19.92 14.15 14.14
CA ILE C 128 20.73 13.92 15.36
C ILE C 128 21.29 12.49 15.61
N PRO C 129 20.72 11.44 14.98
CA PRO C 129 21.03 10.12 15.57
C PRO C 129 22.43 9.57 15.27
N TYR C 130 23.20 10.30 14.48
CA TYR C 130 24.59 9.91 14.18
C TYR C 130 25.58 10.79 14.96
N GLY C 131 25.05 11.64 15.84
CA GLY C 131 25.90 12.65 16.50
C GLY C 131 26.09 13.93 15.71
N SER C 132 27.23 14.58 15.90
CA SER C 132 27.54 15.88 15.30
C SER C 132 27.38 15.93 13.77
N VAL C 133 27.73 14.84 13.08
CA VAL C 133 27.74 14.90 11.61
C VAL C 133 26.42 15.36 10.98
N GLY C 134 25.30 14.83 11.48
CA GLY C 134 23.97 15.16 10.93
C GLY C 134 23.59 16.59 11.24
N ILE C 135 24.18 17.17 12.31
CA ILE C 135 23.92 18.58 12.60
C ILE C 135 24.63 19.50 11.61
N ASP C 136 25.83 19.13 11.20
CA ASP C 136 26.52 19.85 10.12
C ASP C 136 25.70 19.81 8.83
N VAL C 137 25.12 18.66 8.53
CA VAL C 137 24.24 18.52 7.37
C VAL C 137 23.03 19.44 7.53
N LEU C 138 22.42 19.42 8.71
CA LEU C 138 21.25 20.27 9.00
C LEU C 138 21.55 21.76 8.76
N LYS C 139 22.69 22.23 9.29
CA LYS C 139 23.10 23.61 9.14
C LYS C 139 23.27 23.95 7.66
N ASN C 140 23.92 23.04 6.94
CA ASN C 140 24.12 23.27 5.51
C ASN C 140 22.78 23.26 4.74
N VAL C 141 21.84 22.42 5.16
CA VAL C 141 20.50 22.39 4.56
C VAL C 141 19.81 23.73 4.78
N PHE C 142 19.89 24.25 6.01
CA PHE C 142 19.29 25.53 6.28
C PHE C 142 19.96 26.70 5.52
N ASP C 143 21.28 26.64 5.39
CA ASP C 143 22.06 27.66 4.68
C ASP C 143 21.63 27.70 3.22
N TYR C 144 21.43 26.51 2.65
CA TYR C 144 21.07 26.35 1.24
C TYR C 144 19.67 26.86 0.95
N LEU C 145 18.73 26.52 1.84
CA LEU C 145 17.36 26.98 1.68
C LEU C 145 17.31 28.51 1.85
N TYR C 146 18.10 29.03 2.77
CA TYR C 146 18.16 30.46 3.03
C TYR C 146 18.66 31.18 1.76
N GLU C 147 19.65 30.60 1.08
CA GLU C 147 20.16 31.20 -0.16
C GLU C 147 19.11 31.14 -1.27
N LEU C 148 18.37 30.02 -1.32
CA LEU C 148 17.23 29.91 -2.26
C LEU C 148 16.04 30.76 -1.86
N ASN C 149 16.10 31.37 -0.68
CA ASN C 149 15.03 32.22 -0.18
C ASN C 149 13.72 31.44 0.00
N ILE C 150 13.82 30.18 0.39
CA ILE C 150 12.63 29.33 0.61
C ILE C 150 12.29 29.30 2.11
N PRO C 151 11.04 29.63 2.47
CA PRO C 151 10.63 29.64 3.89
C PRO C 151 10.89 28.31 4.54
N THR C 152 11.32 28.35 5.79
CA THR C 152 11.75 27.11 6.45
C THR C 152 10.98 26.91 7.77
N ILE C 153 10.88 25.64 8.16
CA ILE C 153 10.33 25.25 9.47
C ILE C 153 11.28 24.20 10.03
N LEU C 154 11.77 24.42 11.25
CA LEU C 154 12.53 23.41 11.99
C LEU C 154 11.55 22.70 12.91
N ASP C 155 11.30 21.43 12.63
CA ASP C 155 10.33 20.66 13.42
C ASP C 155 11.07 19.89 14.52
N MET C 156 11.00 20.38 15.75
CA MET C 156 11.72 19.82 16.88
C MET C 156 10.78 19.65 18.10
N LYS C 157 9.62 20.31 18.07
CA LYS C 157 8.60 20.12 19.13
C LYS C 157 9.23 20.45 20.47
N ILE C 158 9.93 21.57 20.49
CA ILE C 158 10.68 21.97 21.68
C ILE C 158 9.76 22.29 22.85
N ASN C 159 10.28 22.05 24.04
CA ASN C 159 9.59 22.44 25.24
C ASN C 159 10.52 22.39 26.44
N ASP C 160 10.49 23.43 27.25
CA ASP C 160 11.25 23.43 28.49
C ASP C 160 10.92 24.68 29.28
N ILE C 161 11.58 24.83 30.43
CA ILE C 161 11.50 26.12 31.15
C ILE C 161 12.19 27.23 30.39
N GLY C 162 11.85 28.47 30.72
CA GLY C 162 12.36 29.61 29.95
C GLY C 162 13.87 29.65 29.81
N ASN C 163 14.60 29.51 30.91
CA ASN C 163 16.04 29.63 30.83
C ASN C 163 16.64 28.60 29.88
N THR C 164 16.07 27.40 29.90
CA THR C 164 16.55 26.32 29.02
C THR C 164 16.17 26.56 27.56
N VAL C 165 14.91 26.96 27.30
N VAL C 165 14.93 27.00 27.34
CA VAL C 165 14.45 27.09 25.90
CA VAL C 165 14.41 27.10 25.97
C VAL C 165 15.14 28.19 25.11
C VAL C 165 15.06 28.21 25.15
N LYS C 166 15.73 29.15 25.82
CA LYS C 166 16.50 30.22 25.17
C LYS C 166 17.59 29.61 24.27
N ASN C 167 18.11 28.45 24.67
CA ASN C 167 19.12 27.78 23.85
C ASN C 167 18.54 27.33 22.51
N TYR C 168 17.30 26.86 22.53
CA TYR C 168 16.65 26.42 21.28
C TYR C 168 16.34 27.64 20.42
N ARG C 169 15.95 28.75 21.03
CA ARG C 169 15.75 29.97 20.28
C ARG C 169 17.02 30.30 19.54
N LYS C 170 18.16 30.23 20.23
CA LYS C 170 19.46 30.56 19.62
C LYS C 170 19.76 29.59 18.46
N PHE C 171 19.65 28.30 18.75
CA PHE C 171 19.95 27.29 17.73
C PHE C 171 19.08 27.45 16.50
N ILE C 172 17.79 27.61 16.71
CA ILE C 172 16.84 27.62 15.60
C ILE C 172 16.91 28.92 14.83
N PHE C 173 16.85 30.05 15.53
CA PHE C 173 16.59 31.30 14.85
C PHE C 173 17.85 32.12 14.59
N GLU C 174 18.90 31.82 15.35
CA GLU C 174 20.18 32.54 15.17
C GLU C 174 21.18 31.70 14.39
N TYR C 175 21.32 30.43 14.75
CA TYR C 175 22.32 29.59 14.13
C TYR C 175 21.82 29.07 12.79
N LEU C 176 20.66 28.39 12.80
CA LEU C 176 20.12 27.87 11.55
C LEU C 176 19.45 28.95 10.71
N LYS C 177 19.08 30.08 11.33
CA LYS C 177 18.29 31.16 10.69
C LYS C 177 17.00 30.60 10.12
N SER C 178 16.36 29.70 10.86
CA SER C 178 15.05 29.19 10.44
C SER C 178 14.02 30.29 10.47
N ASP C 179 12.99 30.20 9.63
CA ASP C 179 11.85 31.10 9.76
C ASP C 179 10.91 30.75 10.91
N SER C 180 10.81 29.47 11.27
CA SER C 180 9.81 29.07 12.26
C SER C 180 10.21 27.74 12.90
N CYS C 181 9.47 27.34 13.93
CA CYS C 181 9.75 26.02 14.50
C CYS C 181 8.45 25.48 15.06
N THR C 182 8.47 24.21 15.44
CA THR C 182 7.33 23.67 16.17
C THR C 182 7.62 23.61 17.66
N VAL C 183 6.56 23.70 18.45
CA VAL C 183 6.69 23.80 19.91
C VAL C 183 5.56 22.98 20.54
N ASN C 184 5.88 22.26 21.62
CA ASN C 184 4.86 21.60 22.45
C ASN C 184 4.65 22.41 23.72
N ILE C 185 3.48 23.02 23.86
CA ILE C 185 3.23 23.91 25.00
C ILE C 185 2.52 23.26 26.19
N TYR C 186 2.57 21.93 26.27
CA TYR C 186 1.94 21.28 27.41
C TYR C 186 2.46 21.78 28.79
N MET C 187 3.76 22.04 28.90
CA MET C 187 4.33 22.63 30.12
C MET C 187 3.71 23.98 30.45
N GLY C 188 3.38 24.73 29.42
CA GLY C 188 2.76 26.07 29.57
C GLY C 188 3.04 26.94 28.35
N THR C 189 2.41 28.11 28.30
CA THR C 189 2.67 28.97 27.17
C THR C 189 3.77 29.98 27.45
N ASN C 190 4.11 30.20 28.73
CA ASN C 190 5.17 31.16 29.11
C ASN C 190 6.48 30.92 28.35
N MET C 191 6.77 29.64 28.06
CA MET C 191 7.97 29.30 27.31
C MET C 191 8.06 30.07 25.98
N LEU C 192 6.91 30.40 25.38
CA LEU C 192 6.92 31.07 24.09
C LEU C 192 7.53 32.47 24.14
N LYS C 193 7.56 33.08 25.31
CA LYS C 193 8.20 34.39 25.48
C LYS C 193 9.70 34.32 25.20
N ASP C 194 10.28 33.14 25.41
CA ASP C 194 11.70 32.92 25.18
C ASP C 194 11.98 32.08 23.93
N ILE C 195 10.97 31.92 23.07
CA ILE C 195 11.11 31.24 21.76
C ILE C 195 10.78 32.22 20.63
N CYS C 196 9.62 32.85 20.73
CA CYS C 196 9.09 33.71 19.68
C CYS C 196 9.51 35.17 19.84
N TYR C 197 10.24 35.48 20.88
CA TYR C 197 10.67 36.87 21.13
C TYR C 197 12.04 36.89 21.80
N ASP C 198 12.87 37.88 21.43
CA ASP C 198 14.15 38.10 22.09
C ASP C 198 14.14 39.57 22.46
N GLU C 199 13.91 39.87 23.74
N GLU C 199 13.95 39.87 23.74
CA GLU C 199 13.83 41.28 24.19
CA GLU C 199 13.84 41.26 24.21
C GLU C 199 15.14 42.03 23.89
C GLU C 199 15.13 42.07 24.09
N GLU C 200 16.28 41.40 24.19
CA GLU C 200 17.56 42.07 24.03
C GLU C 200 17.76 42.56 22.59
N LYS C 201 17.33 41.75 21.62
CA LYS C 201 17.63 42.02 20.22
C LYS C 201 16.43 42.67 19.52
N ASN C 202 15.34 42.79 20.27
CA ASN C 202 14.05 43.20 19.72
C ASN C 202 13.73 42.44 18.45
N LYS C 203 13.78 41.11 18.55
CA LYS C 203 13.45 40.25 17.44
C LYS C 203 12.22 39.39 17.76
N TYR C 204 11.47 39.07 16.71
CA TYR C 204 10.26 38.24 16.79
C TYR C 204 10.38 37.08 15.81
N TYR C 205 9.89 35.92 16.24
CA TYR C 205 9.96 34.68 15.43
C TYR C 205 8.60 33.99 15.45
N SER C 206 8.37 33.13 14.47
CA SER C 206 7.12 32.43 14.37
C SER C 206 7.23 30.98 14.81
N ALA C 207 6.11 30.45 15.28
CA ALA C 207 6.09 29.05 15.68
C ALA C 207 4.75 28.42 15.40
N PHE C 208 4.74 27.09 15.26
CA PHE C 208 3.50 26.33 15.26
C PHE C 208 3.47 25.45 16.50
N VAL C 209 2.41 25.57 17.30
CA VAL C 209 2.24 24.75 18.50
C VAL C 209 1.40 23.50 18.22
N LEU C 210 1.72 22.40 18.89
CA LEU C 210 0.92 21.20 18.69
C LEU C 210 -0.50 21.33 19.18
N VAL C 211 -1.46 21.02 18.31
CA VAL C 211 -2.89 21.14 18.66
C VAL C 211 -3.55 19.77 18.59
N LYS C 212 -3.59 19.17 17.40
CA LYS C 212 -4.16 17.84 17.23
C LYS C 212 -3.18 17.07 16.34
N THR C 213 -2.67 15.97 16.86
CA THR C 213 -1.58 15.26 16.17
C THR C 213 -2.10 14.00 15.47
N THR C 214 -1.25 13.38 14.64
CA THR C 214 -1.68 12.29 13.76
C THR C 214 -1.52 10.93 14.38
N ASN C 215 -0.86 10.87 15.53
CA ASN C 215 -0.66 9.51 16.09
C ASN C 215 -1.99 8.91 16.47
N PRO C 216 -2.10 7.58 16.32
CA PRO C 216 -3.38 6.92 16.45
C PRO C 216 -4.08 7.12 17.80
N ASP C 217 -3.30 7.33 18.85
CA ASP C 217 -3.90 7.57 20.17
C ASP C 217 -3.90 9.04 20.63
N SER C 218 -3.84 9.96 19.66
CA SER C 218 -3.75 11.39 19.97
C SER C 218 -4.92 11.90 20.80
N ALA C 219 -6.06 11.22 20.73
CA ALA C 219 -7.23 11.66 21.50
C ALA C 219 -7.11 11.51 23.00
N ILE C 220 -6.19 10.66 23.45
N ILE C 220 -6.15 10.69 23.44
CA ILE C 220 -6.07 10.35 24.87
CA ILE C 220 -6.02 10.33 24.85
C ILE C 220 -5.95 11.60 25.76
C ILE C 220 -5.79 11.49 25.83
N PHE C 221 -5.10 12.53 25.36
CA PHE C 221 -4.96 13.78 26.12
C PHE C 221 -5.62 14.93 25.36
N GLN C 222 -5.47 14.99 24.05
CA GLN C 222 -5.95 16.13 23.27
C GLN C 222 -7.45 16.29 23.16
N LYS C 223 -8.18 15.18 23.27
CA LYS C 223 -9.63 15.24 23.17
C LYS C 223 -10.27 14.82 24.51
N ASN C 224 -9.69 13.85 25.21
CA ASN C 224 -10.33 13.36 26.44
C ASN C 224 -10.25 14.33 27.59
N LEU C 225 -9.16 15.11 27.67
CA LEU C 225 -9.07 16.15 28.69
C LEU C 225 -9.89 17.36 28.29
N SER C 226 -10.48 18.04 29.28
CA SER C 226 -11.29 19.21 28.97
C SER C 226 -11.25 20.24 30.09
N LEU C 227 -11.79 21.41 29.77
CA LEU C 227 -11.95 22.53 30.72
C LEU C 227 -12.99 23.47 30.15
N ASP C 228 -13.91 23.92 30.99
CA ASP C 228 -14.93 24.91 30.56
C ASP C 228 -15.68 24.48 29.30
N ASN C 229 -16.05 23.19 29.27
N ASN C 229 -16.07 23.20 29.26
CA ASN C 229 -16.78 22.57 28.16
CA ASN C 229 -16.84 22.69 28.13
C ASN C 229 -16.06 22.52 26.82
C ASN C 229 -16.08 22.71 26.80
N LYS C 230 -14.74 22.68 26.86
CA LYS C 230 -13.91 22.68 25.66
C LYS C 230 -12.83 21.61 25.81
N GLN C 231 -12.56 20.90 24.71
CA GLN C 231 -11.53 19.87 24.73
C GLN C 231 -10.13 20.49 24.80
N ALA C 232 -9.16 19.72 25.27
CA ALA C 232 -7.81 20.25 25.50
C ALA C 232 -7.25 20.92 24.25
N TYR C 233 -7.43 20.32 23.07
CA TYR C 233 -6.85 20.93 21.87
C TYR C 233 -7.34 22.35 21.63
N VAL C 234 -8.61 22.61 21.96
CA VAL C 234 -9.21 23.93 21.84
C VAL C 234 -8.59 24.87 22.88
N ILE C 235 -8.47 24.40 24.12
CA ILE C 235 -7.88 25.25 25.19
C ILE C 235 -6.45 25.61 24.83
N MET C 236 -5.71 24.63 24.31
CA MET C 236 -4.33 24.87 23.96
C MET C 236 -4.20 25.84 22.78
N ALA C 237 -5.05 25.70 21.75
CA ALA C 237 -5.06 26.65 20.64
C ALA C 237 -5.35 28.08 21.14
N GLN C 238 -6.37 28.20 22.01
CA GLN C 238 -6.75 29.51 22.57
C GLN C 238 -5.57 30.11 23.33
N GLU C 239 -4.92 29.30 24.18
CA GLU C 239 -3.81 29.84 24.99
C GLU C 239 -2.61 30.27 24.12
N ALA C 240 -2.37 29.54 23.03
CA ALA C 240 -1.29 29.86 22.11
C ALA C 240 -1.57 31.23 21.46
N LEU C 241 -2.80 31.42 21.00
CA LEU C 241 -3.19 32.73 20.46
C LEU C 241 -3.17 33.88 21.48
N ASN C 242 -3.58 33.61 22.72
CA ASN C 242 -3.48 34.59 23.84
C ASN C 242 -2.02 35.04 23.96
N MET C 243 -1.07 34.10 23.84
CA MET C 243 0.35 34.47 23.96
C MET C 243 0.84 35.23 22.74
N SER C 244 0.40 34.84 21.55
CA SER C 244 0.74 35.56 20.33
C SER C 244 0.29 37.01 20.46
N SER C 245 -0.90 37.21 21.02
CA SER C 245 -1.42 38.57 21.21
C SER C 245 -0.58 39.33 22.22
N TYR C 246 -0.28 38.70 23.36
CA TYR C 246 0.58 39.28 24.38
C TYR C 246 1.93 39.71 23.78
N LEU C 247 2.53 38.84 22.98
CA LEU C 247 3.82 39.17 22.37
C LEU C 247 3.76 40.18 21.22
N ASN C 248 2.54 40.53 20.79
CA ASN C 248 2.32 41.46 19.69
C ASN C 248 2.94 40.95 18.39
N LEU C 249 2.84 39.64 18.13
CA LEU C 249 3.56 39.08 16.98
C LEU C 249 3.02 39.58 15.64
N GLU C 250 1.71 39.68 15.53
CA GLU C 250 1.05 40.06 14.27
C GLU C 250 1.57 41.39 13.74
N GLN C 251 1.57 42.40 14.62
CA GLN C 251 2.12 43.74 14.29
C GLN C 251 3.58 43.67 13.79
N ASN C 252 4.31 42.65 14.25
CA ASN C 252 5.69 42.40 13.88
C ASN C 252 5.89 41.36 12.78
N ASN C 253 4.82 41.07 12.05
CA ASN C 253 4.85 40.21 10.86
C ASN C 253 5.20 38.76 11.18
N GLU C 254 4.93 38.33 12.41
CA GLU C 254 5.14 36.94 12.85
C GLU C 254 3.83 36.36 13.39
N PHE C 255 3.81 35.07 13.71
CA PHE C 255 2.61 34.46 14.23
C PHE C 255 2.93 33.25 15.06
N ILE C 256 1.97 32.83 15.87
CA ILE C 256 1.97 31.48 16.42
C ILE C 256 0.74 30.80 15.79
N GLY C 257 1.02 29.69 15.08
CA GLY C 257 -0.01 28.88 14.45
C GLY C 257 -0.13 27.50 15.09
N PHE C 258 -0.84 26.60 14.40
CA PHE C 258 -1.28 25.34 15.02
C PHE C 258 -0.87 24.17 14.11
N VAL C 259 -0.36 23.10 14.73
CA VAL C 259 -0.22 21.81 14.02
C VAL C 259 -1.54 21.06 14.21
N VAL C 260 -2.22 20.77 13.09
CA VAL C 260 -3.47 20.01 13.13
C VAL C 260 -3.32 18.91 12.07
N GLY C 261 -3.42 17.67 12.52
CA GLY C 261 -3.17 16.50 11.68
C GLY C 261 -4.09 16.42 10.47
N ALA C 262 -3.53 15.94 9.36
CA ALA C 262 -4.28 15.73 8.13
C ALA C 262 -5.21 14.52 8.13
N ASN C 263 -5.39 13.84 9.27
CA ASN C 263 -6.42 12.82 9.44
C ASN C 263 -7.47 13.28 10.45
N SER C 264 -7.39 14.53 10.91
CA SER C 264 -8.22 14.99 12.00
C SER C 264 -9.23 16.00 11.45
N TYR C 265 -10.19 15.49 10.67
CA TYR C 265 -11.03 16.35 9.82
C TYR C 265 -11.93 17.21 10.66
N ASP C 266 -12.52 16.63 11.70
CA ASP C 266 -13.48 17.39 12.49
C ASP C 266 -12.75 18.49 13.26
N GLU C 267 -11.57 18.15 13.76
CA GLU C 267 -10.79 19.14 14.51
C GLU C 267 -10.28 20.25 13.59
N MET C 268 -9.91 19.89 12.36
CA MET C 268 -9.49 20.92 11.39
C MET C 268 -10.62 21.89 11.11
N ASN C 269 -11.82 21.34 10.86
CA ASN C 269 -13.00 22.18 10.70
C ASN C 269 -13.28 23.07 11.93
N TYR C 270 -13.23 22.50 13.12
CA TYR C 270 -13.44 23.27 14.35
C TYR C 270 -12.44 24.44 14.45
N ILE C 271 -11.16 24.14 14.26
CA ILE C 271 -10.10 25.15 14.40
C ILE C 271 -10.25 26.26 13.35
N ARG C 272 -10.49 25.91 12.09
CA ARG C 272 -10.68 26.95 11.08
C ARG C 272 -11.94 27.76 11.36
N THR C 273 -12.96 27.10 11.90
CA THR C 273 -14.23 27.77 12.18
C THR C 273 -14.10 28.78 13.35
N TYR C 274 -13.46 28.37 14.45
CA TYR C 274 -13.36 29.21 15.64
C TYR C 274 -12.14 30.11 15.60
N PHE C 275 -11.16 29.78 14.75
CA PHE C 275 -9.96 30.61 14.59
C PHE C 275 -9.77 30.94 13.12
N PRO C 276 -10.66 31.78 12.56
CA PRO C 276 -10.72 31.92 11.11
C PRO C 276 -9.47 32.50 10.50
N ASN C 277 -8.70 33.23 11.29
CA ASN C 277 -7.51 33.95 10.86
C ASN C 277 -6.17 33.22 11.11
N CYS C 278 -6.24 32.03 11.69
CA CYS C 278 -5.01 31.36 12.15
C CYS C 278 -4.20 30.65 11.04
N TYR C 279 -2.92 30.47 11.30
CA TYR C 279 -2.01 29.69 10.45
C TYR C 279 -1.98 28.25 10.92
N ILE C 280 -2.18 27.32 9.98
CA ILE C 280 -2.24 25.88 10.28
C ILE C 280 -1.17 25.17 9.47
N LEU C 281 -0.53 24.20 10.10
CA LEU C 281 0.46 23.30 9.47
C LEU C 281 -0.11 21.91 9.66
N SER C 282 -0.29 21.18 8.56
CA SER C 282 -0.97 19.90 8.64
C SER C 282 -0.12 18.78 8.02
N PRO C 283 0.52 17.98 8.88
CA PRO C 283 1.21 16.75 8.42
C PRO C 283 0.28 15.56 8.40
N GLY C 284 0.64 14.54 7.63
CA GLY C 284 -0.08 13.27 7.65
C GLY C 284 -0.63 12.82 6.31
N ILE C 285 -0.44 13.61 5.26
CA ILE C 285 -0.79 13.18 3.88
C ILE C 285 0.35 12.32 3.32
N GLY C 286 0.00 11.23 2.65
CA GLY C 286 1.01 10.41 1.98
C GLY C 286 1.22 9.18 2.83
N ALA C 287 2.37 9.10 3.51
CA ALA C 287 2.74 7.91 4.30
C ALA C 287 1.71 7.53 5.35
N GLN C 288 1.12 8.54 6.00
CA GLN C 288 0.14 8.30 7.04
C GLN C 288 -1.31 8.28 6.56
N ASN C 289 -1.47 8.34 5.24
N ASN C 289 -1.51 8.35 5.25
CA ASN C 289 -2.76 8.13 4.58
CA ASN C 289 -2.82 8.07 4.66
C ASN C 289 -3.87 9.06 5.08
C ASN C 289 -3.92 9.11 4.88
N GLY C 290 -3.56 10.34 5.24
CA GLY C 290 -4.61 11.38 5.44
C GLY C 290 -5.35 11.71 4.14
N ASP C 291 -6.57 12.24 4.26
CA ASP C 291 -7.39 12.60 3.10
C ASP C 291 -7.08 14.06 2.71
N LEU C 292 -6.43 14.26 1.56
CA LEU C 292 -6.02 15.61 1.16
C LEU C 292 -7.22 16.54 0.92
N HIS C 293 -8.23 16.02 0.21
CA HIS C 293 -9.40 16.83 -0.11
C HIS C 293 -10.10 17.34 1.15
N LYS C 294 -10.37 16.45 2.10
CA LYS C 294 -11.03 16.84 3.34
C LYS C 294 -10.15 17.76 4.16
N THR C 295 -8.84 17.46 4.21
CA THR C 295 -7.94 18.26 5.05
C THR C 295 -7.85 19.68 4.54
N LEU C 296 -7.59 19.80 3.24
CA LEU C 296 -7.37 21.11 2.64
C LEU C 296 -8.69 21.91 2.55
N THR C 297 -9.80 21.23 2.27
CA THR C 297 -11.11 21.88 2.36
C THR C 297 -11.45 22.39 3.76
N ASN C 298 -11.29 21.55 4.79
CA ASN C 298 -11.65 21.92 6.16
C ASN C 298 -10.74 23.01 6.73
N GLY C 299 -9.50 23.02 6.28
CA GLY C 299 -8.54 24.01 6.78
C GLY C 299 -8.42 25.23 5.90
N TYR C 300 -9.19 25.25 4.80
CA TYR C 300 -9.02 26.27 3.75
C TYR C 300 -9.09 27.70 4.27
N HIS C 301 -8.20 28.52 3.72
CA HIS C 301 -8.23 29.98 3.83
C HIS C 301 -7.86 30.57 2.46
N LYS C 302 -8.52 31.68 2.10
CA LYS C 302 -8.19 32.33 0.82
C LYS C 302 -6.71 32.74 0.76
N SER C 303 -6.12 33.07 1.91
CA SER C 303 -4.68 33.23 2.00
C SER C 303 -4.10 31.86 2.31
N TYR C 304 -3.84 31.03 1.31
CA TYR C 304 -3.69 29.61 1.63
C TYR C 304 -2.33 29.25 2.21
N GLU C 305 -1.45 30.22 2.36
CA GLU C 305 -0.26 29.99 3.17
C GLU C 305 -0.66 29.67 4.62
N LYS C 306 -1.92 29.97 4.98
CA LYS C 306 -2.46 29.66 6.31
C LYS C 306 -2.90 28.21 6.45
N ILE C 307 -2.72 27.43 5.40
CA ILE C 307 -3.03 25.99 5.52
C ILE C 307 -1.94 25.22 4.80
N LEU C 308 -0.79 25.08 5.49
CA LEU C 308 0.33 24.36 4.90
C LEU C 308 0.07 22.86 4.95
N ILE C 309 0.26 22.21 3.80
CA ILE C 309 0.07 20.75 3.70
C ILE C 309 1.44 20.08 3.59
N ASN C 310 1.89 19.45 4.68
CA ASN C 310 3.22 18.87 4.69
C ASN C 310 3.18 17.47 4.11
N ILE C 311 4.14 17.18 3.24
N ILE C 311 4.11 17.18 3.20
CA ILE C 311 4.31 15.86 2.66
CA ILE C 311 4.26 15.80 2.71
C ILE C 311 5.80 15.51 2.67
C ILE C 311 5.75 15.49 2.66
N GLY C 312 6.14 14.46 3.42
CA GLY C 312 7.52 14.05 3.60
C GLY C 312 7.84 12.81 2.80
N ARG C 313 7.65 11.66 3.44
CA ARG C 313 8.04 10.38 2.84
C ARG C 313 7.41 10.11 1.49
N ALA C 314 6.20 10.58 1.24
CA ALA C 314 5.60 10.29 -0.07
C ALA C 314 6.34 11.01 -1.20
N ILE C 315 7.15 12.00 -0.86
CA ILE C 315 8.06 12.62 -1.82
C ILE C 315 9.46 12.02 -1.72
N THR C 316 10.03 11.97 -0.51
CA THR C 316 11.45 11.66 -0.35
C THR C 316 11.79 10.18 -0.56
N LYS C 317 10.81 9.29 -0.39
CA LYS C 317 11.01 7.87 -0.63
C LYS C 317 10.52 7.47 -2.02
N ASN C 318 9.97 8.41 -2.78
CA ASN C 318 9.53 8.11 -4.14
C ASN C 318 10.74 8.00 -5.05
N PRO C 319 10.73 7.05 -6.00
CA PRO C 319 11.89 6.99 -6.93
C PRO C 319 12.07 8.24 -7.79
N TYR C 320 11.01 9.02 -7.93
CA TYR C 320 11.05 10.23 -8.72
C TYR C 320 10.52 11.39 -7.89
N PRO C 321 11.34 11.89 -6.95
CA PRO C 321 10.83 12.93 -6.04
C PRO C 321 10.27 14.18 -6.73
N GLN C 322 10.89 14.61 -7.84
CA GLN C 322 10.31 15.75 -8.59
C GLN C 322 8.87 15.47 -9.05
N LYS C 323 8.61 14.29 -9.60
CA LYS C 323 7.25 13.98 -10.03
C LYS C 323 6.24 13.81 -8.88
N ALA C 324 6.71 13.31 -7.75
CA ALA C 324 5.88 13.14 -6.57
C ALA C 324 5.45 14.51 -6.05
N ALA C 325 6.40 15.43 -5.96
CA ALA C 325 6.13 16.82 -5.59
C ALA C 325 5.17 17.46 -6.60
N GLN C 326 5.40 17.27 -7.90
CA GLN C 326 4.45 17.79 -8.90
C GLN C 326 3.02 17.29 -8.72
N MET C 327 2.88 15.99 -8.46
CA MET C 327 1.55 15.38 -8.32
C MET C 327 0.83 16.08 -7.17
N TYR C 328 1.53 16.26 -6.06
CA TYR C 328 0.89 16.86 -4.90
C TYR C 328 0.59 18.35 -5.12
N TYR C 329 1.51 19.04 -5.78
CA TYR C 329 1.33 20.42 -6.22
C TYR C 329 0.06 20.54 -7.06
N ASP C 330 -0.05 19.67 -8.07
CA ASP C 330 -1.22 19.67 -8.94
C ASP C 330 -2.50 19.32 -8.21
N GLN C 331 -2.45 18.30 -7.35
CA GLN C 331 -3.61 17.88 -6.56
C GLN C 331 -4.07 18.99 -5.60
N ILE C 332 -3.10 19.65 -4.96
CA ILE C 332 -3.41 20.80 -4.07
C ILE C 332 -4.05 21.92 -4.88
N ASN C 333 -3.47 22.25 -6.03
CA ASN C 333 -4.02 23.29 -6.89
C ASN C 333 -5.46 23.04 -7.34
N ALA C 334 -5.75 21.80 -7.77
CA ALA C 334 -7.12 21.43 -8.13
C ALA C 334 -8.09 21.66 -6.97
N ILE C 335 -7.68 21.30 -5.75
CA ILE C 335 -8.52 21.49 -4.58
C ILE C 335 -8.68 22.96 -4.18
N LEU C 336 -7.60 23.73 -4.19
CA LEU C 336 -7.66 25.17 -3.90
C LEU C 336 -8.63 25.81 -4.88
N LYS C 337 -8.55 25.39 -6.14
CA LYS C 337 -9.46 25.88 -7.17
C LYS C 337 -10.93 25.61 -6.85
N GLN C 338 -11.28 24.38 -6.47
CA GLN C 338 -12.65 24.05 -6.05
C GLN C 338 -13.11 24.91 -4.86
N ASN C 339 -12.21 25.20 -3.93
CA ASN C 339 -12.57 26.04 -2.78
C ASN C 339 -12.77 27.52 -3.19
N MET C 340 -11.98 27.94 -4.18
CA MET C 340 -12.10 29.19 -4.98
C MET C 340 -10.86 30.08 -4.87
N GLY D 21 19.94 -3.57 33.72
CA GLY D 21 18.86 -2.53 33.57
C GLY D 21 19.02 -1.31 34.49
N PHE D 22 18.33 -0.21 34.14
CA PHE D 22 18.45 1.04 34.89
C PHE D 22 17.96 0.91 36.34
N LYS D 23 16.93 0.11 36.60
CA LYS D 23 16.49 -0.08 37.99
C LYS D 23 17.64 -0.64 38.84
N VAL D 24 18.36 -1.60 38.26
CA VAL D 24 19.43 -2.27 39.00
C VAL D 24 20.61 -1.33 39.16
N LYS D 25 20.96 -0.64 38.08
N LYS D 25 21.00 -0.65 38.09
CA LYS D 25 22.07 0.29 38.10
CA LYS D 25 22.09 0.31 38.16
C LYS D 25 21.88 1.41 39.15
C LYS D 25 21.85 1.35 39.24
N LEU D 26 20.65 1.92 39.26
CA LEU D 26 20.32 2.94 40.28
C LEU D 26 20.41 2.36 41.70
N GLU D 27 19.82 1.19 41.91
CA GLU D 27 19.86 0.59 43.26
C GLU D 27 21.28 0.30 43.73
N LYS D 28 22.13 -0.24 42.85
CA LYS D 28 23.52 -0.58 43.22
C LYS D 28 24.32 0.68 43.54
N ARG D 29 24.11 1.74 42.76
CA ARG D 29 24.84 2.96 43.10
C ARG D 29 24.35 3.56 44.39
N ARG D 30 23.04 3.53 44.61
CA ARG D 30 22.42 4.09 45.81
C ARG D 30 23.02 3.37 47.03
N ASN D 31 23.16 2.05 46.93
CA ASN D 31 23.73 1.28 48.05
C ASN D 31 25.17 1.69 48.37
N ALA D 32 25.91 2.09 47.35
CA ALA D 32 27.32 2.39 47.53
C ALA D 32 27.53 3.83 48.00
N ILE D 33 26.72 4.77 47.50
CA ILE D 33 27.01 6.15 47.87
C ILE D 33 25.99 6.84 48.76
N ASN D 34 24.85 6.18 48.96
N ASN D 34 24.85 6.18 48.98
CA ASN D 34 23.80 6.57 49.94
CA ASN D 34 23.90 6.62 49.99
C ASN D 34 23.18 7.95 49.78
C ASN D 34 23.43 8.06 49.73
N THR D 35 22.87 8.29 48.54
CA THR D 35 22.24 9.57 48.25
C THR D 35 21.24 9.43 47.11
N CYS D 36 20.44 10.47 46.94
CA CYS D 36 19.59 10.58 45.75
C CYS D 36 19.84 11.90 45.01
N LEU D 37 20.97 12.53 45.28
CA LEU D 37 21.38 13.70 44.49
C LEU D 37 21.63 13.37 43.01
N CYS D 38 20.94 14.12 42.15
CA CYS D 38 21.13 14.08 40.71
C CYS D 38 21.80 15.38 40.31
N ILE D 39 23.00 15.32 39.78
CA ILE D 39 23.72 16.56 39.45
C ILE D 39 23.38 16.91 38.01
N GLY D 40 22.81 18.10 37.82
CA GLY D 40 22.48 18.59 36.48
C GLY D 40 23.69 19.28 35.83
N LEU D 41 23.99 18.90 34.60
CA LEU D 41 25.14 19.45 33.86
C LEU D 41 24.66 20.18 32.61
N ASP D 42 24.33 21.46 32.81
CA ASP D 42 23.69 22.32 31.81
C ASP D 42 24.57 23.55 31.62
N PRO D 43 25.72 23.40 30.94
CA PRO D 43 26.63 24.55 30.87
C PRO D 43 26.18 25.55 29.81
N ASP D 44 26.09 26.82 30.19
CA ASP D 44 25.71 27.88 29.27
C ASP D 44 26.95 28.62 28.78
N GLU D 45 26.73 29.60 27.92
CA GLU D 45 27.84 30.27 27.25
C GLU D 45 28.72 30.99 28.25
N LYS D 46 28.11 31.56 29.29
CA LYS D 46 28.87 32.28 30.30
C LYS D 46 29.71 31.34 31.14
N ASP D 47 29.21 30.12 31.37
CA ASP D 47 29.95 29.12 32.15
C ASP D 47 31.21 28.72 31.42
N ILE D 48 31.09 28.56 30.09
CA ILE D 48 32.24 28.16 29.32
C ILE D 48 33.28 29.29 29.26
N GLU D 49 32.79 30.52 29.04
CA GLU D 49 33.60 31.74 28.98
C GLU D 49 34.31 31.95 30.32
N ASN D 50 33.54 31.87 31.40
N ASN D 50 33.55 31.88 31.41
CA ASN D 50 34.09 32.00 32.75
CA ASN D 50 34.12 32.02 32.76
C ASN D 50 35.16 30.94 33.04
C ASN D 50 35.17 30.94 33.05
N PHE D 51 34.90 29.70 32.64
CA PHE D 51 35.89 28.64 32.83
C PHE D 51 37.19 28.95 32.09
N MET D 52 37.07 29.36 30.83
CA MET D 52 38.26 29.70 30.05
C MET D 52 39.05 30.84 30.70
N LYS D 53 38.34 31.91 31.10
CA LYS D 53 38.94 33.05 31.80
C LYS D 53 39.62 32.66 33.13
N ASN D 54 38.92 31.93 34.00
CA ASN D 54 39.49 31.47 35.27
C ASN D 54 40.71 30.57 35.08
N GLU D 55 40.67 29.69 34.07
CA GLU D 55 41.79 28.80 33.82
C GLU D 55 42.98 29.59 33.27
N LYS D 56 42.70 30.57 32.42
CA LYS D 56 43.75 31.46 31.94
C LYS D 56 44.41 32.21 33.09
N GLU D 57 43.67 32.43 34.17
CA GLU D 57 44.19 33.18 35.32
C GLU D 57 44.85 32.33 36.41
N ASN D 58 44.41 31.08 36.56
CA ASN D 58 44.97 30.18 37.57
C ASN D 58 45.98 29.18 36.99
N ASN D 59 46.51 29.52 35.81
CA ASN D 59 47.47 28.64 35.15
C ASN D 59 46.91 27.23 34.88
N TYR D 60 45.65 27.18 34.42
CA TYR D 60 45.02 25.94 33.99
C TYR D 60 45.01 24.82 35.02
N ASN D 61 44.83 25.22 36.28
CA ASN D 61 44.81 24.34 37.43
C ASN D 61 43.86 23.15 37.21
N ASN D 62 42.64 23.47 36.80
CA ASN D 62 41.64 22.42 36.71
C ASN D 62 41.79 21.59 35.45
N ILE D 63 42.19 22.22 34.34
CA ILE D 63 42.44 21.43 33.14
C ILE D 63 43.60 20.46 33.35
N LYS D 64 44.67 20.95 33.98
CA LYS D 64 45.80 20.09 34.29
C LYS D 64 45.37 18.89 35.15
N LYS D 65 44.45 19.11 36.09
CA LYS D 65 43.86 17.98 36.81
C LYS D 65 43.02 17.04 35.92
N ASN D 66 42.22 17.60 35.00
CA ASN D 66 41.43 16.76 34.10
C ASN D 66 42.34 15.83 33.31
N LEU D 67 43.46 16.38 32.86
CA LEU D 67 44.41 15.68 32.00
C LEU D 67 45.09 14.50 32.68
N LYS D 68 45.07 14.47 34.01
CA LYS D 68 45.64 13.38 34.80
C LYS D 68 44.64 12.28 35.16
N GLU D 69 43.34 12.55 35.00
CA GLU D 69 42.31 11.53 35.24
C GLU D 69 42.37 10.44 34.18
N LYS D 70 42.21 9.19 34.59
CA LYS D 70 42.54 8.06 33.72
C LYS D 70 41.57 7.87 32.56
N TYR D 71 40.30 8.20 32.77
N TYR D 71 40.30 8.23 32.79
CA TYR D 71 39.27 7.90 31.78
CA TYR D 71 39.23 7.93 31.84
C TYR D 71 39.15 8.93 30.66
C TYR D 71 39.12 8.95 30.70
N ILE D 72 39.91 10.01 30.76
CA ILE D 72 39.97 11.01 29.69
C ILE D 72 40.61 10.38 28.46
N ASN D 73 41.43 9.35 28.69
CA ASN D 73 42.04 8.56 27.62
C ASN D 73 41.07 7.65 26.88
N ASN D 74 39.84 7.54 27.36
CA ASN D 74 38.84 6.66 26.74
C ASN D 74 37.69 7.37 26.02
N VAL D 75 37.75 8.70 25.88
CA VAL D 75 36.71 9.41 25.12
C VAL D 75 37.01 9.30 23.63
N SER D 76 35.95 9.27 22.82
CA SER D 76 36.10 8.82 21.44
C SER D 76 36.17 9.93 20.41
N ILE D 77 35.82 11.15 20.79
CA ILE D 77 35.82 12.25 19.83
C ILE D 77 36.90 13.31 20.09
N LYS D 78 37.77 13.45 19.10
CA LYS D 78 38.85 14.44 19.14
C LYS D 78 39.68 14.35 20.42
N LYS D 79 39.95 13.12 20.86
CA LYS D 79 40.68 12.84 22.09
C LYS D 79 42.06 13.51 22.11
N ASP D 80 42.77 13.43 20.99
CA ASP D 80 44.05 14.10 20.82
C ASP D 80 43.97 15.60 21.14
N ILE D 81 42.97 16.29 20.59
CA ILE D 81 42.73 17.70 20.84
C ILE D 81 42.57 17.96 22.33
N LEU D 82 41.69 17.18 22.97
CA LEU D 82 41.41 17.30 24.40
C LEU D 82 42.61 17.04 25.29
N LEU D 83 43.50 16.15 24.83
CA LEU D 83 44.72 15.82 25.57
C LEU D 83 45.84 16.86 25.42
N LYS D 84 45.71 17.76 24.45
CA LYS D 84 46.70 18.83 24.24
C LYS D 84 46.83 19.72 25.48
N ALA D 85 48.01 20.30 25.67
CA ALA D 85 48.23 21.26 26.75
C ALA D 85 47.43 22.53 26.50
N PRO D 86 46.81 23.09 27.55
CA PRO D 86 45.89 24.22 27.33
C PRO D 86 46.52 25.49 26.78
N ASP D 87 47.80 25.72 27.07
CA ASP D 87 48.51 26.85 26.46
C ASP D 87 48.68 26.65 24.95
N ASN D 88 48.89 25.39 24.54
CA ASN D 88 49.01 25.03 23.13
C ASN D 88 47.71 25.26 22.34
N ILE D 89 46.58 25.19 23.05
CA ILE D 89 45.26 25.42 22.44
C ILE D 89 45.01 26.91 22.24
N ILE D 90 45.26 27.71 23.29
CA ILE D 90 45.07 29.16 23.26
C ILE D 90 45.95 29.81 22.18
N ARG D 91 47.20 29.36 22.11
CA ARG D 91 48.21 29.99 21.24
C ARG D 91 48.50 29.10 20.03
N GLU D 92 47.47 28.78 19.24
CA GLU D 92 47.67 27.89 18.10
C GLU D 92 46.34 27.55 17.44
N GLU D 93 45.39 27.06 18.25
CA GLU D 93 44.16 26.43 17.74
C GLU D 93 42.92 27.23 18.06
N LYS D 94 42.81 28.41 17.45
CA LYS D 94 41.60 29.23 17.60
C LYS D 94 40.38 28.35 17.34
N SER D 95 40.41 27.57 16.26
CA SER D 95 39.22 26.84 15.79
C SER D 95 38.71 25.74 16.75
N GLU D 96 39.59 25.17 17.56
CA GLU D 96 39.24 24.09 18.49
C GLU D 96 39.09 24.58 19.92
N GLU D 97 39.32 25.86 20.13
CA GLU D 97 39.38 26.43 21.48
C GLU D 97 38.06 26.29 22.23
N PHE D 98 36.97 26.66 21.56
CA PHE D 98 35.65 26.51 22.17
C PHE D 98 35.38 25.04 22.52
N PHE D 99 35.53 24.14 21.56
CA PHE D 99 35.38 22.73 21.86
C PHE D 99 36.15 22.32 23.11
N TYR D 100 37.43 22.68 23.13
CA TYR D 100 38.31 22.25 24.20
C TYR D 100 37.84 22.77 25.57
N PHE D 101 37.55 24.06 25.66
CA PHE D 101 37.10 24.60 26.95
C PHE D 101 35.71 24.13 27.38
N PHE D 102 34.83 23.94 26.40
CA PHE D 102 33.49 23.43 26.71
C PHE D 102 33.63 22.02 27.29
N ASN D 103 34.35 21.15 26.58
CA ASN D 103 34.49 19.78 27.02
C ASN D 103 35.26 19.70 28.36
N HIS D 104 36.30 20.52 28.50
CA HIS D 104 37.03 20.53 29.78
C HIS D 104 36.23 21.04 30.98
N PHE D 105 35.38 22.02 30.74
CA PHE D 105 34.44 22.44 31.79
C PHE D 105 33.57 21.28 32.28
N CYS D 106 33.00 20.51 31.35
CA CYS D 106 32.14 19.42 31.73
C CYS D 106 32.91 18.39 32.53
N PHE D 107 34.11 18.06 32.06
CA PHE D 107 34.92 17.05 32.75
C PHE D 107 35.31 17.54 34.14
N TYR D 108 35.57 18.83 34.24
CA TYR D 108 35.89 19.46 35.51
C TYR D 108 34.77 19.31 36.53
N ILE D 109 33.57 19.72 36.16
CA ILE D 109 32.40 19.52 37.02
C ILE D 109 32.24 18.03 37.39
N ILE D 110 32.32 17.12 36.43
CA ILE D 110 32.11 15.70 36.73
C ILE D 110 33.19 15.20 37.71
N ASN D 111 34.44 15.55 37.44
CA ASN D 111 35.54 15.14 38.33
C ASN D 111 35.36 15.68 39.74
N GLU D 112 34.95 16.94 39.84
CA GLU D 112 34.81 17.60 41.14
C GLU D 112 33.65 17.08 41.98
N THR D 113 32.59 16.57 41.34
CA THR D 113 31.35 16.30 42.04
C THR D 113 30.81 14.87 42.00
N ASN D 114 31.39 14.00 41.16
CA ASN D 114 30.75 12.69 40.89
C ASN D 114 30.60 11.80 42.11
N LYS D 115 31.52 11.93 43.06
CA LYS D 115 31.45 11.06 44.22
C LYS D 115 30.23 11.33 45.10
N TYR D 116 29.54 12.46 44.86
CA TYR D 116 28.33 12.85 45.58
C TYR D 116 27.05 12.58 44.78
N ALA D 117 27.18 12.06 43.56
CA ALA D 117 26.07 12.03 42.58
C ALA D 117 25.53 10.63 42.39
N LEU D 118 24.23 10.45 42.62
CA LEU D 118 23.59 9.19 42.26
C LEU D 118 23.47 9.07 40.74
N THR D 119 23.29 10.21 40.09
N THR D 119 23.25 10.22 40.10
CA THR D 119 23.17 10.23 38.63
CA THR D 119 23.00 10.30 38.65
C THR D 119 23.50 11.64 38.15
C THR D 119 23.50 11.66 38.16
N PHE D 120 23.83 11.76 36.88
CA PHE D 120 23.96 13.06 36.20
C PHE D 120 22.83 13.19 35.19
N LYS D 121 22.28 14.41 35.10
CA LYS D 121 21.27 14.71 34.08
C LYS D 121 21.79 15.82 33.19
N MET D 122 21.86 15.56 31.88
CA MET D 122 22.38 16.51 30.93
C MET D 122 21.20 17.02 30.09
N ASN D 123 20.95 18.32 30.11
CA ASN D 123 19.85 18.83 29.27
C ASN D 123 20.38 19.16 27.88
N PHE D 124 19.82 18.44 26.89
CA PHE D 124 20.24 18.52 25.49
C PHE D 124 20.31 19.96 24.97
N ALA D 125 19.38 20.80 25.42
CA ALA D 125 19.33 22.17 24.97
C ALA D 125 20.66 22.93 25.07
N PHE D 126 21.47 22.62 26.09
CA PHE D 126 22.70 23.36 26.31
C PHE D 126 23.81 22.92 25.36
N TYR D 127 23.61 21.80 24.69
CA TYR D 127 24.68 21.20 23.88
C TYR D 127 24.52 21.47 22.39
N ILE D 128 23.34 21.94 22.00
CA ILE D 128 23.03 22.15 20.60
C ILE D 128 23.21 23.57 20.00
N PRO D 129 23.21 24.67 20.82
CA PRO D 129 23.10 25.99 20.18
C PRO D 129 24.29 26.54 19.37
N TYR D 130 25.42 25.82 19.42
CA TYR D 130 26.64 26.14 18.66
C TYR D 130 26.79 25.21 17.46
N GLY D 131 25.74 24.45 17.15
CA GLY D 131 25.82 23.44 16.11
C GLY D 131 26.45 22.12 16.52
N SER D 132 27.12 21.47 15.58
CA SER D 132 27.71 20.15 15.83
C SER D 132 28.68 20.07 17.01
N VAL D 133 29.44 21.13 17.23
CA VAL D 133 30.54 21.10 18.22
C VAL D 133 30.09 20.66 19.62
N GLY D 134 28.95 21.16 20.09
CA GLY D 134 28.46 20.76 21.41
C GLY D 134 27.88 19.35 21.47
N ILE D 135 27.55 18.77 20.30
CA ILE D 135 27.11 17.39 20.29
C ILE D 135 28.29 16.45 20.47
N ASP D 136 29.43 16.82 19.89
CA ASP D 136 30.68 16.08 20.16
C ASP D 136 30.99 16.17 21.66
N VAL D 137 30.83 17.35 22.24
CA VAL D 137 31.04 17.48 23.69
C VAL D 137 30.09 16.56 24.47
N LEU D 138 28.79 16.61 24.14
CA LEU D 138 27.80 15.76 24.79
C LEU D 138 28.14 14.27 24.71
N LYS D 139 28.54 13.83 23.53
CA LYS D 139 28.95 12.43 23.37
C LYS D 139 30.15 12.09 24.28
N ASN D 140 31.13 12.97 24.35
CA ASN D 140 32.31 12.73 25.19
C ASN D 140 31.90 12.70 26.67
N VAL D 141 30.95 13.57 27.03
CA VAL D 141 30.40 13.56 28.39
C VAL D 141 29.73 12.23 28.73
N PHE D 142 28.88 11.72 27.84
CA PHE D 142 28.24 10.45 28.08
C PHE D 142 29.22 9.28 28.12
N ASP D 143 30.25 9.36 27.27
CA ASP D 143 31.30 8.35 27.22
C ASP D 143 32.04 8.33 28.57
N TYR D 144 32.35 9.51 29.09
CA TYR D 144 33.14 9.67 30.30
C TYR D 144 32.34 9.13 31.49
N LEU D 145 31.06 9.50 31.57
CA LEU D 145 30.21 9.01 32.63
C LEU D 145 30.04 7.49 32.55
N TYR D 146 29.98 6.95 31.34
CA TYR D 146 29.83 5.51 31.15
C TYR D 146 31.04 4.77 31.73
N GLU D 147 32.21 5.36 31.52
CA GLU D 147 33.47 4.84 32.03
C GLU D 147 33.55 4.85 33.55
N LEU D 148 33.03 5.93 34.15
CA LEU D 148 32.87 6.03 35.60
C LEU D 148 31.74 5.20 36.22
N ASN D 149 30.97 4.51 35.39
CA ASN D 149 29.84 3.71 35.88
C ASN D 149 28.78 4.59 36.54
N ILE D 150 28.58 5.80 36.06
CA ILE D 150 27.62 6.70 36.70
C ILE D 150 26.35 6.75 35.86
N PRO D 151 25.20 6.44 36.46
CA PRO D 151 23.91 6.43 35.80
C PRO D 151 23.61 7.78 35.16
N THR D 152 23.03 7.76 33.95
CA THR D 152 22.83 8.99 33.19
C THR D 152 21.37 9.19 32.80
N ILE D 153 21.00 10.47 32.67
CA ILE D 153 19.70 10.88 32.14
C ILE D 153 20.01 11.91 31.06
N LEU D 154 19.50 11.71 29.85
CA LEU D 154 19.55 12.75 28.83
C LEU D 154 18.17 13.45 28.89
N ASP D 155 18.17 14.72 29.29
CA ASP D 155 16.92 15.47 29.40
C ASP D 155 16.68 16.22 28.10
N MET D 156 15.72 15.74 27.33
CA MET D 156 15.43 16.27 26.00
C MET D 156 13.93 16.44 25.76
N LYS D 157 13.10 15.88 26.64
CA LYS D 157 11.64 16.02 26.61
C LYS D 157 11.15 15.68 25.19
N ILE D 158 11.61 14.55 24.68
CA ILE D 158 11.31 14.17 23.31
C ILE D 158 9.84 13.88 23.12
N ASN D 159 9.36 14.18 21.93
CA ASN D 159 8.03 13.78 21.56
C ASN D 159 7.84 13.81 20.06
N ASP D 160 7.21 12.78 19.51
CA ASP D 160 6.82 12.82 18.08
C ASP D 160 5.97 11.58 17.80
N ILE D 161 5.59 11.39 16.54
CA ILE D 161 4.98 10.12 16.14
C ILE D 161 5.99 8.99 16.21
N GLY D 162 5.49 7.75 16.22
CA GLY D 162 6.36 6.57 16.36
C GLY D 162 7.49 6.51 15.35
N ASN D 163 7.21 6.72 14.07
CA ASN D 163 8.29 6.62 13.06
C ASN D 163 9.44 7.58 13.30
N THR D 164 9.10 8.80 13.71
CA THR D 164 10.09 9.81 13.96
C THR D 164 10.85 9.58 15.26
N VAL D 165 10.11 9.18 16.31
CA VAL D 165 10.68 9.13 17.65
C VAL D 165 11.72 8.00 17.80
N LYS D 166 11.63 6.99 16.94
N LYS D 166 11.65 6.98 16.95
CA LYS D 166 12.65 5.94 16.88
CA LYS D 166 12.69 5.94 17.01
C LYS D 166 14.06 6.52 16.75
C LYS D 166 14.10 6.45 16.64
N ASN D 167 14.19 7.62 16.01
CA ASN D 167 15.49 8.25 15.79
C ASN D 167 16.06 8.79 17.12
N TYR D 168 15.18 9.28 17.99
CA TYR D 168 15.64 9.73 19.30
C TYR D 168 16.00 8.52 20.17
N ARG D 169 15.24 7.43 20.06
CA ARG D 169 15.63 6.20 20.75
C ARG D 169 17.07 5.80 20.36
N LYS D 170 17.37 5.86 19.06
CA LYS D 170 18.70 5.51 18.57
C LYS D 170 19.76 6.48 19.10
N PHE D 171 19.51 7.79 18.95
CA PHE D 171 20.44 8.78 19.47
C PHE D 171 20.76 8.59 20.95
N ILE D 172 19.69 8.45 21.73
CA ILE D 172 19.82 8.49 23.17
C ILE D 172 20.40 7.18 23.70
N PHE D 173 19.85 6.06 23.26
CA PHE D 173 20.16 4.77 23.88
C PHE D 173 21.20 3.92 23.16
N GLU D 174 21.39 4.18 21.87
CA GLU D 174 22.42 3.48 21.11
C GLU D 174 23.65 4.34 20.92
N TYR D 175 23.46 5.59 20.50
CA TYR D 175 24.58 6.48 20.28
C TYR D 175 25.23 6.99 21.59
N LEU D 176 24.48 7.74 22.38
CA LEU D 176 25.01 8.18 23.67
C LEU D 176 25.13 7.10 24.74
N LYS D 177 24.38 6.00 24.57
CA LYS D 177 24.29 4.90 25.53
C LYS D 177 23.80 5.43 26.87
N SER D 178 22.84 6.35 26.82
CA SER D 178 22.22 6.84 28.03
C SER D 178 21.42 5.76 28.73
N ASP D 179 21.25 5.88 30.04
CA ASP D 179 20.43 4.94 30.79
C ASP D 179 18.94 5.30 30.72
N SER D 180 18.67 6.57 30.45
CA SER D 180 17.31 7.05 30.51
C SER D 180 17.19 8.40 29.79
N CYS D 181 15.94 8.80 29.57
CA CYS D 181 15.66 10.13 29.02
C CYS D 181 14.35 10.66 29.55
N THR D 182 14.11 11.94 29.28
CA THR D 182 12.81 12.51 29.59
C THR D 182 11.97 12.59 28.30
N VAL D 183 10.67 12.49 28.49
CA VAL D 183 9.73 12.38 27.38
C VAL D 183 8.50 13.19 27.72
N ASN D 184 7.96 13.89 26.73
CA ASN D 184 6.66 14.55 26.88
C ASN D 184 5.64 13.71 26.13
N ILE D 185 4.71 13.08 26.85
CA ILE D 185 3.73 12.23 26.16
C ILE D 185 2.40 12.89 25.78
N TYR D 186 2.35 14.23 25.75
CA TYR D 186 1.09 14.89 25.38
C TYR D 186 0.53 14.43 24.02
N MET D 187 1.39 14.10 23.05
CA MET D 187 0.89 13.62 21.75
C MET D 187 0.19 12.28 21.86
N GLY D 188 0.56 11.49 22.86
CA GLY D 188 -0.01 10.15 23.02
C GLY D 188 0.98 9.23 23.69
N THR D 189 0.44 8.29 24.44
CA THR D 189 1.28 7.38 25.21
C THR D 189 1.95 6.34 24.32
N ASN D 190 1.34 6.00 23.18
CA ASN D 190 1.91 4.98 22.29
C ASN D 190 3.32 5.28 21.77
N MET D 191 3.71 6.57 21.77
CA MET D 191 5.07 6.89 21.39
C MET D 191 6.08 6.14 22.27
N LEU D 192 5.68 5.77 23.49
CA LEU D 192 6.61 5.11 24.42
C LEU D 192 7.05 3.74 23.90
N LYS D 193 6.23 3.15 23.06
CA LYS D 193 6.51 1.83 22.48
C LYS D 193 7.72 1.93 21.56
N ASP D 194 8.00 3.12 21.04
CA ASP D 194 9.16 3.34 20.16
C ASP D 194 10.26 4.11 20.84
N ILE D 195 10.15 4.27 22.16
CA ILE D 195 11.22 4.89 22.95
C ILE D 195 11.81 3.92 23.97
N CYS D 196 10.93 3.31 24.77
CA CYS D 196 11.33 2.46 25.88
C CYS D 196 11.44 1.00 25.44
N TYR D 197 11.11 0.73 24.19
CA TYR D 197 11.18 -0.65 23.68
C TYR D 197 11.70 -0.65 22.26
N ASP D 198 12.47 -1.67 21.89
CA ASP D 198 12.90 -1.80 20.51
C ASP D 198 12.53 -3.22 20.15
N GLU D 199 11.44 -3.36 19.38
CA GLU D 199 10.91 -4.66 19.00
C GLU D 199 11.93 -5.49 18.22
N GLU D 200 12.66 -4.85 17.31
CA GLU D 200 13.67 -5.52 16.48
C GLU D 200 14.75 -6.22 17.31
N LYS D 201 15.03 -5.70 18.49
CA LYS D 201 16.12 -6.21 19.32
C LYS D 201 15.63 -6.72 20.67
N ASN D 202 14.34 -6.62 20.93
CA ASN D 202 13.83 -6.98 22.25
C ASN D 202 14.71 -6.31 23.30
N LYS D 203 14.91 -5.00 23.18
CA LYS D 203 15.66 -4.23 24.19
C LYS D 203 14.72 -3.24 24.85
N TYR D 204 14.98 -2.95 26.11
CA TYR D 204 14.10 -2.16 26.97
C TYR D 204 14.88 -0.98 27.53
N TYR D 205 14.24 0.19 27.67
CA TYR D 205 14.93 1.40 28.10
C TYR D 205 14.05 2.18 29.08
N SER D 206 14.66 3.02 29.92
CA SER D 206 13.91 3.75 30.93
C SER D 206 13.65 5.19 30.54
N ALA D 207 12.52 5.72 30.98
CA ALA D 207 12.20 7.13 30.72
C ALA D 207 11.51 7.76 31.89
N PHE D 208 11.60 9.08 31.99
CA PHE D 208 10.77 9.82 32.91
C PHE D 208 9.84 10.70 32.05
N VAL D 209 8.52 10.61 32.29
CA VAL D 209 7.56 11.43 31.56
C VAL D 209 7.23 12.69 32.36
N LEU D 210 6.98 13.79 31.65
CA LEU D 210 6.60 15.03 32.34
C LEU D 210 5.27 14.86 33.03
N VAL D 211 5.22 15.19 34.33
CA VAL D 211 3.97 15.09 35.06
C VAL D 211 3.56 16.44 35.63
N LYS D 212 4.42 17.05 36.46
CA LYS D 212 4.15 18.41 36.91
C LYS D 212 5.46 19.19 36.78
N THR D 213 5.43 20.33 36.11
CA THR D 213 6.69 21.03 35.84
C THR D 213 6.82 22.31 36.66
N THR D 214 8.01 22.90 36.65
CA THR D 214 8.38 23.96 37.60
C THR D 214 8.10 25.36 37.08
N ASN D 215 7.78 25.45 35.81
CA ASN D 215 7.54 26.76 35.23
C ASN D 215 6.32 27.41 35.91
N PRO D 216 6.34 28.72 36.03
CA PRO D 216 5.34 29.38 36.86
C PRO D 216 3.89 29.21 36.37
N ASP D 217 3.67 28.95 35.09
CA ASP D 217 2.31 28.75 34.57
C ASP D 217 1.96 27.29 34.33
N SER D 218 2.64 26.38 35.02
CA SER D 218 2.43 24.96 34.75
C SER D 218 1.02 24.47 35.10
N ALA D 219 0.24 25.20 35.91
CA ALA D 219 -1.14 24.73 36.15
C ALA D 219 -2.08 24.79 34.96
N ILE D 220 -1.80 25.61 33.94
N ILE D 220 -1.79 25.62 33.96
CA ILE D 220 -2.83 25.94 32.95
CA ILE D 220 -2.72 25.96 32.90
C ILE D 220 -3.24 24.77 32.06
C ILE D 220 -3.27 24.68 32.27
N PHE D 221 -2.37 23.76 31.93
CA PHE D 221 -2.81 22.50 31.31
C PHE D 221 -2.75 21.33 32.30
N GLN D 222 -1.68 21.25 33.08
CA GLN D 222 -1.43 20.12 33.95
C GLN D 222 -2.42 20.00 35.10
N LYS D 223 -2.95 21.12 35.56
CA LYS D 223 -3.91 21.11 36.67
C LYS D 223 -5.32 21.43 36.20
N ASN D 224 -5.45 22.43 35.32
CA ASN D 224 -6.77 22.88 34.93
C ASN D 224 -7.53 21.93 33.99
N LEU D 225 -6.82 21.18 33.16
CA LEU D 225 -7.52 20.20 32.30
C LEU D 225 -7.84 18.99 33.15
N SER D 226 -8.97 18.33 32.94
CA SER D 226 -9.24 17.13 33.73
C SER D 226 -10.05 16.08 32.97
N LEU D 227 -10.10 14.88 33.55
CA LEU D 227 -10.95 13.80 33.10
C LEU D 227 -11.41 12.99 34.31
N ASP D 228 -12.68 12.61 34.35
CA ASP D 228 -13.13 11.66 35.38
C ASP D 228 -12.67 12.03 36.79
N ASN D 229 -12.89 13.30 37.15
CA ASN D 229 -12.51 13.83 38.46
C ASN D 229 -11.02 13.70 38.83
N LYS D 230 -10.18 13.63 37.80
CA LYS D 230 -8.73 13.65 37.98
C LYS D 230 -8.09 14.76 37.12
N GLN D 231 -7.20 15.53 37.73
CA GLN D 231 -6.41 16.54 36.99
C GLN D 231 -5.55 15.89 35.95
N ALA D 232 -5.24 16.63 34.89
CA ALA D 232 -4.44 16.13 33.79
C ALA D 232 -3.16 15.42 34.23
N TYR D 233 -2.46 15.93 35.24
CA TYR D 233 -1.19 15.34 35.61
C TYR D 233 -1.41 13.90 36.12
N VAL D 234 -2.54 13.67 36.78
CA VAL D 234 -2.88 12.34 37.29
C VAL D 234 -3.22 11.40 36.12
N ILE D 235 -4.07 11.86 35.20
CA ILE D 235 -4.38 11.09 33.97
C ILE D 235 -3.10 10.68 33.22
N MET D 236 -2.19 11.63 33.10
CA MET D 236 -0.95 11.39 32.35
C MET D 236 -0.05 10.38 33.10
N ALA D 237 0.10 10.56 34.41
CA ALA D 237 0.90 9.62 35.21
C ALA D 237 0.32 8.19 35.09
N GLN D 238 -1.00 8.06 35.20
CA GLN D 238 -1.64 6.72 35.09
C GLN D 238 -1.39 6.08 33.73
N GLU D 239 -1.59 6.87 32.67
CA GLU D 239 -1.34 6.38 31.33
C GLU D 239 0.09 5.89 31.14
N ALA D 240 1.06 6.66 31.66
CA ALA D 240 2.47 6.29 31.62
C ALA D 240 2.70 4.94 32.34
N LEU D 241 2.19 4.78 33.54
N LEU D 241 2.17 4.82 33.54
CA LEU D 241 2.41 3.50 34.23
CA LEU D 241 2.24 3.58 34.34
C LEU D 241 1.68 2.33 33.57
C LEU D 241 1.70 2.41 33.52
N ASN D 242 0.50 2.60 32.99
CA ASN D 242 -0.21 1.56 32.22
C ASN D 242 0.63 1.08 31.06
N MET D 243 1.25 2.02 30.34
CA MET D 243 2.11 1.66 29.23
C MET D 243 3.35 0.92 29.71
N SER D 244 3.91 1.32 30.86
CA SER D 244 5.06 0.61 31.42
C SER D 244 4.71 -0.86 31.68
N SER D 245 3.52 -1.10 32.21
N SER D 245 3.52 -1.09 32.24
CA SER D 245 3.06 -2.48 32.48
CA SER D 245 3.01 -2.44 32.47
C SER D 245 2.80 -3.22 31.17
C SER D 245 2.90 -3.18 31.14
N TYR D 246 2.24 -2.53 30.18
CA TYR D 246 1.99 -3.12 28.87
C TYR D 246 3.30 -3.56 28.22
N LEU D 247 4.34 -2.74 28.36
CA LEU D 247 5.64 -2.98 27.74
C LEU D 247 6.56 -3.94 28.53
N ASN D 248 6.10 -4.37 29.70
CA ASN D 248 6.88 -5.27 30.56
C ASN D 248 8.21 -4.67 31.00
N LEU D 249 8.25 -3.36 31.22
CA LEU D 249 9.50 -2.74 31.56
C LEU D 249 10.11 -3.24 32.88
N GLU D 250 9.29 -3.31 33.92
CA GLU D 250 9.87 -3.60 35.23
C GLU D 250 10.36 -5.04 35.37
N GLN D 251 9.68 -5.95 34.67
CA GLN D 251 10.15 -7.34 34.53
C GLN D 251 11.53 -7.39 33.90
N ASN D 252 11.82 -6.38 33.08
CA ASN D 252 13.08 -6.25 32.37
C ASN D 252 14.06 -5.21 32.97
N ASN D 253 13.84 -4.86 34.23
CA ASN D 253 14.72 -4.02 35.06
C ASN D 253 14.79 -2.56 34.59
N GLU D 254 13.75 -2.14 33.88
CA GLU D 254 13.62 -0.75 33.41
C GLU D 254 12.32 -0.20 33.98
N PHE D 255 12.07 1.11 33.78
CA PHE D 255 10.84 1.72 34.28
C PHE D 255 10.45 2.94 33.47
N ILE D 256 9.19 3.33 33.59
CA ILE D 256 8.81 4.69 33.24
C ILE D 256 8.47 5.41 34.55
N GLY D 257 9.17 6.52 34.77
CA GLY D 257 8.99 7.36 35.96
C GLY D 257 8.37 8.71 35.59
N PHE D 258 8.37 9.61 36.57
CA PHE D 258 7.66 10.89 36.49
C PHE D 258 8.56 12.05 36.82
N VAL D 259 8.46 13.13 36.02
CA VAL D 259 9.10 14.38 36.41
C VAL D 259 8.06 15.16 37.19
N VAL D 260 8.39 15.51 38.45
CA VAL D 260 7.49 16.25 39.32
C VAL D 260 8.35 17.35 39.92
N GLY D 261 8.02 18.59 39.61
CA GLY D 261 8.75 19.73 40.11
C GLY D 261 8.89 19.79 41.62
N ALA D 262 10.03 20.35 42.04
CA ALA D 262 10.40 20.48 43.45
C ALA D 262 9.76 21.68 44.13
N ASN D 263 8.75 22.27 43.45
CA ASN D 263 7.90 23.33 44.01
C ASN D 263 6.43 22.87 44.02
N SER D 264 6.20 21.61 43.66
CA SER D 264 4.84 21.10 43.48
C SER D 264 4.52 20.12 44.60
N TYR D 265 4.37 20.66 45.82
CA TYR D 265 4.31 19.80 47.01
C TYR D 265 3.08 18.94 47.06
N ASP D 266 1.93 19.52 46.73
CA ASP D 266 0.68 18.76 46.76
C ASP D 266 0.73 17.62 45.74
N GLU D 267 1.22 17.92 44.54
CA GLU D 267 1.30 16.91 43.50
C GLU D 267 2.34 15.84 43.84
N MET D 268 3.47 16.25 44.42
CA MET D 268 4.46 15.28 44.87
C MET D 268 3.85 14.33 45.91
N ASN D 269 3.07 14.86 46.84
CA ASN D 269 2.45 13.98 47.82
C ASN D 269 1.43 13.03 47.19
N TYR D 270 0.64 13.57 46.26
CA TYR D 270 -0.37 12.79 45.59
C TYR D 270 0.31 11.65 44.81
N ILE D 271 1.37 11.98 44.07
CA ILE D 271 2.04 10.97 43.26
C ILE D 271 2.67 9.87 44.12
N ARG D 272 3.40 10.26 45.16
CA ARG D 272 4.04 9.27 46.04
C ARG D 272 3.00 8.42 46.77
N THR D 273 1.86 9.02 47.12
CA THR D 273 0.81 8.27 47.79
C THR D 273 0.11 7.27 46.87
N TYR D 274 -0.33 7.74 45.70
CA TYR D 274 -1.15 6.91 44.81
C TYR D 274 -0.38 6.06 43.80
N PHE D 275 0.91 6.34 43.65
CA PHE D 275 1.82 5.50 42.85
C PHE D 275 3.01 5.16 43.77
N PRO D 276 2.74 4.36 44.82
CA PRO D 276 3.70 4.18 45.92
C PRO D 276 5.13 3.88 45.51
N ASN D 277 5.32 3.11 44.44
CA ASN D 277 6.65 2.61 44.14
C ASN D 277 7.23 3.19 42.84
N CYS D 278 6.67 4.30 42.39
CA CYS D 278 7.15 4.98 41.18
C CYS D 278 8.48 5.69 41.37
N TYR D 279 9.18 5.89 40.26
CA TYR D 279 10.42 6.67 40.20
C TYR D 279 10.06 8.10 39.84
N ILE D 280 10.57 9.04 40.65
CA ILE D 280 10.34 10.47 40.47
C ILE D 280 11.68 11.16 40.27
N LEU D 281 11.69 12.08 39.31
CA LEU D 281 12.83 12.94 39.08
C LEU D 281 12.32 14.36 39.40
N SER D 282 13.01 15.07 40.29
CA SER D 282 12.49 16.38 40.74
C SER D 282 13.49 17.52 40.61
N PRO D 283 13.34 18.33 39.54
CA PRO D 283 14.15 19.51 39.38
C PRO D 283 13.47 20.70 40.10
N GLY D 284 14.25 21.74 40.35
CA GLY D 284 13.65 23.02 40.77
C GLY D 284 14.25 23.56 42.05
N ILE D 285 15.16 22.80 42.66
CA ILE D 285 15.85 23.25 43.88
C ILE D 285 17.14 23.98 43.51
N GLY D 286 17.42 25.09 44.19
CA GLY D 286 18.64 25.85 43.97
C GLY D 286 18.34 27.12 43.20
N ALA D 287 18.64 27.11 41.91
CA ALA D 287 18.46 28.30 41.08
C ALA D 287 17.00 28.75 41.04
N GLN D 288 16.08 27.78 40.97
CA GLN D 288 14.65 28.06 40.97
C GLN D 288 14.15 28.13 42.42
N ASN D 289 12.85 28.16 42.59
CA ASN D 289 12.42 28.46 43.96
C ASN D 289 11.86 27.26 44.72
N GLY D 290 12.55 26.12 44.59
CA GLY D 290 12.08 24.88 45.20
C GLY D 290 12.58 24.73 46.61
N ASP D 291 11.84 23.98 47.43
CA ASP D 291 12.22 23.77 48.83
C ASP D 291 12.65 22.31 49.07
N LEU D 292 13.91 22.12 49.48
CA LEU D 292 14.47 20.76 49.59
C LEU D 292 13.79 19.90 50.65
N HIS D 293 13.68 20.43 51.86
CA HIS D 293 13.06 19.67 52.95
C HIS D 293 11.67 19.15 52.58
N LYS D 294 10.80 20.02 52.07
CA LYS D 294 9.44 19.65 51.71
C LYS D 294 9.37 18.70 50.51
N THR D 295 10.17 18.97 49.49
CA THR D 295 10.14 18.14 48.29
C THR D 295 10.53 16.71 48.61
N LEU D 296 11.69 16.55 49.24
CA LEU D 296 12.21 15.21 49.51
C LEU D 296 11.32 14.46 50.51
N THR D 297 10.80 15.15 51.51
CA THR D 297 9.86 14.52 52.44
C THR D 297 8.61 14.02 51.72
N ASN D 298 8.01 14.86 50.89
CA ASN D 298 6.81 14.48 50.16
C ASN D 298 7.05 13.38 49.16
N GLY D 299 8.28 13.35 48.62
CA GLY D 299 8.65 12.38 47.61
C GLY D 299 9.28 11.11 48.12
N TYR D 300 9.53 11.08 49.43
CA TYR D 300 10.38 10.07 50.06
C TYR D 300 9.96 8.65 49.71
N HIS D 301 10.98 7.82 49.51
CA HIS D 301 10.81 6.37 49.43
C HIS D 301 12.08 5.78 50.04
N LYS D 302 11.93 4.73 50.84
CA LYS D 302 13.11 4.09 51.44
C LYS D 302 14.11 3.67 50.38
N SER D 303 13.60 3.26 49.20
CA SER D 303 14.45 3.09 48.02
C SER D 303 14.59 4.46 47.41
N TYR D 304 15.48 5.28 47.96
CA TYR D 304 15.44 6.69 47.60
C TYR D 304 16.00 7.02 46.21
N GLU D 305 16.46 6.01 45.46
CA GLU D 305 16.75 6.24 44.02
C GLU D 305 15.43 6.53 43.30
N LYS D 306 14.31 6.31 43.99
CA LYS D 306 12.99 6.64 43.48
C LYS D 306 12.58 8.10 43.65
N ILE D 307 13.44 8.89 44.30
CA ILE D 307 13.23 10.32 44.41
C ILE D 307 14.52 11.08 44.10
N LEU D 308 14.80 11.26 42.81
CA LEU D 308 16.02 11.94 42.38
C LEU D 308 15.82 13.43 42.55
N ILE D 309 16.73 14.07 43.27
CA ILE D 309 16.68 15.51 43.50
C ILE D 309 17.73 16.13 42.59
N ASN D 310 17.27 16.75 41.51
CA ASN D 310 18.20 17.33 40.56
C ASN D 310 18.63 18.73 40.98
N ILE D 311 19.95 18.96 40.96
N ILE D 311 19.95 18.94 40.99
CA ILE D 311 20.48 20.30 41.20
CA ILE D 311 20.55 20.25 41.24
C ILE D 311 21.53 20.66 40.18
C ILE D 311 21.49 20.57 40.09
N GLY D 312 21.20 21.65 39.36
CA GLY D 312 22.05 22.06 38.25
C GLY D 312 22.85 23.30 38.61
N ARG D 313 22.28 24.47 38.33
CA ARG D 313 23.02 25.73 38.41
C ARG D 313 23.55 26.04 39.81
N ALA D 314 22.83 25.62 40.84
CA ALA D 314 23.33 25.82 42.22
C ALA D 314 24.66 25.13 42.49
N ILE D 315 24.98 24.11 41.70
CA ILE D 315 26.30 23.49 41.74
C ILE D 315 27.19 24.04 40.64
N THR D 316 26.71 24.05 39.39
CA THR D 316 27.59 24.38 38.27
C THR D 316 28.00 25.85 38.18
N LYS D 317 27.21 26.75 38.76
CA LYS D 317 27.55 28.16 38.82
C LYS D 317 28.12 28.58 40.19
N ASN D 318 28.27 27.62 41.08
CA ASN D 318 28.93 27.85 42.38
C ASN D 318 30.44 27.93 42.18
N PRO D 319 31.10 28.93 42.80
CA PRO D 319 32.56 29.05 42.68
C PRO D 319 33.38 27.85 43.21
N TYR D 320 32.77 27.07 44.10
CA TYR D 320 33.40 25.92 44.73
C TYR D 320 32.48 24.71 44.50
N PRO D 321 32.48 24.16 43.27
CA PRO D 321 31.41 23.19 42.99
C PRO D 321 31.50 21.89 43.79
N GLN D 322 32.70 21.39 44.07
CA GLN D 322 32.81 20.19 44.92
C GLN D 322 32.13 20.43 46.29
N LYS D 323 32.44 21.56 46.89
CA LYS D 323 31.89 21.92 48.20
C LYS D 323 30.40 22.15 48.11
N ALA D 324 29.93 22.78 47.03
CA ALA D 324 28.48 22.90 46.84
C ALA D 324 27.80 21.52 46.77
N ALA D 325 28.34 20.62 45.96
CA ALA D 325 27.79 19.27 45.85
C ALA D 325 27.77 18.56 47.20
N GLN D 326 28.85 18.67 47.96
CA GLN D 326 28.92 18.02 49.27
C GLN D 326 27.83 18.56 50.19
N MET D 327 27.57 19.86 50.11
CA MET D 327 26.58 20.43 50.99
C MET D 327 25.18 19.95 50.65
N TYR D 328 24.87 19.83 49.36
CA TYR D 328 23.57 19.30 49.02
C TYR D 328 23.50 17.82 49.40
N TYR D 329 24.59 17.11 49.18
CA TYR D 329 24.70 15.71 49.57
C TYR D 329 24.44 15.59 51.07
N ASP D 330 25.12 16.43 51.86
CA ASP D 330 24.94 16.36 53.31
C ASP D 330 23.53 16.72 53.76
N GLN D 331 22.95 17.74 53.14
CA GLN D 331 21.60 18.18 53.49
C GLN D 331 20.59 17.09 53.14
N ILE D 332 20.73 16.53 51.94
CA ILE D 332 19.81 15.49 51.51
C ILE D 332 19.87 14.30 52.46
N ASN D 333 21.08 13.91 52.84
CA ASN D 333 21.21 12.72 53.68
C ASN D 333 20.62 12.91 55.07
N ALA D 334 20.71 14.12 55.61
CA ALA D 334 20.08 14.43 56.90
C ALA D 334 18.56 14.24 56.80
N ILE D 335 17.95 14.72 55.71
CA ILE D 335 16.50 14.56 55.47
C ILE D 335 16.11 13.10 55.25
N LEU D 336 16.94 12.35 54.54
CA LEU D 336 16.64 10.93 54.34
C LEU D 336 16.67 10.22 55.70
N LYS D 337 17.55 10.67 56.58
CA LYS D 337 17.67 10.09 57.91
C LYS D 337 16.41 10.34 58.74
N GLN D 338 15.91 11.59 58.75
CA GLN D 338 14.71 11.91 59.50
C GLN D 338 13.46 11.15 59.02
N ASN D 339 13.40 10.87 57.73
CA ASN D 339 12.25 10.16 57.15
C ASN D 339 12.25 8.65 57.37
N MET D 340 13.43 8.05 57.53
CA MET D 340 13.49 6.64 57.91
C MET D 340 13.38 6.50 59.42
P FNU E . -22.73 -31.27 -26.81
N1 FNU E . -18.46 -29.75 -21.84
C2 FNU E . -18.16 -30.95 -22.35
N2 FNU E . -17.38 -31.83 -21.71
O2 FNU E . -18.63 -31.34 -23.54
N3 FNU E . -18.42 -28.27 -20.06
C4 FNU E . -16.88 -31.50 -20.49
O4 FNU E . -16.13 -32.43 -19.89
C5 FNU E . -17.19 -30.28 -19.88
C6 FNU E . -18.01 -29.44 -20.60
C1' FNU E . -19.35 -28.79 -22.52
O1P FNU E . -23.99 -31.92 -26.25
C2' FNU E . -18.94 -28.44 -23.99
O2' FNU E . -18.03 -27.35 -24.11
F24 FNU E . -16.66 -29.95 -18.68
O2P FNU E . -21.56 -32.19 -26.92
C3' FNU E . -20.28 -28.09 -24.61
O3' FNU E . -20.64 -26.76 -24.26
O3P FNU E . -22.99 -30.42 -28.06
C4' FNU E . -21.23 -29.06 -23.93
O4' FNU E . -20.67 -29.34 -22.62
C5' FNU E . -21.33 -30.35 -24.74
O5' FNU E . -22.28 -30.09 -25.78
P FNU F . -1.08 -7.29 -11.66
N1 FNU F . -2.21 -13.66 -13.40
C2 FNU F . -1.81 -13.60 -12.12
N2 FNU F . -1.35 -14.68 -11.43
O2 FNU F . -1.81 -12.44 -11.46
N3 FNU F . -2.38 -14.90 -15.33
C4 FNU F . -1.27 -15.85 -12.08
O4 FNU F . -0.82 -16.90 -11.37
C5 FNU F . -1.64 -16.00 -13.40
C6 FNU F . -2.12 -14.86 -14.03
C1' FNU F . -2.70 -12.50 -14.15
O1P FNU F . 0.32 -6.91 -12.02
C2' FNU F . -3.84 -11.71 -13.45
O2' FNU F . -5.15 -12.16 -13.76
F24 FNU F . -1.61 -17.22 -14.03
O2P FNU F . -1.16 -8.07 -10.36
C3' FNU F . -3.62 -10.29 -13.97
O3' FNU F . -4.10 -10.24 -15.33
O3P FNU F . -2.04 -6.14 -11.74
C4' FNU F . -2.10 -10.22 -14.04
O4' FNU F . -1.65 -11.58 -14.27
C5' FNU F . -1.41 -9.68 -12.79
O5' FNU F . -1.58 -8.27 -12.84
S SO4 G . -8.82 -27.50 -37.88
O1 SO4 G . -8.60 -26.87 -39.21
O2 SO4 G . -9.97 -26.83 -37.26
O3 SO4 G . -9.15 -28.91 -38.08
O4 SO4 G . -7.56 -27.40 -37.11
C1 PGE H . 6.39 4.25 -7.39
O1 PGE H . 5.64 4.12 -6.17
C2 PGE H . 5.92 5.48 -8.16
O2 PGE H . 6.80 5.78 -9.25
C3 PGE H . 6.27 6.72 -10.19
C4 PGE H . 6.69 8.13 -9.82
O4 PGE H . 3.56 10.09 -6.89
C6 PGE H . 4.30 10.25 -8.10
C5 PGE H . 4.86 8.90 -8.50
O3 PGE H . 5.61 9.05 -9.69
C1 PEG I . -7.13 -15.90 -5.46
O1 PEG I . -7.55 -16.44 -4.16
C2 PEG I . -5.76 -15.20 -5.59
O2 PEG I . -5.57 -13.83 -5.28
C3 PEG I . -4.38 -13.25 -4.72
C4 PEG I . -3.26 -12.98 -5.74
O4 PEG I . -1.93 -12.84 -5.19
O1 P6G J . 13.84 -36.65 -12.73
C2 P6G J . 12.63 -36.41 -11.97
C3 P6G J . 12.42 -34.91 -12.00
O4 P6G J . 12.29 -34.50 -13.36
C5 P6G J . 11.84 -33.15 -13.46
C6 P6G J . 11.32 -32.92 -14.88
O7 P6G J . 12.43 -33.06 -15.77
C8 P6G J . 12.12 -32.75 -17.12
C9 P6G J . 13.45 -32.73 -17.87
O10 P6G J . 13.84 -34.11 -18.01
C11 P6G J . 14.78 -34.31 -19.06
C12 P6G J . 16.11 -33.69 -18.66
O13 P6G J . 16.50 -34.19 -17.38
C14 P6G J . 17.76 -33.68 -16.93
C15 P6G J . 17.58 -32.43 -16.09
O16 P6G J . 18.85 -32.04 -15.55
C17 P6G J . 18.70 -30.95 -14.62
C18 P6G J . 20.05 -30.41 -14.17
O19 P6G J . 20.86 -31.42 -13.52
P FNU K . 5.54 12.12 6.57
N1 FNU K . 4.40 15.20 12.42
C2 FNU K . 3.46 14.28 12.18
N2 FNU K . 2.31 14.24 12.84
O2 FNU K . 3.64 13.34 11.27
N3 FNU K . 5.03 17.15 13.50
C4 FNU K . 2.06 15.16 13.78
O4 FNU K . 0.88 15.11 14.39
C5 FNU K . 2.96 16.19 14.03
C6 FNU K . 4.13 16.17 13.31
C1' FNU K . 5.65 15.25 11.66
O1P FNU K . 4.87 12.91 5.49
C2' FNU K . 6.48 13.94 11.65
O2' FNU K . 7.37 13.86 12.75
F24 FNU K . 2.73 17.13 14.98
O2P FNU K . 4.55 11.30 7.33
C3' FNU K . 7.21 14.10 10.33
O3' FNU K . 8.35 14.98 10.43
O3P FNU K . 6.80 11.40 6.14
C4' FNU K . 6.17 14.73 9.44
O4' FNU K . 5.37 15.60 10.30
C5' FNU K . 5.29 13.68 8.73
O5' FNU K . 6.08 13.24 7.63
O1 P6G L . -17.49 27.52 27.83
C2 P6G L . -17.69 26.89 26.55
C3 P6G L . -17.40 27.85 25.39
O4 P6G L . -17.50 27.16 24.16
C5 P6G L . -17.65 28.04 23.05
C6 P6G L . -16.75 27.54 21.93
O7 P6G L . -15.52 28.25 21.99
C8 P6G L . -14.52 27.61 21.18
C9 P6G L . -13.26 28.48 21.05
O10 P6G L . -13.66 29.72 20.47
C11 P6G L . -12.60 30.67 20.33
C12 P6G L . -13.11 31.83 19.47
O13 P6G L . -13.71 32.86 20.27
C14 P6G L . -14.45 33.77 19.41
C15 P6G L . -15.91 33.29 19.37
O16 P6G L . -16.68 33.48 18.18
C17 P6G L . -16.82 32.26 17.43
C18 P6G L . -17.97 32.33 16.44
O19 P6G L . -17.98 31.15 15.62
P FNU M . 18.55 24.03 37.53
N1 FNU M . 13.58 21.04 34.24
C2 FNU M . 13.08 21.99 35.06
N2 FNU M . 11.78 22.06 35.41
O2 FNU M . 13.89 22.91 35.52
N3 FNU M . 13.21 19.06 33.08
C4 FNU M . 10.94 21.13 34.93
O4 FNU M . 9.66 21.18 35.27
C5 FNU M . 11.39 20.10 34.11
C6 FNU M . 12.74 20.08 33.80
C1' FNU M . 15.01 20.98 33.88
O1P FNU M . 18.85 23.23 38.79
C2' FNU M . 15.63 22.27 33.31
O2' FNU M . 15.47 22.36 31.88
F24 FNU M . 10.52 19.17 33.67
O2P FNU M . 17.36 24.95 37.68
C3' FNU M . 17.07 22.12 33.69
O3' FNU M . 17.71 21.20 32.77
O3P FNU M . 19.77 24.70 37.00
C4' FNU M . 16.96 21.46 35.06
O4' FNU M . 15.78 20.66 35.03
C5' FNU M . 16.89 22.44 36.22
O5' FNU M . 18.20 22.94 36.40
#